data_5UEQ
# 
_entry.id   5UEQ 
# 
_audit_conform.dict_name       mmcif_pdbx.dic 
_audit_conform.dict_version    5.389 
_audit_conform.dict_location   http://mmcif.pdb.org/dictionaries/ascii/mmcif_pdbx.dic 
# 
loop_
_database_2.database_id 
_database_2.database_code 
_database_2.pdbx_database_accession 
_database_2.pdbx_DOI 
PDB   5UEQ         pdb_00005ueq 10.2210/pdb5ueq/pdb 
WWPDB D_1000224357 ?            ?                   
# 
loop_
_pdbx_audit_revision_history.ordinal 
_pdbx_audit_revision_history.data_content_type 
_pdbx_audit_revision_history.major_revision 
_pdbx_audit_revision_history.minor_revision 
_pdbx_audit_revision_history.revision_date 
1 'Structure model' 1 0 2017-06-14 
2 'Structure model' 1 1 2024-03-06 
3 'Structure model' 1 2 2024-04-03 
# 
_pdbx_audit_revision_details.ordinal             1 
_pdbx_audit_revision_details.revision_ordinal    1 
_pdbx_audit_revision_details.data_content_type   'Structure model' 
_pdbx_audit_revision_details.provider            repository 
_pdbx_audit_revision_details.type                'Initial release' 
_pdbx_audit_revision_details.description         ? 
_pdbx_audit_revision_details.details             ? 
# 
loop_
_pdbx_audit_revision_group.ordinal 
_pdbx_audit_revision_group.revision_ordinal 
_pdbx_audit_revision_group.data_content_type 
_pdbx_audit_revision_group.group 
1 2 'Structure model' 'Data collection'        
2 2 'Structure model' 'Database references'    
3 3 'Structure model' 'Refinement description' 
# 
loop_
_pdbx_audit_revision_category.ordinal 
_pdbx_audit_revision_category.revision_ordinal 
_pdbx_audit_revision_category.data_content_type 
_pdbx_audit_revision_category.category 
1 2 'Structure model' chem_comp_atom                
2 2 'Structure model' chem_comp_bond                
3 2 'Structure model' database_2                    
4 3 'Structure model' pdbx_initial_refinement_model 
# 
loop_
_pdbx_audit_revision_item.ordinal 
_pdbx_audit_revision_item.revision_ordinal 
_pdbx_audit_revision_item.data_content_type 
_pdbx_audit_revision_item.item 
1 2 'Structure model' '_database_2.pdbx_DOI'                
2 2 'Structure model' '_database_2.pdbx_database_accession' 
# 
_pdbx_database_status.status_code                     REL 
_pdbx_database_status.status_code_sf                  REL 
_pdbx_database_status.status_code_mr                  ? 
_pdbx_database_status.entry_id                        5UEQ 
_pdbx_database_status.recvd_initial_deposition_date   2017-01-03 
_pdbx_database_status.SG_entry                        N 
_pdbx_database_status.deposit_site                    RCSB 
_pdbx_database_status.process_site                    RCSB 
_pdbx_database_status.status_code_cs                  ? 
_pdbx_database_status.methods_development_category    ? 
_pdbx_database_status.pdb_format_compatible           Y 
_pdbx_database_status.status_code_nmr_data            ? 
# 
loop_
_pdbx_database_related.content_type 
_pdbx_database_related.db_id 
_pdbx_database_related.db_name 
_pdbx_database_related.details 
unspecified 5UF0 PDB . 
unspecified 5UEZ PDB . 
unspecified 5UEY PDB . 
unspecified 5UEX PDB . 
unspecified 5UEV PDB . 
unspecified 5UEP PDB . 
unspecified 5UET PDB . 
unspecified 5UES PDB . 
unspecified 5UER PDB . 
unspecified 5UEU PDB . 
unspecified 5UEO PDB . 
unspecified 5UEW PDB . 
# 
_audit_author.name               'Park, C.H.' 
_audit_author.pdbx_ordinal       1 
_audit_author.identifier_ORCID   ? 
# 
_citation.abstract                  ? 
_citation.abstract_id_CAS           ? 
_citation.book_id_ISBN              ? 
_citation.book_publisher            ? 
_citation.book_publisher_city       ? 
_citation.book_title                ? 
_citation.coordinate_linkage        ? 
_citation.country                   ? 
_citation.database_id_Medline       ? 
_citation.details                   ? 
_citation.id                        primary 
_citation.journal_abbrev            'To Be Published' 
_citation.journal_id_ASTM           ? 
_citation.journal_id_CSD            0353 
_citation.journal_id_ISSN           ? 
_citation.journal_full              ? 
_citation.journal_issue             ? 
_citation.journal_volume            ? 
_citation.language                  ? 
_citation.page_first                ? 
_citation.page_last                 ? 
_citation.title                     'Complex structure of BRD4_BD2_A-1390146' 
_citation.year                      ? 
_citation.database_id_CSD           ? 
_citation.pdbx_database_id_DOI      ? 
_citation.pdbx_database_id_PubMed   ? 
_citation.unpublished_flag          ? 
# 
_citation_author.citation_id        primary 
_citation_author.name               'Park, C.H.' 
_citation_author.ordinal            1 
_citation_author.identifier_ORCID   ? 
# 
loop_
_entity.id 
_entity.type 
_entity.src_method 
_entity.pdbx_description 
_entity.formula_weight 
_entity.pdbx_number_of_molecules 
_entity.pdbx_ec 
_entity.pdbx_mutation 
_entity.pdbx_fragment 
_entity.details 
1 polymer     man 'Bromodomain-containing protein 4'                                                                    12806.933 
1   ? ? 'residues 352-457' ? 
2 non-polymer syn 'N-[3-(7-methyl-1-oxo-2,6-dihydro-1H-pyrrolo[3,4-d]pyridazin-5-yl)-4-phenoxyphenyl]ethanesulfonamide' 424.473   
1   ? ? ?                  ? 
3 water       nat water                                                                                                 18.015    
225 ? ? ?                  ? 
# 
_entity_name_com.entity_id   1 
_entity_name_com.name        'Protein HUNK1' 
# 
_entity_poly.entity_id                      1 
_entity_poly.type                           'polypeptide(L)' 
_entity_poly.nstd_linkage                   no 
_entity_poly.nstd_monomer                   no 
_entity_poly.pdbx_seq_one_letter_code       
;SHMEQLKCCSGILKEMFAKKHAAYAWPFYKPVDVEALGLHDYCDIIKHPMDMSTIKSKLEAREYRDAQEFGADVRLMFSN
CYKYNPPDHEVVAMARKLQDVFEMRFAKM
;
_entity_poly.pdbx_seq_one_letter_code_can   
;SHMEQLKCCSGILKEMFAKKHAAYAWPFYKPVDVEALGLHDYCDIIKHPMDMSTIKSKLEAREYRDAQEFGADVRLMFSN
CYKYNPPDHEVVAMARKLQDVFEMRFAKM
;
_entity_poly.pdbx_strand_id                 A 
_entity_poly.pdbx_target_identifier         ? 
# 
loop_
_pdbx_entity_nonpoly.entity_id 
_pdbx_entity_nonpoly.name 
_pdbx_entity_nonpoly.comp_id 
2 'N-[3-(7-methyl-1-oxo-2,6-dihydro-1H-pyrrolo[3,4-d]pyridazin-5-yl)-4-phenoxyphenyl]ethanesulfonamide' 87M 
3 water                                                                                                 HOH 
# 
loop_
_entity_poly_seq.entity_id 
_entity_poly_seq.num 
_entity_poly_seq.mon_id 
_entity_poly_seq.hetero 
1 1   SER n 
1 2   HIS n 
1 3   MET n 
1 4   GLU n 
1 5   GLN n 
1 6   LEU n 
1 7   LYS n 
1 8   CYS n 
1 9   CYS n 
1 10  SER n 
1 11  GLY n 
1 12  ILE n 
1 13  LEU n 
1 14  LYS n 
1 15  GLU n 
1 16  MET n 
1 17  PHE n 
1 18  ALA n 
1 19  LYS n 
1 20  LYS n 
1 21  HIS n 
1 22  ALA n 
1 23  ALA n 
1 24  TYR n 
1 25  ALA n 
1 26  TRP n 
1 27  PRO n 
1 28  PHE n 
1 29  TYR n 
1 30  LYS n 
1 31  PRO n 
1 32  VAL n 
1 33  ASP n 
1 34  VAL n 
1 35  GLU n 
1 36  ALA n 
1 37  LEU n 
1 38  GLY n 
1 39  LEU n 
1 40  HIS n 
1 41  ASP n 
1 42  TYR n 
1 43  CYS n 
1 44  ASP n 
1 45  ILE n 
1 46  ILE n 
1 47  LYS n 
1 48  HIS n 
1 49  PRO n 
1 50  MET n 
1 51  ASP n 
1 52  MET n 
1 53  SER n 
1 54  THR n 
1 55  ILE n 
1 56  LYS n 
1 57  SER n 
1 58  LYS n 
1 59  LEU n 
1 60  GLU n 
1 61  ALA n 
1 62  ARG n 
1 63  GLU n 
1 64  TYR n 
1 65  ARG n 
1 66  ASP n 
1 67  ALA n 
1 68  GLN n 
1 69  GLU n 
1 70  PHE n 
1 71  GLY n 
1 72  ALA n 
1 73  ASP n 
1 74  VAL n 
1 75  ARG n 
1 76  LEU n 
1 77  MET n 
1 78  PHE n 
1 79  SER n 
1 80  ASN n 
1 81  CYS n 
1 82  TYR n 
1 83  LYS n 
1 84  TYR n 
1 85  ASN n 
1 86  PRO n 
1 87  PRO n 
1 88  ASP n 
1 89  HIS n 
1 90  GLU n 
1 91  VAL n 
1 92  VAL n 
1 93  ALA n 
1 94  MET n 
1 95  ALA n 
1 96  ARG n 
1 97  LYS n 
1 98  LEU n 
1 99  GLN n 
1 100 ASP n 
1 101 VAL n 
1 102 PHE n 
1 103 GLU n 
1 104 MET n 
1 105 ARG n 
1 106 PHE n 
1 107 ALA n 
1 108 LYS n 
1 109 MET n 
# 
_entity_src_gen.entity_id                          1 
_entity_src_gen.pdbx_src_id                        1 
_entity_src_gen.pdbx_alt_source_flag               sample 
_entity_src_gen.pdbx_seq_type                      'Biological sequence' 
_entity_src_gen.pdbx_beg_seq_num                   1 
_entity_src_gen.pdbx_end_seq_num                   109 
_entity_src_gen.gene_src_common_name               Human 
_entity_src_gen.gene_src_genus                     ? 
_entity_src_gen.pdbx_gene_src_gene                 'BRD4, HUNK1' 
_entity_src_gen.gene_src_species                   ? 
_entity_src_gen.gene_src_strain                    ? 
_entity_src_gen.gene_src_tissue                    ? 
_entity_src_gen.gene_src_tissue_fraction           ? 
_entity_src_gen.gene_src_details                   ? 
_entity_src_gen.pdbx_gene_src_fragment             ? 
_entity_src_gen.pdbx_gene_src_scientific_name      'Homo sapiens' 
_entity_src_gen.pdbx_gene_src_ncbi_taxonomy_id     9606 
_entity_src_gen.pdbx_gene_src_variant              ? 
_entity_src_gen.pdbx_gene_src_cell_line            ? 
_entity_src_gen.pdbx_gene_src_atcc                 ? 
_entity_src_gen.pdbx_gene_src_organ                ? 
_entity_src_gen.pdbx_gene_src_organelle            ? 
_entity_src_gen.pdbx_gene_src_cell                 ? 
_entity_src_gen.pdbx_gene_src_cellular_location    ? 
_entity_src_gen.host_org_common_name               ? 
_entity_src_gen.pdbx_host_org_scientific_name      'Enterobacteria phage L1' 
_entity_src_gen.pdbx_host_org_ncbi_taxonomy_id     268588 
_entity_src_gen.host_org_genus                     ? 
_entity_src_gen.pdbx_host_org_gene                 ? 
_entity_src_gen.pdbx_host_org_organ                ? 
_entity_src_gen.host_org_species                   ? 
_entity_src_gen.pdbx_host_org_tissue               ? 
_entity_src_gen.pdbx_host_org_tissue_fraction      ? 
_entity_src_gen.pdbx_host_org_strain               ? 
_entity_src_gen.pdbx_host_org_variant              ? 
_entity_src_gen.pdbx_host_org_cell_line            ? 
_entity_src_gen.pdbx_host_org_atcc                 ? 
_entity_src_gen.pdbx_host_org_culture_collection   ? 
_entity_src_gen.pdbx_host_org_cell                 ? 
_entity_src_gen.pdbx_host_org_organelle            ? 
_entity_src_gen.pdbx_host_org_cellular_location    ? 
_entity_src_gen.pdbx_host_org_vector_type          ? 
_entity_src_gen.pdbx_host_org_vector               ? 
_entity_src_gen.host_org_details                   ? 
_entity_src_gen.expression_system_id               ? 
_entity_src_gen.plasmid_name                       ? 
_entity_src_gen.plasmid_details                    ? 
_entity_src_gen.pdbx_description                   ? 
# 
loop_
_chem_comp.id 
_chem_comp.type 
_chem_comp.mon_nstd_flag 
_chem_comp.name 
_chem_comp.pdbx_synonyms 
_chem_comp.formula 
_chem_comp.formula_weight 
87M non-polymer         . 'N-[3-(7-methyl-1-oxo-2,6-dihydro-1H-pyrrolo[3,4-d]pyridazin-5-yl)-4-phenoxyphenyl]ethanesulfonamide' ? 
'C21 H20 N4 O4 S' 424.473 
ALA 'L-peptide linking' y ALANINE                                                                                               ? 
'C3 H7 N O2'      89.093  
ARG 'L-peptide linking' y ARGININE                                                                                              ? 
'C6 H15 N4 O2 1'  175.209 
ASN 'L-peptide linking' y ASPARAGINE                                                                                            ? 
'C4 H8 N2 O3'     132.118 
ASP 'L-peptide linking' y 'ASPARTIC ACID'                                                                                       ? 
'C4 H7 N O4'      133.103 
CYS 'L-peptide linking' y CYSTEINE                                                                                              ? 
'C3 H7 N O2 S'    121.158 
GLN 'L-peptide linking' y GLUTAMINE                                                                                             ? 
'C5 H10 N2 O3'    146.144 
GLU 'L-peptide linking' y 'GLUTAMIC ACID'                                                                                       ? 
'C5 H9 N O4'      147.129 
GLY 'peptide linking'   y GLYCINE                                                                                               ? 
'C2 H5 N O2'      75.067  
HIS 'L-peptide linking' y HISTIDINE                                                                                             ? 
'C6 H10 N3 O2 1'  156.162 
HOH non-polymer         . WATER                                                                                                 ? 
'H2 O'            18.015  
ILE 'L-peptide linking' y ISOLEUCINE                                                                                            ? 
'C6 H13 N O2'     131.173 
LEU 'L-peptide linking' y LEUCINE                                                                                               ? 
'C6 H13 N O2'     131.173 
LYS 'L-peptide linking' y LYSINE                                                                                                ? 
'C6 H15 N2 O2 1'  147.195 
MET 'L-peptide linking' y METHIONINE                                                                                            ? 
'C5 H11 N O2 S'   149.211 
PHE 'L-peptide linking' y PHENYLALANINE                                                                                         ? 
'C9 H11 N O2'     165.189 
PRO 'L-peptide linking' y PROLINE                                                                                               ? 
'C5 H9 N O2'      115.130 
SER 'L-peptide linking' y SERINE                                                                                                ? 
'C3 H7 N O3'      105.093 
THR 'L-peptide linking' y THREONINE                                                                                             ? 
'C4 H9 N O3'      119.119 
TRP 'L-peptide linking' y TRYPTOPHAN                                                                                            ? 
'C11 H12 N2 O2'   204.225 
TYR 'L-peptide linking' y TYROSINE                                                                                              ? 
'C9 H11 N O3'     181.189 
VAL 'L-peptide linking' y VALINE                                                                                                ? 
'C5 H11 N O2'     117.146 
# 
loop_
_pdbx_poly_seq_scheme.asym_id 
_pdbx_poly_seq_scheme.entity_id 
_pdbx_poly_seq_scheme.seq_id 
_pdbx_poly_seq_scheme.mon_id 
_pdbx_poly_seq_scheme.ndb_seq_num 
_pdbx_poly_seq_scheme.pdb_seq_num 
_pdbx_poly_seq_scheme.auth_seq_num 
_pdbx_poly_seq_scheme.pdb_mon_id 
_pdbx_poly_seq_scheme.auth_mon_id 
_pdbx_poly_seq_scheme.pdb_strand_id 
_pdbx_poly_seq_scheme.pdb_ins_code 
_pdbx_poly_seq_scheme.hetero 
A 1 1   SER 1   349 ?   ?   ?   A . n 
A 1 2   HIS 2   350 ?   ?   ?   A . n 
A 1 3   MET 3   351 351 MET MET A . n 
A 1 4   GLU 4   352 352 GLU GLU A . n 
A 1 5   GLN 5   353 353 GLN GLN A . n 
A 1 6   LEU 6   354 354 LEU LEU A . n 
A 1 7   LYS 7   355 355 LYS LYS A . n 
A 1 8   CYS 8   356 356 CYS CYS A . n 
A 1 9   CYS 9   357 357 CYS CYS A . n 
A 1 10  SER 10  358 358 SER SER A . n 
A 1 11  GLY 11  359 359 GLY GLY A . n 
A 1 12  ILE 12  360 360 ILE ILE A . n 
A 1 13  LEU 13  361 361 LEU LEU A . n 
A 1 14  LYS 14  362 362 LYS LYS A . n 
A 1 15  GLU 15  363 363 GLU GLU A . n 
A 1 16  MET 16  364 364 MET MET A . n 
A 1 17  PHE 17  365 365 PHE PHE A . n 
A 1 18  ALA 18  366 366 ALA ALA A . n 
A 1 19  LYS 19  367 367 LYS LYS A . n 
A 1 20  LYS 20  368 368 LYS LYS A . n 
A 1 21  HIS 21  369 369 HIS HIS A . n 
A 1 22  ALA 22  370 370 ALA ALA A . n 
A 1 23  ALA 23  371 371 ALA ALA A . n 
A 1 24  TYR 24  372 372 TYR TYR A . n 
A 1 25  ALA 25  373 373 ALA ALA A . n 
A 1 26  TRP 26  374 374 TRP TRP A . n 
A 1 27  PRO 27  375 375 PRO PRO A . n 
A 1 28  PHE 28  376 376 PHE PHE A . n 
A 1 29  TYR 29  377 377 TYR TYR A . n 
A 1 30  LYS 30  378 378 LYS LYS A . n 
A 1 31  PRO 31  379 379 PRO PRO A . n 
A 1 32  VAL 32  380 380 VAL VAL A . n 
A 1 33  ASP 33  381 381 ASP ASP A . n 
A 1 34  VAL 34  382 382 VAL VAL A . n 
A 1 35  GLU 35  383 383 GLU GLU A . n 
A 1 36  ALA 36  384 384 ALA ALA A . n 
A 1 37  LEU 37  385 385 LEU LEU A . n 
A 1 38  GLY 38  386 386 GLY GLY A . n 
A 1 39  LEU 39  387 387 LEU LEU A . n 
A 1 40  HIS 40  388 388 HIS HIS A . n 
A 1 41  ASP 41  389 389 ASP ASP A . n 
A 1 42  TYR 42  390 390 TYR TYR A . n 
A 1 43  CYS 43  391 391 CYS CYS A . n 
A 1 44  ASP 44  392 392 ASP ASP A . n 
A 1 45  ILE 45  393 393 ILE ILE A . n 
A 1 46  ILE 46  394 394 ILE ILE A . n 
A 1 47  LYS 47  395 395 LYS LYS A . n 
A 1 48  HIS 48  396 396 HIS HIS A . n 
A 1 49  PRO 49  397 397 PRO PRO A . n 
A 1 50  MET 50  398 398 MET MET A . n 
A 1 51  ASP 51  399 399 ASP ASP A . n 
A 1 52  MET 52  400 400 MET MET A . n 
A 1 53  SER 53  401 401 SER SER A . n 
A 1 54  THR 54  402 402 THR THR A . n 
A 1 55  ILE 55  403 403 ILE ILE A . n 
A 1 56  LYS 56  404 404 LYS LYS A . n 
A 1 57  SER 57  405 405 SER SER A . n 
A 1 58  LYS 58  406 406 LYS LYS A . n 
A 1 59  LEU 59  407 407 LEU LEU A . n 
A 1 60  GLU 60  408 408 GLU GLU A . n 
A 1 61  ALA 61  409 409 ALA ALA A . n 
A 1 62  ARG 62  410 410 ARG ARG A . n 
A 1 63  GLU 63  411 411 GLU GLU A . n 
A 1 64  TYR 64  412 412 TYR TYR A . n 
A 1 65  ARG 65  413 413 ARG ARG A . n 
A 1 66  ASP 66  414 414 ASP ASP A . n 
A 1 67  ALA 67  415 415 ALA ALA A . n 
A 1 68  GLN 68  416 416 GLN GLN A . n 
A 1 69  GLU 69  417 417 GLU GLU A . n 
A 1 70  PHE 70  418 418 PHE PHE A . n 
A 1 71  GLY 71  419 419 GLY GLY A . n 
A 1 72  ALA 72  420 420 ALA ALA A . n 
A 1 73  ASP 73  421 421 ASP ASP A . n 
A 1 74  VAL 74  422 422 VAL VAL A . n 
A 1 75  ARG 75  423 423 ARG ARG A . n 
A 1 76  LEU 76  424 424 LEU LEU A . n 
A 1 77  MET 77  425 425 MET MET A . n 
A 1 78  PHE 78  426 426 PHE PHE A . n 
A 1 79  SER 79  427 427 SER SER A . n 
A 1 80  ASN 80  428 428 ASN ASN A . n 
A 1 81  CYS 81  429 429 CYS CYS A . n 
A 1 82  TYR 82  430 430 TYR TYR A . n 
A 1 83  LYS 83  431 431 LYS LYS A . n 
A 1 84  TYR 84  432 432 TYR TYR A . n 
A 1 85  ASN 85  433 433 ASN ASN A . n 
A 1 86  PRO 86  434 434 PRO PRO A . n 
A 1 87  PRO 87  435 435 PRO PRO A . n 
A 1 88  ASP 88  436 436 ASP ASP A . n 
A 1 89  HIS 89  437 437 HIS HIS A . n 
A 1 90  GLU 90  438 438 GLU GLU A . n 
A 1 91  VAL 91  439 439 VAL VAL A . n 
A 1 92  VAL 92  440 440 VAL VAL A . n 
A 1 93  ALA 93  441 441 ALA ALA A . n 
A 1 94  MET 94  442 442 MET MET A . n 
A 1 95  ALA 95  443 443 ALA ALA A . n 
A 1 96  ARG 96  444 444 ARG ARG A . n 
A 1 97  LYS 97  445 445 LYS LYS A . n 
A 1 98  LEU 98  446 446 LEU LEU A . n 
A 1 99  GLN 99  447 447 GLN GLN A . n 
A 1 100 ASP 100 448 448 ASP ASP A . n 
A 1 101 VAL 101 449 449 VAL VAL A . n 
A 1 102 PHE 102 450 450 PHE PHE A . n 
A 1 103 GLU 103 451 451 GLU GLU A . n 
A 1 104 MET 104 452 452 MET MET A . n 
A 1 105 ARG 105 453 453 ARG ARG A . n 
A 1 106 PHE 106 454 454 PHE PHE A . n 
A 1 107 ALA 107 455 455 ALA ALA A . n 
A 1 108 LYS 108 456 456 LYS LYS A . n 
A 1 109 MET 109 457 457 MET MET A . n 
# 
loop_
_pdbx_nonpoly_scheme.asym_id 
_pdbx_nonpoly_scheme.entity_id 
_pdbx_nonpoly_scheme.mon_id 
_pdbx_nonpoly_scheme.ndb_seq_num 
_pdbx_nonpoly_scheme.pdb_seq_num 
_pdbx_nonpoly_scheme.auth_seq_num 
_pdbx_nonpoly_scheme.pdb_mon_id 
_pdbx_nonpoly_scheme.auth_mon_id 
_pdbx_nonpoly_scheme.pdb_strand_id 
_pdbx_nonpoly_scheme.pdb_ins_code 
B 2 87M 1   501 1   87M LIG A . 
C 3 HOH 1   601 30  HOH HOH A . 
C 3 HOH 2   602 119 HOH HOH A . 
C 3 HOH 3   603 114 HOH HOH A . 
C 3 HOH 4   604 118 HOH HOH A . 
C 3 HOH 5   605 7   HOH HOH A . 
C 3 HOH 6   606 8   HOH HOH A . 
C 3 HOH 7   607 215 HOH HOH A . 
C 3 HOH 8   608 128 HOH HOH A . 
C 3 HOH 9   609 32  HOH HOH A . 
C 3 HOH 10  610 33  HOH HOH A . 
C 3 HOH 11  611 10  HOH HOH A . 
C 3 HOH 12  612 169 HOH HOH A . 
C 3 HOH 13  613 47  HOH HOH A . 
C 3 HOH 14  614 39  HOH HOH A . 
C 3 HOH 15  615 19  HOH HOH A . 
C 3 HOH 16  616 71  HOH HOH A . 
C 3 HOH 17  617 44  HOH HOH A . 
C 3 HOH 18  618 62  HOH HOH A . 
C 3 HOH 19  619 120 HOH HOH A . 
C 3 HOH 20  620 126 HOH HOH A . 
C 3 HOH 21  621 153 HOH HOH A . 
C 3 HOH 22  622 51  HOH HOH A . 
C 3 HOH 23  623 49  HOH HOH A . 
C 3 HOH 24  624 25  HOH HOH A . 
C 3 HOH 25  625 12  HOH HOH A . 
C 3 HOH 26  626 21  HOH HOH A . 
C 3 HOH 27  627 43  HOH HOH A . 
C 3 HOH 28  628 81  HOH HOH A . 
C 3 HOH 29  629 2   HOH HOH A . 
C 3 HOH 30  630 86  HOH HOH A . 
C 3 HOH 31  631 14  HOH HOH A . 
C 3 HOH 32  632 204 HOH HOH A . 
C 3 HOH 33  633 208 HOH HOH A . 
C 3 HOH 34  634 54  HOH HOH A . 
C 3 HOH 35  635 105 HOH HOH A . 
C 3 HOH 36  636 50  HOH HOH A . 
C 3 HOH 37  637 138 HOH HOH A . 
C 3 HOH 38  638 56  HOH HOH A . 
C 3 HOH 39  639 20  HOH HOH A . 
C 3 HOH 40  640 181 HOH HOH A . 
C 3 HOH 41  641 191 HOH HOH A . 
C 3 HOH 42  642 31  HOH HOH A . 
C 3 HOH 43  643 16  HOH HOH A . 
C 3 HOH 44  644 40  HOH HOH A . 
C 3 HOH 45  645 82  HOH HOH A . 
C 3 HOH 46  646 135 HOH HOH A . 
C 3 HOH 47  647 15  HOH HOH A . 
C 3 HOH 48  648 91  HOH HOH A . 
C 3 HOH 49  649 205 HOH HOH A . 
C 3 HOH 50  650 34  HOH HOH A . 
C 3 HOH 51  651 5   HOH HOH A . 
C 3 HOH 52  652 66  HOH HOH A . 
C 3 HOH 53  653 136 HOH HOH A . 
C 3 HOH 54  654 216 HOH HOH A . 
C 3 HOH 55  655 37  HOH HOH A . 
C 3 HOH 56  656 42  HOH HOH A . 
C 3 HOH 57  657 85  HOH HOH A . 
C 3 HOH 58  658 194 HOH HOH A . 
C 3 HOH 59  659 55  HOH HOH A . 
C 3 HOH 60  660 122 HOH HOH A . 
C 3 HOH 61  661 3   HOH HOH A . 
C 3 HOH 62  662 143 HOH HOH A . 
C 3 HOH 63  663 22  HOH HOH A . 
C 3 HOH 64  664 35  HOH HOH A . 
C 3 HOH 65  665 145 HOH HOH A . 
C 3 HOH 66  666 121 HOH HOH A . 
C 3 HOH 67  667 178 HOH HOH A . 
C 3 HOH 68  668 38  HOH HOH A . 
C 3 HOH 69  669 58  HOH HOH A . 
C 3 HOH 70  670 160 HOH HOH A . 
C 3 HOH 71  671 100 HOH HOH A . 
C 3 HOH 72  672 79  HOH HOH A . 
C 3 HOH 73  673 104 HOH HOH A . 
C 3 HOH 74  674 41  HOH HOH A . 
C 3 HOH 75  675 13  HOH HOH A . 
C 3 HOH 76  676 28  HOH HOH A . 
C 3 HOH 77  677 123 HOH HOH A . 
C 3 HOH 78  678 45  HOH HOH A . 
C 3 HOH 79  679 64  HOH HOH A . 
C 3 HOH 80  680 61  HOH HOH A . 
C 3 HOH 81  681 89  HOH HOH A . 
C 3 HOH 82  682 6   HOH HOH A . 
C 3 HOH 83  683 65  HOH HOH A . 
C 3 HOH 84  684 171 HOH HOH A . 
C 3 HOH 85  685 23  HOH HOH A . 
C 3 HOH 86  686 53  HOH HOH A . 
C 3 HOH 87  687 80  HOH HOH A . 
C 3 HOH 88  688 155 HOH HOH A . 
C 3 HOH 89  689 26  HOH HOH A . 
C 3 HOH 90  690 130 HOH HOH A . 
C 3 HOH 91  691 95  HOH HOH A . 
C 3 HOH 92  692 59  HOH HOH A . 
C 3 HOH 93  693 212 HOH HOH A . 
C 3 HOH 94  694 1   HOH HOH A . 
C 3 HOH 95  695 140 HOH HOH A . 
C 3 HOH 96  696 77  HOH HOH A . 
C 3 HOH 97  697 179 HOH HOH A . 
C 3 HOH 98  698 57  HOH HOH A . 
C 3 HOH 99  699 192 HOH HOH A . 
C 3 HOH 100 700 150 HOH HOH A . 
C 3 HOH 101 701 180 HOH HOH A . 
C 3 HOH 102 702 193 HOH HOH A . 
C 3 HOH 103 703 9   HOH HOH A . 
C 3 HOH 104 704 99  HOH HOH A . 
C 3 HOH 105 705 96  HOH HOH A . 
C 3 HOH 106 706 189 HOH HOH A . 
C 3 HOH 107 707 36  HOH HOH A . 
C 3 HOH 108 708 106 HOH HOH A . 
C 3 HOH 109 709 74  HOH HOH A . 
C 3 HOH 110 710 76  HOH HOH A . 
C 3 HOH 111 711 190 HOH HOH A . 
C 3 HOH 112 712 154 HOH HOH A . 
C 3 HOH 113 713 60  HOH HOH A . 
C 3 HOH 114 714 217 HOH HOH A . 
C 3 HOH 115 715 68  HOH HOH A . 
C 3 HOH 116 716 127 HOH HOH A . 
C 3 HOH 117 717 67  HOH HOH A . 
C 3 HOH 118 718 167 HOH HOH A . 
C 3 HOH 119 719 4   HOH HOH A . 
C 3 HOH 120 720 172 HOH HOH A . 
C 3 HOH 121 721 48  HOH HOH A . 
C 3 HOH 122 722 184 HOH HOH A . 
C 3 HOH 123 723 97  HOH HOH A . 
C 3 HOH 124 724 73  HOH HOH A . 
C 3 HOH 125 725 93  HOH HOH A . 
C 3 HOH 126 726 162 HOH HOH A . 
C 3 HOH 127 727 146 HOH HOH A . 
C 3 HOH 128 728 195 HOH HOH A . 
C 3 HOH 129 729 152 HOH HOH A . 
C 3 HOH 130 730 107 HOH HOH A . 
C 3 HOH 131 731 222 HOH HOH A . 
C 3 HOH 132 732 139 HOH HOH A . 
C 3 HOH 133 733 148 HOH HOH A . 
C 3 HOH 134 734 129 HOH HOH A . 
C 3 HOH 135 735 214 HOH HOH A . 
C 3 HOH 136 736 141 HOH HOH A . 
C 3 HOH 137 737 69  HOH HOH A . 
C 3 HOH 138 738 170 HOH HOH A . 
C 3 HOH 139 739 124 HOH HOH A . 
C 3 HOH 140 740 223 HOH HOH A . 
C 3 HOH 141 741 27  HOH HOH A . 
C 3 HOH 142 742 137 HOH HOH A . 
C 3 HOH 143 743 103 HOH HOH A . 
C 3 HOH 144 744 144 HOH HOH A . 
C 3 HOH 145 745 175 HOH HOH A . 
C 3 HOH 146 746 176 HOH HOH A . 
C 3 HOH 147 747 156 HOH HOH A . 
C 3 HOH 148 748 201 HOH HOH A . 
C 3 HOH 149 749 84  HOH HOH A . 
C 3 HOH 150 750 224 HOH HOH A . 
C 3 HOH 151 751 142 HOH HOH A . 
C 3 HOH 152 752 83  HOH HOH A . 
C 3 HOH 153 753 101 HOH HOH A . 
C 3 HOH 154 754 174 HOH HOH A . 
C 3 HOH 155 755 94  HOH HOH A . 
C 3 HOH 156 756 113 HOH HOH A . 
C 3 HOH 157 757 186 HOH HOH A . 
C 3 HOH 158 758 75  HOH HOH A . 
C 3 HOH 159 759 18  HOH HOH A . 
C 3 HOH 160 760 197 HOH HOH A . 
C 3 HOH 161 761 163 HOH HOH A . 
C 3 HOH 162 762 219 HOH HOH A . 
C 3 HOH 163 763 88  HOH HOH A . 
C 3 HOH 164 764 11  HOH HOH A . 
C 3 HOH 165 765 202 HOH HOH A . 
C 3 HOH 166 766 199 HOH HOH A . 
C 3 HOH 167 767 182 HOH HOH A . 
C 3 HOH 168 768 149 HOH HOH A . 
C 3 HOH 169 769 112 HOH HOH A . 
C 3 HOH 170 770 159 HOH HOH A . 
C 3 HOH 171 771 151 HOH HOH A . 
C 3 HOH 172 772 102 HOH HOH A . 
C 3 HOH 173 773 221 HOH HOH A . 
C 3 HOH 174 774 188 HOH HOH A . 
C 3 HOH 175 775 164 HOH HOH A . 
C 3 HOH 176 776 168 HOH HOH A . 
C 3 HOH 177 777 98  HOH HOH A . 
C 3 HOH 178 778 72  HOH HOH A . 
C 3 HOH 179 779 110 HOH HOH A . 
C 3 HOH 180 780 211 HOH HOH A . 
C 3 HOH 181 781 213 HOH HOH A . 
C 3 HOH 182 782 185 HOH HOH A . 
C 3 HOH 183 783 52  HOH HOH A . 
C 3 HOH 184 784 147 HOH HOH A . 
C 3 HOH 185 785 203 HOH HOH A . 
C 3 HOH 186 786 29  HOH HOH A . 
C 3 HOH 187 787 173 HOH HOH A . 
C 3 HOH 188 788 196 HOH HOH A . 
C 3 HOH 189 789 117 HOH HOH A . 
C 3 HOH 190 790 46  HOH HOH A . 
C 3 HOH 191 791 183 HOH HOH A . 
C 3 HOH 192 792 134 HOH HOH A . 
C 3 HOH 193 793 111 HOH HOH A . 
C 3 HOH 194 794 70  HOH HOH A . 
C 3 HOH 195 795 17  HOH HOH A . 
C 3 HOH 196 796 207 HOH HOH A . 
C 3 HOH 197 797 187 HOH HOH A . 
C 3 HOH 198 798 87  HOH HOH A . 
C 3 HOH 199 799 218 HOH HOH A . 
C 3 HOH 200 800 161 HOH HOH A . 
C 3 HOH 201 801 157 HOH HOH A . 
C 3 HOH 202 802 133 HOH HOH A . 
C 3 HOH 203 803 92  HOH HOH A . 
C 3 HOH 204 804 165 HOH HOH A . 
C 3 HOH 205 805 115 HOH HOH A . 
C 3 HOH 206 806 63  HOH HOH A . 
C 3 HOH 207 807 90  HOH HOH A . 
C 3 HOH 208 808 131 HOH HOH A . 
C 3 HOH 209 809 206 HOH HOH A . 
C 3 HOH 210 810 109 HOH HOH A . 
C 3 HOH 211 811 116 HOH HOH A . 
C 3 HOH 212 812 220 HOH HOH A . 
C 3 HOH 213 813 177 HOH HOH A . 
C 3 HOH 214 814 158 HOH HOH A . 
C 3 HOH 215 815 24  HOH HOH A . 
C 3 HOH 216 816 78  HOH HOH A . 
C 3 HOH 217 817 108 HOH HOH A . 
C 3 HOH 218 818 132 HOH HOH A . 
C 3 HOH 219 819 225 HOH HOH A . 
C 3 HOH 220 820 125 HOH HOH A . 
C 3 HOH 221 821 166 HOH HOH A . 
C 3 HOH 222 822 198 HOH HOH A . 
C 3 HOH 223 823 209 HOH HOH A . 
C 3 HOH 224 824 200 HOH HOH A . 
C 3 HOH 225 825 210 HOH HOH A . 
# 
loop_
_software.citation_id 
_software.classification 
_software.compiler_name 
_software.compiler_version 
_software.contact_author 
_software.contact_author_email 
_software.date 
_software.description 
_software.dependencies 
_software.hardware 
_software.language 
_software.location 
_software.mods 
_software.name 
_software.os 
_software.os_version 
_software.type 
_software.version 
_software.pdbx_ordinal 
? 'data reduction' ? ? ? ? ? ? ? ? ? ? ? XDS    ? ? ? 2.11.7 1 
? 'data scaling'   ? ? ? ? ? ? ? ? ? ? ? SCALA  ? ? ? .      2 
? 'model building' ? ? ? ? ? ? ? ? ? ? ? Coot   ? ? ? .      3 
? refinement       ? ? ? ? ? ? ? ? ? ? ? BUSTER ? ? ? 2.11.7 4 
# 
_cell.angle_alpha                  90.00 
_cell.angle_alpha_esd              ? 
_cell.angle_beta                   90.00 
_cell.angle_beta_esd               ? 
_cell.angle_gamma                  90.00 
_cell.angle_gamma_esd              ? 
_cell.entry_id                     5UEQ 
_cell.details                      ? 
_cell.formula_units_Z              ? 
_cell.length_a                     63.624 
_cell.length_a_esd                 ? 
_cell.length_b                     70.417 
_cell.length_b_esd                 ? 
_cell.length_c                     33.555 
_cell.length_c_esd                 ? 
_cell.volume                       ? 
_cell.volume_esd                   ? 
_cell.Z_PDB                        4 
_cell.reciprocal_angle_alpha       ? 
_cell.reciprocal_angle_beta        ? 
_cell.reciprocal_angle_gamma       ? 
_cell.reciprocal_angle_alpha_esd   ? 
_cell.reciprocal_angle_beta_esd    ? 
_cell.reciprocal_angle_gamma_esd   ? 
_cell.reciprocal_length_a          ? 
_cell.reciprocal_length_b          ? 
_cell.reciprocal_length_c          ? 
_cell.reciprocal_length_a_esd      ? 
_cell.reciprocal_length_b_esd      ? 
_cell.reciprocal_length_c_esd      ? 
_cell.pdbx_unique_axis             ? 
# 
_symmetry.entry_id                         5UEQ 
_symmetry.cell_setting                     ? 
_symmetry.Int_Tables_number                18 
_symmetry.space_group_name_Hall            ? 
_symmetry.space_group_name_H-M             'P 21 21 2' 
_symmetry.pdbx_full_space_group_name_H-M   ? 
# 
_exptl.absorpt_coefficient_mu     ? 
_exptl.absorpt_correction_T_max   ? 
_exptl.absorpt_correction_T_min   ? 
_exptl.absorpt_correction_type    ? 
_exptl.absorpt_process_details    ? 
_exptl.entry_id                   5UEQ 
_exptl.crystals_number            1 
_exptl.details                    ? 
_exptl.method                     'X-RAY DIFFRACTION' 
_exptl.method_details             ? 
# 
_exptl_crystal.colour                      ? 
_exptl_crystal.density_diffrn              ? 
_exptl_crystal.density_Matthews            2.99 
_exptl_crystal.density_method              ? 
_exptl_crystal.density_percent_sol         58.82 
_exptl_crystal.description                 ? 
_exptl_crystal.F_000                       ? 
_exptl_crystal.id                          1 
_exptl_crystal.preparation                 ? 
_exptl_crystal.size_max                    ? 
_exptl_crystal.size_mid                    ? 
_exptl_crystal.size_min                    ? 
_exptl_crystal.size_rad                    ? 
_exptl_crystal.colour_lustre               ? 
_exptl_crystal.colour_modifier             ? 
_exptl_crystal.colour_primary              ? 
_exptl_crystal.density_meas                ? 
_exptl_crystal.density_meas_esd            ? 
_exptl_crystal.density_meas_gt             ? 
_exptl_crystal.density_meas_lt             ? 
_exptl_crystal.density_meas_temp           ? 
_exptl_crystal.density_meas_temp_esd       ? 
_exptl_crystal.density_meas_temp_gt        ? 
_exptl_crystal.density_meas_temp_lt        ? 
_exptl_crystal.pdbx_crystal_image_url      ? 
_exptl_crystal.pdbx_crystal_image_format   ? 
_exptl_crystal.pdbx_mosaicity              ? 
_exptl_crystal.pdbx_mosaicity_esd          ? 
# 
_exptl_crystal_grow.apparatus       ? 
_exptl_crystal_grow.atmosphere      ? 
_exptl_crystal_grow.crystal_id      1 
_exptl_crystal_grow.details         ? 
_exptl_crystal_grow.method          'VAPOR DIFFUSION' 
_exptl_crystal_grow.method_ref      ? 
_exptl_crystal_grow.pH              ? 
_exptl_crystal_grow.pressure        ? 
_exptl_crystal_grow.pressure_esd    ? 
_exptl_crystal_grow.seeding         ? 
_exptl_crystal_grow.seeding_ref     ? 
_exptl_crystal_grow.temp            277 
_exptl_crystal_grow.temp_details    ? 
_exptl_crystal_grow.temp_esd        ? 
_exptl_crystal_grow.time            ? 
_exptl_crystal_grow.pdbx_details    
;Protein Buffer :
10 mM HEPES PH 7.5
100 mM NaCl   5 mM DTT
Crystallization :
15 % (v/v) Ethanol  Tris PH 7.0
;
_exptl_crystal_grow.pdbx_pH_range   ? 
# 
_diffrn.ambient_environment    ? 
_diffrn.ambient_temp           100 
_diffrn.ambient_temp_details   ? 
_diffrn.ambient_temp_esd       ? 
_diffrn.crystal_id             1 
_diffrn.crystal_support        ? 
_diffrn.crystal_treatment      ? 
_diffrn.details                ? 
_diffrn.id                     1 
_diffrn.ambient_pressure       ? 
_diffrn.ambient_pressure_esd   ? 
_diffrn.ambient_pressure_gt    ? 
_diffrn.ambient_pressure_lt    ? 
_diffrn.ambient_temp_gt        ? 
_diffrn.ambient_temp_lt        ? 
# 
_diffrn_detector.details                      ? 
_diffrn_detector.detector                     PIXEL 
_diffrn_detector.diffrn_id                    1 
_diffrn_detector.type                         'DECTRIS PILATUS3 S 6M' 
_diffrn_detector.area_resol_mean              ? 
_diffrn_detector.dtime                        ? 
_diffrn_detector.pdbx_frames_total            ? 
_diffrn_detector.pdbx_collection_time_total   ? 
_diffrn_detector.pdbx_collection_date         2011-12-08 
# 
_diffrn_radiation.collimation                      ? 
_diffrn_radiation.diffrn_id                        1 
_diffrn_radiation.filter_edge                      ? 
_diffrn_radiation.inhomogeneity                    ? 
_diffrn_radiation.monochromator                    ? 
_diffrn_radiation.polarisn_norm                    ? 
_diffrn_radiation.polarisn_ratio                   ? 
_diffrn_radiation.probe                            ? 
_diffrn_radiation.type                             ? 
_diffrn_radiation.xray_symbol                      ? 
_diffrn_radiation.wavelength_id                    1 
_diffrn_radiation.pdbx_monochromatic_or_laue_m_l   M 
_diffrn_radiation.pdbx_wavelength_list             ? 
_diffrn_radiation.pdbx_wavelength                  ? 
_diffrn_radiation.pdbx_diffrn_protocol             'SINGLE WAVELENGTH' 
_diffrn_radiation.pdbx_analyzer                    ? 
_diffrn_radiation.pdbx_scattering_type             x-ray 
# 
_diffrn_radiation_wavelength.id           1 
_diffrn_radiation_wavelength.wavelength   1.0 
_diffrn_radiation_wavelength.wt           1.0 
# 
_diffrn_source.current                     ? 
_diffrn_source.details                     ? 
_diffrn_source.diffrn_id                   1 
_diffrn_source.power                       ? 
_diffrn_source.size                        ? 
_diffrn_source.source                      SYNCHROTRON 
_diffrn_source.target                      ? 
_diffrn_source.type                        'APS BEAMLINE 17-ID' 
_diffrn_source.voltage                     ? 
_diffrn_source.take-off_angle              ? 
_diffrn_source.pdbx_wavelength_list        1.0 
_diffrn_source.pdbx_wavelength             ? 
_diffrn_source.pdbx_synchrotron_beamline   17-ID 
_diffrn_source.pdbx_synchrotron_site       APS 
# 
_reflns.B_iso_Wilson_estimate            22.05 
_reflns.entry_id                         5UEQ 
_reflns.data_reduction_details           ? 
_reflns.data_reduction_method            ? 
_reflns.d_resolution_high                1.70 
_reflns.d_resolution_low                 35.21 
_reflns.details                          ? 
_reflns.limit_h_max                      ? 
_reflns.limit_h_min                      ? 
_reflns.limit_k_max                      ? 
_reflns.limit_k_min                      ? 
_reflns.limit_l_max                      ? 
_reflns.limit_l_min                      ? 
_reflns.number_all                       ? 
_reflns.number_obs                       17088 
_reflns.observed_criterion               ? 
_reflns.observed_criterion_F_max         ? 
_reflns.observed_criterion_F_min         ? 
_reflns.observed_criterion_I_max         ? 
_reflns.observed_criterion_I_min         ? 
_reflns.observed_criterion_sigma_F       ? 
_reflns.observed_criterion_sigma_I       ? 
_reflns.percent_possible_obs             99.7 
_reflns.R_free_details                   ? 
_reflns.Rmerge_F_all                     ? 
_reflns.Rmerge_F_obs                     ? 
_reflns.Friedel_coverage                 ? 
_reflns.number_gt                        ? 
_reflns.threshold_expression             ? 
_reflns.pdbx_redundancy                  6.1 
_reflns.pdbx_Rmerge_I_obs                ? 
_reflns.pdbx_Rmerge_I_all                ? 
_reflns.pdbx_Rsym_value                  ? 
_reflns.pdbx_netI_over_av_sigmaI         ? 
_reflns.pdbx_netI_over_sigmaI            14.3 
_reflns.pdbx_res_netI_over_av_sigmaI_2   ? 
_reflns.pdbx_res_netI_over_sigmaI_2      ? 
_reflns.pdbx_chi_squared                 ? 
_reflns.pdbx_scaling_rejects             ? 
_reflns.pdbx_d_res_high_opt              ? 
_reflns.pdbx_d_res_low_opt               ? 
_reflns.pdbx_d_res_opt_method            ? 
_reflns.phase_calculation_details        ? 
_reflns.pdbx_Rrim_I_all                  ? 
_reflns.pdbx_Rpim_I_all                  ? 
_reflns.pdbx_d_opt                       ? 
_reflns.pdbx_number_measured_all         ? 
_reflns.pdbx_diffrn_id                   1 
_reflns.pdbx_ordinal                     1 
_reflns.pdbx_CC_half                     ? 
_reflns.pdbx_R_split                     ? 
# 
_reflns_shell.d_res_high                  . 
_reflns_shell.d_res_low                   ? 
_reflns_shell.meanI_over_sigI_all         ? 
_reflns_shell.meanI_over_sigI_obs         ? 
_reflns_shell.number_measured_all         ? 
_reflns_shell.number_measured_obs         ? 
_reflns_shell.number_possible             ? 
_reflns_shell.number_unique_all           ? 
_reflns_shell.number_unique_obs           ? 
_reflns_shell.percent_possible_all        ? 
_reflns_shell.percent_possible_obs        ? 
_reflns_shell.Rmerge_F_all                ? 
_reflns_shell.Rmerge_F_obs                ? 
_reflns_shell.Rmerge_I_all                ? 
_reflns_shell.Rmerge_I_obs                ? 
_reflns_shell.meanI_over_sigI_gt          ? 
_reflns_shell.meanI_over_uI_all           ? 
_reflns_shell.meanI_over_uI_gt            ? 
_reflns_shell.number_measured_gt          ? 
_reflns_shell.number_unique_gt            ? 
_reflns_shell.percent_possible_gt         ? 
_reflns_shell.Rmerge_F_gt                 ? 
_reflns_shell.Rmerge_I_gt                 ? 
_reflns_shell.pdbx_redundancy             ? 
_reflns_shell.pdbx_Rsym_value             ? 
_reflns_shell.pdbx_chi_squared            ? 
_reflns_shell.pdbx_netI_over_sigmaI_all   ? 
_reflns_shell.pdbx_netI_over_sigmaI_obs   ? 
_reflns_shell.pdbx_Rrim_I_all             ? 
_reflns_shell.pdbx_Rpim_I_all             ? 
_reflns_shell.pdbx_rejects                ? 
_reflns_shell.pdbx_ordinal                1 
_reflns_shell.pdbx_diffrn_id              1 
_reflns_shell.pdbx_CC_half                ? 
_reflns_shell.pdbx_R_split                ? 
# 
_refine.aniso_B[1][1]                            -6.26420 
_refine.aniso_B[1][2]                            0.00000 
_refine.aniso_B[1][3]                            0.00000 
_refine.aniso_B[2][2]                            2.18070 
_refine.aniso_B[2][3]                            0.00000 
_refine.aniso_B[3][3]                            4.08350 
_refine.B_iso_max                                ? 
_refine.B_iso_mean                               25.74 
_refine.B_iso_min                                ? 
_refine.correlation_coeff_Fo_to_Fc               0.944 
_refine.correlation_coeff_Fo_to_Fc_free          0.929 
_refine.details                                  ? 
_refine.diff_density_max                         ? 
_refine.diff_density_max_esd                     ? 
_refine.diff_density_min                         ? 
_refine.diff_density_min_esd                     ? 
_refine.diff_density_rms                         ? 
_refine.diff_density_rms_esd                     ? 
_refine.entry_id                                 5UEQ 
_refine.pdbx_refine_id                           'X-RAY DIFFRACTION' 
_refine.ls_abs_structure_details                 ? 
_refine.ls_abs_structure_Flack                   ? 
_refine.ls_abs_structure_Flack_esd               ? 
_refine.ls_abs_structure_Rogers                  ? 
_refine.ls_abs_structure_Rogers_esd              ? 
_refine.ls_d_res_high                            1.70 
_refine.ls_d_res_low                             35.21 
_refine.ls_extinction_coef                       ? 
_refine.ls_extinction_coef_esd                   ? 
_refine.ls_extinction_expression                 ? 
_refine.ls_extinction_method                     ? 
_refine.ls_goodness_of_fit_all                   ? 
_refine.ls_goodness_of_fit_all_esd               ? 
_refine.ls_goodness_of_fit_obs                   ? 
_refine.ls_goodness_of_fit_obs_esd               ? 
_refine.ls_hydrogen_treatment                    ? 
_refine.ls_matrix_type                           ? 
_refine.ls_number_constraints                    ? 
_refine.ls_number_parameters                     ? 
_refine.ls_number_reflns_all                     ? 
_refine.ls_number_reflns_obs                     17017 
_refine.ls_number_reflns_R_free                  860 
_refine.ls_number_reflns_R_work                  ? 
_refine.ls_number_restraints                     ? 
_refine.ls_percent_reflns_obs                    98.8 
_refine.ls_percent_reflns_R_free                 5.050 
_refine.ls_R_factor_all                          ? 
_refine.ls_R_factor_obs                          0.181 
_refine.ls_R_factor_R_free                       0.217 
_refine.ls_R_factor_R_free_error                 0.02 
_refine.ls_R_factor_R_free_error_details         ? 
_refine.ls_R_factor_R_work                       0.179 
_refine.ls_R_Fsqd_factor_obs                     ? 
_refine.ls_R_I_factor_obs                        ? 
_refine.ls_redundancy_reflns_all                 ? 
_refine.ls_redundancy_reflns_obs                 ? 
_refine.ls_restrained_S_all                      ? 
_refine.ls_restrained_S_obs                      ? 
_refine.ls_shift_over_esd_max                    ? 
_refine.ls_shift_over_esd_mean                   ? 
_refine.ls_structure_factor_coef                 ? 
_refine.ls_weighting_details                     ? 
_refine.ls_weighting_scheme                      ? 
_refine.ls_wR_factor_all                         ? 
_refine.ls_wR_factor_obs                         ? 
_refine.ls_wR_factor_R_free                      ? 
_refine.ls_wR_factor_R_work                      ? 
_refine.occupancy_max                            ? 
_refine.occupancy_min                            ? 
_refine.solvent_model_details                    ? 
_refine.solvent_model_param_bsol                 ? 
_refine.solvent_model_param_ksol                 ? 
_refine.ls_R_factor_gt                           ? 
_refine.ls_goodness_of_fit_gt                    ? 
_refine.ls_goodness_of_fit_ref                   ? 
_refine.ls_shift_over_su_max                     ? 
_refine.ls_shift_over_su_max_lt                  ? 
_refine.ls_shift_over_su_mean                    ? 
_refine.ls_shift_over_su_mean_lt                 ? 
_refine.pdbx_ls_sigma_I                          ? 
_refine.pdbx_ls_sigma_F                          0.000 
_refine.pdbx_ls_sigma_Fsqd                       ? 
_refine.pdbx_data_cutoff_high_absF               ? 
_refine.pdbx_data_cutoff_high_rms_absF           ? 
_refine.pdbx_data_cutoff_low_absF                ? 
_refine.pdbx_isotropic_thermal_model             ? 
_refine.pdbx_ls_cross_valid_method               THROUGHOUT 
_refine.pdbx_method_to_determine_struct          'MOLECULAR REPLACEMENT' 
_refine.pdbx_starting_model                      'Apo BRD4 Bromodomain 2' 
_refine.pdbx_stereochemistry_target_values       ? 
_refine.pdbx_R_Free_selection_details            RANDOM 
_refine.pdbx_stereochem_target_val_spec_case     ? 
_refine.pdbx_overall_ESU_R                       ? 
_refine.pdbx_overall_ESU_R_Free                  ? 
_refine.pdbx_solvent_vdw_probe_radii             ? 
_refine.pdbx_solvent_ion_probe_radii             ? 
_refine.pdbx_solvent_shrinkage_radii             ? 
_refine.pdbx_real_space_R                        ? 
_refine.pdbx_density_correlation                 ? 
_refine.pdbx_pd_number_of_powder_patterns        ? 
_refine.pdbx_pd_number_of_points                 ? 
_refine.pdbx_pd_meas_number_of_points            ? 
_refine.pdbx_pd_proc_ls_prof_R_factor            ? 
_refine.pdbx_pd_proc_ls_prof_wR_factor           ? 
_refine.pdbx_pd_Marquardt_correlation_coeff      ? 
_refine.pdbx_pd_Fsqrd_R_factor                   ? 
_refine.pdbx_pd_ls_matrix_band_width             ? 
_refine.pdbx_overall_phase_error                 ? 
_refine.pdbx_overall_SU_R_free_Cruickshank_DPI   0.095 
_refine.pdbx_overall_SU_R_free_Blow_DPI          0.107 
_refine.pdbx_overall_SU_R_Blow_DPI               0.110 
_refine.pdbx_TLS_residual_ADP_flag               ? 
_refine.pdbx_diffrn_id                           1 
_refine.overall_SU_B                             ? 
_refine.overall_SU_ML                            ? 
_refine.overall_SU_R_Cruickshank_DPI             0.091 
_refine.overall_SU_R_free                        ? 
_refine.overall_FOM_free_R_set                   ? 
_refine.overall_FOM_work_R_set                   ? 
_refine.pdbx_average_fsc_overall                 ? 
_refine.pdbx_average_fsc_work                    ? 
_refine.pdbx_average_fsc_free                    ? 
# 
_refine_analyze.entry_id                        5UEQ 
_refine_analyze.pdbx_refine_id                  'X-RAY DIFFRACTION' 
_refine_analyze.Luzzati_coordinate_error_free   ? 
_refine_analyze.Luzzati_coordinate_error_obs    0.21 
_refine_analyze.Luzzati_d_res_low_free          ? 
_refine_analyze.Luzzati_d_res_low_obs           ? 
_refine_analyze.Luzzati_sigma_a_free            ? 
_refine_analyze.Luzzati_sigma_a_free_details    ? 
_refine_analyze.Luzzati_sigma_a_obs             ? 
_refine_analyze.Luzzati_sigma_a_obs_details     ? 
_refine_analyze.number_disordered_residues      ? 
_refine_analyze.occupancy_sum_hydrogen          ? 
_refine_analyze.occupancy_sum_non_hydrogen      ? 
_refine_analyze.RG_d_res_high                   ? 
_refine_analyze.RG_d_res_low                    ? 
_refine_analyze.RG_free                         ? 
_refine_analyze.RG_work                         ? 
_refine_analyze.RG_free_work_ratio              ? 
_refine_analyze.pdbx_Luzzati_d_res_high_obs     ? 
# 
_refine_hist.pdbx_refine_id                   'X-RAY DIFFRACTION' 
_refine_hist.cycle_id                         1 
_refine_hist.pdbx_number_atoms_protein        876 
_refine_hist.pdbx_number_atoms_nucleic_acid   0 
_refine_hist.pdbx_number_atoms_ligand         30 
_refine_hist.number_atoms_solvent             225 
_refine_hist.number_atoms_total               1131 
_refine_hist.d_res_high                       1.70 
_refine_hist.d_res_low                        35.21 
# 
loop_
_refine_ls_restr.pdbx_refine_id 
_refine_ls_restr.criterion 
_refine_ls_restr.dev_ideal 
_refine_ls_restr.dev_ideal_target 
_refine_ls_restr.number 
_refine_ls_restr.rejects 
_refine_ls_restr.type 
_refine_ls_restr.weight 
_refine_ls_restr.pdbx_restraint_function 
'X-RAY DIFFRACTION' ? 0.010 ? 933  ? t_bond_d                  2.00  HARMONIC     
'X-RAY DIFFRACTION' ? 0.94  ? 1254 ? t_angle_deg               2.00  HARMONIC     
'X-RAY DIFFRACTION' ? ?     ? 331  ? t_dihedral_angle_d        2.00  SINUSOIDAL   
'X-RAY DIFFRACTION' ? ?     ? ?    ? t_incorr_chiral_ct        ?     ?            
'X-RAY DIFFRACTION' ? ?     ? ?    ? t_pseud_angle             ?     ?            
'X-RAY DIFFRACTION' ? ?     ? 21   ? t_trig_c_planes           2.00  HARMONIC     
'X-RAY DIFFRACTION' ? ?     ? 141  ? t_gen_planes              5.00  HARMONIC     
'X-RAY DIFFRACTION' ? ?     ? 933  ? t_it                      20.00 HARMONIC     
'X-RAY DIFFRACTION' ? ?     ? ?    ? t_nbd                     ?     ?            
'X-RAY DIFFRACTION' ? 3.00  ? ?    ? t_omega_torsion           ?     ?            
'X-RAY DIFFRACTION' ? 15.67 ? ?    ? t_other_torsion           ?     ?            
'X-RAY DIFFRACTION' ? ?     ? ?    ? t_improper_torsion        ?     ?            
'X-RAY DIFFRACTION' ? ?     ? 109  ? t_chiral_improper_torsion 5.00  SEMIHARMONIC 
'X-RAY DIFFRACTION' ? ?     ? ?    ? t_sum_occupancies         ?     ?            
'X-RAY DIFFRACTION' ? ?     ? ?    ? t_utility_distance        ?     ?            
'X-RAY DIFFRACTION' ? ?     ? ?    ? t_utility_angle           ?     ?            
'X-RAY DIFFRACTION' ? ?     ? ?    ? t_utility_torsion         ?     ?            
'X-RAY DIFFRACTION' ? ?     ? 1301 ? t_ideal_dist_contact      4.00  SEMIHARMONIC 
# 
_refine_ls_shell.pdbx_refine_id                   'X-RAY DIFFRACTION' 
_refine_ls_shell.d_res_high                       1.70 
_refine_ls_shell.d_res_low                        1.80 
_refine_ls_shell.number_reflns_all                2636 
_refine_ls_shell.number_reflns_obs                ? 
_refine_ls_shell.number_reflns_R_free             129 
_refine_ls_shell.number_reflns_R_work             2507 
_refine_ls_shell.percent_reflns_obs               96.31 
_refine_ls_shell.percent_reflns_R_free            4.89 
_refine_ls_shell.R_factor_all                     0.205 
_refine_ls_shell.R_factor_obs                     ? 
_refine_ls_shell.R_factor_R_free                  0.210 
_refine_ls_shell.R_factor_R_free_error            0.000 
_refine_ls_shell.R_factor_R_work                  0.205 
_refine_ls_shell.redundancy_reflns_all            ? 
_refine_ls_shell.redundancy_reflns_obs            ? 
_refine_ls_shell.wR_factor_all                    ? 
_refine_ls_shell.wR_factor_obs                    ? 
_refine_ls_shell.wR_factor_R_free                 ? 
_refine_ls_shell.wR_factor_R_work                 ? 
_refine_ls_shell.pdbx_total_number_of_bins_used   9 
_refine_ls_shell.pdbx_phase_error                 ? 
_refine_ls_shell.pdbx_fsc_work                    ? 
_refine_ls_shell.pdbx_fsc_free                    ? 
# 
_struct.entry_id                     5UEQ 
_struct.title                        BRD4_BD2_A-1390146 
_struct.pdbx_model_details           ? 
_struct.pdbx_formula_weight          ? 
_struct.pdbx_formula_weight_method   ? 
_struct.pdbx_model_type_details      ? 
_struct.pdbx_CASP_flag               N 
# 
_struct_keywords.entry_id        5UEQ 
_struct_keywords.text            'SIGNALING PROTEIN-INHIBITOR complex' 
_struct_keywords.pdbx_keywords   'SIGNALING PROTEIN/INHIBITOR' 
# 
loop_
_struct_asym.id 
_struct_asym.pdbx_blank_PDB_chainid_flag 
_struct_asym.pdbx_modified 
_struct_asym.entity_id 
_struct_asym.details 
A N N 1 ? 
B N N 2 ? 
C N N 3 ? 
# 
_struct_ref.id                         1 
_struct_ref.db_name                    UNP 
_struct_ref.db_code                    BRD4_HUMAN 
_struct_ref.pdbx_db_accession          O60885 
_struct_ref.pdbx_db_isoform            ? 
_struct_ref.entity_id                  1 
_struct_ref.pdbx_seq_one_letter_code   
;EQLKCCSGILKEMFAKKHAAYAWPFYKPVDVEALGLHDYCDIIKHPMDMSTIKSKLEAREYRDAQEFGADVRLMFSNCYK
YNPPDHEVVAMARKLQDVFEMRFAKM
;
_struct_ref.pdbx_align_begin           352 
# 
_struct_ref_seq.align_id                      1 
_struct_ref_seq.ref_id                        1 
_struct_ref_seq.pdbx_PDB_id_code              5UEQ 
_struct_ref_seq.pdbx_strand_id                A 
_struct_ref_seq.seq_align_beg                 4 
_struct_ref_seq.pdbx_seq_align_beg_ins_code   ? 
_struct_ref_seq.seq_align_end                 109 
_struct_ref_seq.pdbx_seq_align_end_ins_code   ? 
_struct_ref_seq.pdbx_db_accession             O60885 
_struct_ref_seq.db_align_beg                  352 
_struct_ref_seq.pdbx_db_align_beg_ins_code    ? 
_struct_ref_seq.db_align_end                  457 
_struct_ref_seq.pdbx_db_align_end_ins_code    ? 
_struct_ref_seq.pdbx_auth_seq_align_beg       352 
_struct_ref_seq.pdbx_auth_seq_align_end       457 
# 
loop_
_struct_ref_seq_dif.align_id 
_struct_ref_seq_dif.pdbx_pdb_id_code 
_struct_ref_seq_dif.mon_id 
_struct_ref_seq_dif.pdbx_pdb_strand_id 
_struct_ref_seq_dif.seq_num 
_struct_ref_seq_dif.pdbx_pdb_ins_code 
_struct_ref_seq_dif.pdbx_seq_db_name 
_struct_ref_seq_dif.pdbx_seq_db_accession_code 
_struct_ref_seq_dif.db_mon_id 
_struct_ref_seq_dif.pdbx_seq_db_seq_num 
_struct_ref_seq_dif.details 
_struct_ref_seq_dif.pdbx_auth_seq_num 
_struct_ref_seq_dif.pdbx_ordinal 
1 5UEQ SER A 1 ? UNP O60885 ? ? 'expression tag' 349 1 
1 5UEQ HIS A 2 ? UNP O60885 ? ? 'expression tag' 350 2 
1 5UEQ MET A 3 ? UNP O60885 ? ? 'expression tag' 351 3 
# 
_pdbx_struct_assembly.id                   1 
_pdbx_struct_assembly.details              author_and_software_defined_assembly 
_pdbx_struct_assembly.method_details       PISA 
_pdbx_struct_assembly.oligomeric_details   monomeric 
_pdbx_struct_assembly.oligomeric_count     1 
# 
loop_
_pdbx_struct_assembly_prop.biol_id 
_pdbx_struct_assembly_prop.type 
_pdbx_struct_assembly_prop.value 
_pdbx_struct_assembly_prop.details 
1 'ABSA (A^2)' 0    ? 
1 MORE         0    ? 
1 'SSA (A^2)'  6580 ? 
# 
_pdbx_struct_assembly_gen.assembly_id       1 
_pdbx_struct_assembly_gen.oper_expression   1 
_pdbx_struct_assembly_gen.asym_id_list      A,B,C 
# 
_pdbx_struct_oper_list.id                   1 
_pdbx_struct_oper_list.type                 'identity operation' 
_pdbx_struct_oper_list.name                 1_555 
_pdbx_struct_oper_list.symmetry_operation   x,y,z 
_pdbx_struct_oper_list.matrix[1][1]         1.0000000000 
_pdbx_struct_oper_list.matrix[1][2]         0.0000000000 
_pdbx_struct_oper_list.matrix[1][3]         0.0000000000 
_pdbx_struct_oper_list.vector[1]            0.0000000000 
_pdbx_struct_oper_list.matrix[2][1]         0.0000000000 
_pdbx_struct_oper_list.matrix[2][2]         1.0000000000 
_pdbx_struct_oper_list.matrix[2][3]         0.0000000000 
_pdbx_struct_oper_list.vector[2]            0.0000000000 
_pdbx_struct_oper_list.matrix[3][1]         0.0000000000 
_pdbx_struct_oper_list.matrix[3][2]         0.0000000000 
_pdbx_struct_oper_list.matrix[3][3]         1.0000000000 
_pdbx_struct_oper_list.vector[3]            0.0000000000 
# 
loop_
_struct_conf.conf_type_id 
_struct_conf.id 
_struct_conf.pdbx_PDB_helix_id 
_struct_conf.beg_label_comp_id 
_struct_conf.beg_label_asym_id 
_struct_conf.beg_label_seq_id 
_struct_conf.pdbx_beg_PDB_ins_code 
_struct_conf.end_label_comp_id 
_struct_conf.end_label_asym_id 
_struct_conf.end_label_seq_id 
_struct_conf.pdbx_end_PDB_ins_code 
_struct_conf.beg_auth_comp_id 
_struct_conf.beg_auth_asym_id 
_struct_conf.beg_auth_seq_id 
_struct_conf.end_auth_comp_id 
_struct_conf.end_auth_asym_id 
_struct_conf.end_auth_seq_id 
_struct_conf.pdbx_PDB_helix_class 
_struct_conf.details 
_struct_conf.pdbx_PDB_helix_length 
HELX_P HELX_P1 AA1 MET A 3  ? PHE A 17  ? MET A 351 PHE A 365 1 ? 15 
HELX_P HELX_P2 AA2 ALA A 18 ? LYS A 20  ? ALA A 366 LYS A 368 5 ? 3  
HELX_P HELX_P3 AA3 HIS A 21 ? TRP A 26  ? HIS A 369 TRP A 374 1 ? 6  
HELX_P HELX_P4 AA4 PRO A 27 ? TYR A 29  ? PRO A 375 TYR A 377 5 ? 3  
HELX_P HELX_P5 AA5 ASP A 33 ? GLY A 38  ? ASP A 381 GLY A 386 1 ? 6  
HELX_P HELX_P6 AA6 ASP A 41 ? ILE A 46  ? ASP A 389 ILE A 394 1 ? 6  
HELX_P HELX_P7 AA7 ASP A 51 ? ALA A 61  ? ASP A 399 ALA A 409 1 ? 11 
HELX_P HELX_P8 AA8 ASP A 66 ? ASN A 85  ? ASP A 414 ASN A 433 1 ? 20 
HELX_P HELX_P9 AA9 HIS A 89 ? LYS A 108 ? HIS A 437 LYS A 456 1 ? 20 
# 
_struct_conf_type.id          HELX_P 
_struct_conf_type.criteria    ? 
_struct_conf_type.reference   ? 
# 
_struct_site.id                   AC1 
_struct_site.pdbx_evidence_code   Software 
_struct_site.pdbx_auth_asym_id    A 
_struct_site.pdbx_auth_comp_id    87M 
_struct_site.pdbx_auth_seq_id     501 
_struct_site.pdbx_auth_ins_code   ? 
_struct_site.pdbx_num_residues    13 
_struct_site.details              'binding site for residue 87M A 501' 
# 
loop_
_struct_site_gen.id 
_struct_site_gen.site_id 
_struct_site_gen.pdbx_num_res 
_struct_site_gen.label_comp_id 
_struct_site_gen.label_asym_id 
_struct_site_gen.label_seq_id 
_struct_site_gen.pdbx_auth_ins_code 
_struct_site_gen.auth_comp_id 
_struct_site_gen.auth_asym_id 
_struct_site_gen.auth_seq_id 
_struct_site_gen.label_atom_id 
_struct_site_gen.label_alt_id 
_struct_site_gen.symmetry 
_struct_site_gen.details 
1  AC1 13 TRP A 26 ? TRP A 374 . ? 1_555 ? 
2  AC1 13 PRO A 27 ? PRO A 375 . ? 1_555 ? 
3  AC1 13 PHE A 28 ? PHE A 376 . ? 1_555 ? 
4  AC1 13 LYS A 30 ? LYS A 378 . ? 1_555 ? 
5  AC1 13 PRO A 31 ? PRO A 379 . ? 1_555 ? 
6  AC1 13 VAL A 32 ? VAL A 380 . ? 1_555 ? 
7  AC1 13 ASP A 33 ? ASP A 381 . ? 1_555 ? 
8  AC1 13 LEU A 37 ? LEU A 385 . ? 1_555 ? 
9  AC1 13 ASN A 85 ? ASN A 433 . ? 1_555 ? 
10 AC1 13 MET A 94 ? MET A 442 . ? 1_555 ? 
11 AC1 13 HOH C .  ? HOH A 604 . ? 1_555 ? 
12 AC1 13 HOH C .  ? HOH A 653 . ? 1_555 ? 
13 AC1 13 HOH C .  ? HOH A 677 . ? 1_555 ? 
# 
loop_
_pdbx_distant_solvent_atoms.id 
_pdbx_distant_solvent_atoms.PDB_model_num 
_pdbx_distant_solvent_atoms.auth_atom_id 
_pdbx_distant_solvent_atoms.label_alt_id 
_pdbx_distant_solvent_atoms.auth_asym_id 
_pdbx_distant_solvent_atoms.auth_comp_id 
_pdbx_distant_solvent_atoms.auth_seq_id 
_pdbx_distant_solvent_atoms.PDB_ins_code 
_pdbx_distant_solvent_atoms.neighbor_macromolecule_distance 
_pdbx_distant_solvent_atoms.neighbor_ligand_distance 
1 1 O ? A HOH 823 ? 5.83 . 
2 1 O ? A HOH 824 ? 6.04 . 
3 1 O ? A HOH 825 ? 6.10 . 
# 
loop_
_pdbx_unobs_or_zero_occ_residues.id 
_pdbx_unobs_or_zero_occ_residues.PDB_model_num 
_pdbx_unobs_or_zero_occ_residues.polymer_flag 
_pdbx_unobs_or_zero_occ_residues.occupancy_flag 
_pdbx_unobs_or_zero_occ_residues.auth_asym_id 
_pdbx_unobs_or_zero_occ_residues.auth_comp_id 
_pdbx_unobs_or_zero_occ_residues.auth_seq_id 
_pdbx_unobs_or_zero_occ_residues.PDB_ins_code 
_pdbx_unobs_or_zero_occ_residues.label_asym_id 
_pdbx_unobs_or_zero_occ_residues.label_comp_id 
_pdbx_unobs_or_zero_occ_residues.label_seq_id 
1 1 Y 1 A SER 349 ? A SER 1 
2 1 Y 1 A HIS 350 ? A HIS 2 
# 
loop_
_chem_comp_atom.comp_id 
_chem_comp_atom.atom_id 
_chem_comp_atom.type_symbol 
_chem_comp_atom.pdbx_aromatic_flag 
_chem_comp_atom.pdbx_stereo_config 
_chem_comp_atom.pdbx_ordinal 
87M C4   C Y N 1   
87M C5   C Y N 2   
87M C6   C Y N 3   
87M C7   C Y N 4   
87M C8   C Y N 5   
87M C10  C Y N 6   
87M C13  C Y N 7   
87M C15  C Y N 8   
87M C17  C N N 9   
87M C20  C N N 10  
87M C21  C N N 11  
87M C1   C Y N 12  
87M C2   C Y N 13  
87M C3   C Y N 14  
87M C9   C Y N 15  
87M C11  C Y N 16  
87M C12  C Y N 17  
87M C14  C Y N 18  
87M C16  C Y N 19  
87M C18  C N N 20  
87M C19  C N N 21  
87M N22  N N N 22  
87M N23  N Y N 23  
87M N24  N N N 24  
87M N25  N N N 25  
87M O26  O N N 26  
87M O27  O N N 27  
87M O28  O N N 28  
87M O29  O N N 29  
87M S30  S N N 30  
87M H1   H N N 31  
87M H2   H N N 32  
87M H3   H N N 33  
87M H4   H N N 34  
87M H5   H N N 35  
87M H6   H N N 36  
87M H7   H N N 37  
87M H8   H N N 38  
87M H9   H N N 39  
87M H10  H N N 40  
87M H11  H N N 41  
87M H12  H N N 42  
87M H13  H N N 43  
87M H14  H N N 44  
87M H15  H N N 45  
87M H16  H N N 46  
87M H17  H N N 47  
87M H18  H N N 48  
87M H19  H N N 49  
87M H20  H N N 50  
ALA N    N N N 51  
ALA CA   C N S 52  
ALA C    C N N 53  
ALA O    O N N 54  
ALA CB   C N N 55  
ALA OXT  O N N 56  
ALA H    H N N 57  
ALA H2   H N N 58  
ALA HA   H N N 59  
ALA HB1  H N N 60  
ALA HB2  H N N 61  
ALA HB3  H N N 62  
ALA HXT  H N N 63  
ARG N    N N N 64  
ARG CA   C N S 65  
ARG C    C N N 66  
ARG O    O N N 67  
ARG CB   C N N 68  
ARG CG   C N N 69  
ARG CD   C N N 70  
ARG NE   N N N 71  
ARG CZ   C N N 72  
ARG NH1  N N N 73  
ARG NH2  N N N 74  
ARG OXT  O N N 75  
ARG H    H N N 76  
ARG H2   H N N 77  
ARG HA   H N N 78  
ARG HB2  H N N 79  
ARG HB3  H N N 80  
ARG HG2  H N N 81  
ARG HG3  H N N 82  
ARG HD2  H N N 83  
ARG HD3  H N N 84  
ARG HE   H N N 85  
ARG HH11 H N N 86  
ARG HH12 H N N 87  
ARG HH21 H N N 88  
ARG HH22 H N N 89  
ARG HXT  H N N 90  
ASN N    N N N 91  
ASN CA   C N S 92  
ASN C    C N N 93  
ASN O    O N N 94  
ASN CB   C N N 95  
ASN CG   C N N 96  
ASN OD1  O N N 97  
ASN ND2  N N N 98  
ASN OXT  O N N 99  
ASN H    H N N 100 
ASN H2   H N N 101 
ASN HA   H N N 102 
ASN HB2  H N N 103 
ASN HB3  H N N 104 
ASN HD21 H N N 105 
ASN HD22 H N N 106 
ASN HXT  H N N 107 
ASP N    N N N 108 
ASP CA   C N S 109 
ASP C    C N N 110 
ASP O    O N N 111 
ASP CB   C N N 112 
ASP CG   C N N 113 
ASP OD1  O N N 114 
ASP OD2  O N N 115 
ASP OXT  O N N 116 
ASP H    H N N 117 
ASP H2   H N N 118 
ASP HA   H N N 119 
ASP HB2  H N N 120 
ASP HB3  H N N 121 
ASP HD2  H N N 122 
ASP HXT  H N N 123 
CYS N    N N N 124 
CYS CA   C N R 125 
CYS C    C N N 126 
CYS O    O N N 127 
CYS CB   C N N 128 
CYS SG   S N N 129 
CYS OXT  O N N 130 
CYS H    H N N 131 
CYS H2   H N N 132 
CYS HA   H N N 133 
CYS HB2  H N N 134 
CYS HB3  H N N 135 
CYS HG   H N N 136 
CYS HXT  H N N 137 
GLN N    N N N 138 
GLN CA   C N S 139 
GLN C    C N N 140 
GLN O    O N N 141 
GLN CB   C N N 142 
GLN CG   C N N 143 
GLN CD   C N N 144 
GLN OE1  O N N 145 
GLN NE2  N N N 146 
GLN OXT  O N N 147 
GLN H    H N N 148 
GLN H2   H N N 149 
GLN HA   H N N 150 
GLN HB2  H N N 151 
GLN HB3  H N N 152 
GLN HG2  H N N 153 
GLN HG3  H N N 154 
GLN HE21 H N N 155 
GLN HE22 H N N 156 
GLN HXT  H N N 157 
GLU N    N N N 158 
GLU CA   C N S 159 
GLU C    C N N 160 
GLU O    O N N 161 
GLU CB   C N N 162 
GLU CG   C N N 163 
GLU CD   C N N 164 
GLU OE1  O N N 165 
GLU OE2  O N N 166 
GLU OXT  O N N 167 
GLU H    H N N 168 
GLU H2   H N N 169 
GLU HA   H N N 170 
GLU HB2  H N N 171 
GLU HB3  H N N 172 
GLU HG2  H N N 173 
GLU HG3  H N N 174 
GLU HE2  H N N 175 
GLU HXT  H N N 176 
GLY N    N N N 177 
GLY CA   C N N 178 
GLY C    C N N 179 
GLY O    O N N 180 
GLY OXT  O N N 181 
GLY H    H N N 182 
GLY H2   H N N 183 
GLY HA2  H N N 184 
GLY HA3  H N N 185 
GLY HXT  H N N 186 
HIS N    N N N 187 
HIS CA   C N S 188 
HIS C    C N N 189 
HIS O    O N N 190 
HIS CB   C N N 191 
HIS CG   C Y N 192 
HIS ND1  N Y N 193 
HIS CD2  C Y N 194 
HIS CE1  C Y N 195 
HIS NE2  N Y N 196 
HIS OXT  O N N 197 
HIS H    H N N 198 
HIS H2   H N N 199 
HIS HA   H N N 200 
HIS HB2  H N N 201 
HIS HB3  H N N 202 
HIS HD1  H N N 203 
HIS HD2  H N N 204 
HIS HE1  H N N 205 
HIS HE2  H N N 206 
HIS HXT  H N N 207 
HOH O    O N N 208 
HOH H1   H N N 209 
HOH H2   H N N 210 
ILE N    N N N 211 
ILE CA   C N S 212 
ILE C    C N N 213 
ILE O    O N N 214 
ILE CB   C N S 215 
ILE CG1  C N N 216 
ILE CG2  C N N 217 
ILE CD1  C N N 218 
ILE OXT  O N N 219 
ILE H    H N N 220 
ILE H2   H N N 221 
ILE HA   H N N 222 
ILE HB   H N N 223 
ILE HG12 H N N 224 
ILE HG13 H N N 225 
ILE HG21 H N N 226 
ILE HG22 H N N 227 
ILE HG23 H N N 228 
ILE HD11 H N N 229 
ILE HD12 H N N 230 
ILE HD13 H N N 231 
ILE HXT  H N N 232 
LEU N    N N N 233 
LEU CA   C N S 234 
LEU C    C N N 235 
LEU O    O N N 236 
LEU CB   C N N 237 
LEU CG   C N N 238 
LEU CD1  C N N 239 
LEU CD2  C N N 240 
LEU OXT  O N N 241 
LEU H    H N N 242 
LEU H2   H N N 243 
LEU HA   H N N 244 
LEU HB2  H N N 245 
LEU HB3  H N N 246 
LEU HG   H N N 247 
LEU HD11 H N N 248 
LEU HD12 H N N 249 
LEU HD13 H N N 250 
LEU HD21 H N N 251 
LEU HD22 H N N 252 
LEU HD23 H N N 253 
LEU HXT  H N N 254 
LYS N    N N N 255 
LYS CA   C N S 256 
LYS C    C N N 257 
LYS O    O N N 258 
LYS CB   C N N 259 
LYS CG   C N N 260 
LYS CD   C N N 261 
LYS CE   C N N 262 
LYS NZ   N N N 263 
LYS OXT  O N N 264 
LYS H    H N N 265 
LYS H2   H N N 266 
LYS HA   H N N 267 
LYS HB2  H N N 268 
LYS HB3  H N N 269 
LYS HG2  H N N 270 
LYS HG3  H N N 271 
LYS HD2  H N N 272 
LYS HD3  H N N 273 
LYS HE2  H N N 274 
LYS HE3  H N N 275 
LYS HZ1  H N N 276 
LYS HZ2  H N N 277 
LYS HZ3  H N N 278 
LYS HXT  H N N 279 
MET N    N N N 280 
MET CA   C N S 281 
MET C    C N N 282 
MET O    O N N 283 
MET CB   C N N 284 
MET CG   C N N 285 
MET SD   S N N 286 
MET CE   C N N 287 
MET OXT  O N N 288 
MET H    H N N 289 
MET H2   H N N 290 
MET HA   H N N 291 
MET HB2  H N N 292 
MET HB3  H N N 293 
MET HG2  H N N 294 
MET HG3  H N N 295 
MET HE1  H N N 296 
MET HE2  H N N 297 
MET HE3  H N N 298 
MET HXT  H N N 299 
PHE N    N N N 300 
PHE CA   C N S 301 
PHE C    C N N 302 
PHE O    O N N 303 
PHE CB   C N N 304 
PHE CG   C Y N 305 
PHE CD1  C Y N 306 
PHE CD2  C Y N 307 
PHE CE1  C Y N 308 
PHE CE2  C Y N 309 
PHE CZ   C Y N 310 
PHE OXT  O N N 311 
PHE H    H N N 312 
PHE H2   H N N 313 
PHE HA   H N N 314 
PHE HB2  H N N 315 
PHE HB3  H N N 316 
PHE HD1  H N N 317 
PHE HD2  H N N 318 
PHE HE1  H N N 319 
PHE HE2  H N N 320 
PHE HZ   H N N 321 
PHE HXT  H N N 322 
PRO N    N N N 323 
PRO CA   C N S 324 
PRO C    C N N 325 
PRO O    O N N 326 
PRO CB   C N N 327 
PRO CG   C N N 328 
PRO CD   C N N 329 
PRO OXT  O N N 330 
PRO H    H N N 331 
PRO HA   H N N 332 
PRO HB2  H N N 333 
PRO HB3  H N N 334 
PRO HG2  H N N 335 
PRO HG3  H N N 336 
PRO HD2  H N N 337 
PRO HD3  H N N 338 
PRO HXT  H N N 339 
SER N    N N N 340 
SER CA   C N S 341 
SER C    C N N 342 
SER O    O N N 343 
SER CB   C N N 344 
SER OG   O N N 345 
SER OXT  O N N 346 
SER H    H N N 347 
SER H2   H N N 348 
SER HA   H N N 349 
SER HB2  H N N 350 
SER HB3  H N N 351 
SER HG   H N N 352 
SER HXT  H N N 353 
THR N    N N N 354 
THR CA   C N S 355 
THR C    C N N 356 
THR O    O N N 357 
THR CB   C N R 358 
THR OG1  O N N 359 
THR CG2  C N N 360 
THR OXT  O N N 361 
THR H    H N N 362 
THR H2   H N N 363 
THR HA   H N N 364 
THR HB   H N N 365 
THR HG1  H N N 366 
THR HG21 H N N 367 
THR HG22 H N N 368 
THR HG23 H N N 369 
THR HXT  H N N 370 
TRP N    N N N 371 
TRP CA   C N S 372 
TRP C    C N N 373 
TRP O    O N N 374 
TRP CB   C N N 375 
TRP CG   C Y N 376 
TRP CD1  C Y N 377 
TRP CD2  C Y N 378 
TRP NE1  N Y N 379 
TRP CE2  C Y N 380 
TRP CE3  C Y N 381 
TRP CZ2  C Y N 382 
TRP CZ3  C Y N 383 
TRP CH2  C Y N 384 
TRP OXT  O N N 385 
TRP H    H N N 386 
TRP H2   H N N 387 
TRP HA   H N N 388 
TRP HB2  H N N 389 
TRP HB3  H N N 390 
TRP HD1  H N N 391 
TRP HE1  H N N 392 
TRP HE3  H N N 393 
TRP HZ2  H N N 394 
TRP HZ3  H N N 395 
TRP HH2  H N N 396 
TRP HXT  H N N 397 
TYR N    N N N 398 
TYR CA   C N S 399 
TYR C    C N N 400 
TYR O    O N N 401 
TYR CB   C N N 402 
TYR CG   C Y N 403 
TYR CD1  C Y N 404 
TYR CD2  C Y N 405 
TYR CE1  C Y N 406 
TYR CE2  C Y N 407 
TYR CZ   C Y N 408 
TYR OH   O N N 409 
TYR OXT  O N N 410 
TYR H    H N N 411 
TYR H2   H N N 412 
TYR HA   H N N 413 
TYR HB2  H N N 414 
TYR HB3  H N N 415 
TYR HD1  H N N 416 
TYR HD2  H N N 417 
TYR HE1  H N N 418 
TYR HE2  H N N 419 
TYR HH   H N N 420 
TYR HXT  H N N 421 
VAL N    N N N 422 
VAL CA   C N S 423 
VAL C    C N N 424 
VAL O    O N N 425 
VAL CB   C N N 426 
VAL CG1  C N N 427 
VAL CG2  C N N 428 
VAL OXT  O N N 429 
VAL H    H N N 430 
VAL H2   H N N 431 
VAL HA   H N N 432 
VAL HB   H N N 433 
VAL HG11 H N N 434 
VAL HG12 H N N 435 
VAL HG13 H N N 436 
VAL HG21 H N N 437 
VAL HG22 H N N 438 
VAL HG23 H N N 439 
VAL HXT  H N N 440 
# 
loop_
_chem_comp_bond.comp_id 
_chem_comp_bond.atom_id_1 
_chem_comp_bond.atom_id_2 
_chem_comp_bond.value_order 
_chem_comp_bond.pdbx_aromatic_flag 
_chem_comp_bond.pdbx_stereo_config 
_chem_comp_bond.pdbx_ordinal 
87M C21 C20  sing N N 1   
87M C21 S30  sing N N 2   
87M O28 S30  doub N N 3   
87M C19 C16  sing N N 4   
87M O27 S30  doub N N 5   
87M S30 N25  sing N N 6   
87M O26 C18  doub N N 7   
87M C16 N23  sing Y N 8   
87M C16 C11  doub Y N 9   
87M C18 C11  sing N N 10  
87M C18 N24  sing N N 11  
87M N23 C15  sing Y N 12  
87M C11 C10  sing Y N 13  
87M N24 N22  sing N N 14  
87M N25 C12  sing N N 15  
87M C8  C12  doub Y N 16  
87M C8  C9   sing Y N 17  
87M C15 C10  doub Y N 18  
87M C15 C9   sing N N 19  
87M C10 C17  sing N N 20  
87M C12 C4   sing Y N 21  
87M N22 C17  doub N N 22  
87M C9  C14  doub Y N 23  
87M C4  C7   doub Y N 24  
87M C14 C7   sing Y N 25  
87M C14 O29  sing N N 26  
87M O29 C13  sing N N 27  
87M C13 C5   doub Y N 28  
87M C13 C6   sing Y N 29  
87M C5  C2   sing Y N 30  
87M C6  C3   doub Y N 31  
87M C2  C1   doub Y N 32  
87M C3  C1   sing Y N 33  
87M C4  H1   sing N N 34  
87M C5  H2   sing N N 35  
87M C6  H3   sing N N 36  
87M C7  H4   sing N N 37  
87M C8  H5   sing N N 38  
87M C17 H6   sing N N 39  
87M C20 H7   sing N N 40  
87M C20 H8   sing N N 41  
87M C20 H9   sing N N 42  
87M C21 H10  sing N N 43  
87M C21 H11  sing N N 44  
87M C1  H12  sing N N 45  
87M C2  H13  sing N N 46  
87M C3  H14  sing N N 47  
87M C19 H15  sing N N 48  
87M C19 H16  sing N N 49  
87M C19 H17  sing N N 50  
87M N23 H18  sing N N 51  
87M N24 H19  sing N N 52  
87M N25 H20  sing N N 53  
ALA N   CA   sing N N 54  
ALA N   H    sing N N 55  
ALA N   H2   sing N N 56  
ALA CA  C    sing N N 57  
ALA CA  CB   sing N N 58  
ALA CA  HA   sing N N 59  
ALA C   O    doub N N 60  
ALA C   OXT  sing N N 61  
ALA CB  HB1  sing N N 62  
ALA CB  HB2  sing N N 63  
ALA CB  HB3  sing N N 64  
ALA OXT HXT  sing N N 65  
ARG N   CA   sing N N 66  
ARG N   H    sing N N 67  
ARG N   H2   sing N N 68  
ARG CA  C    sing N N 69  
ARG CA  CB   sing N N 70  
ARG CA  HA   sing N N 71  
ARG C   O    doub N N 72  
ARG C   OXT  sing N N 73  
ARG CB  CG   sing N N 74  
ARG CB  HB2  sing N N 75  
ARG CB  HB3  sing N N 76  
ARG CG  CD   sing N N 77  
ARG CG  HG2  sing N N 78  
ARG CG  HG3  sing N N 79  
ARG CD  NE   sing N N 80  
ARG CD  HD2  sing N N 81  
ARG CD  HD3  sing N N 82  
ARG NE  CZ   sing N N 83  
ARG NE  HE   sing N N 84  
ARG CZ  NH1  sing N N 85  
ARG CZ  NH2  doub N N 86  
ARG NH1 HH11 sing N N 87  
ARG NH1 HH12 sing N N 88  
ARG NH2 HH21 sing N N 89  
ARG NH2 HH22 sing N N 90  
ARG OXT HXT  sing N N 91  
ASN N   CA   sing N N 92  
ASN N   H    sing N N 93  
ASN N   H2   sing N N 94  
ASN CA  C    sing N N 95  
ASN CA  CB   sing N N 96  
ASN CA  HA   sing N N 97  
ASN C   O    doub N N 98  
ASN C   OXT  sing N N 99  
ASN CB  CG   sing N N 100 
ASN CB  HB2  sing N N 101 
ASN CB  HB3  sing N N 102 
ASN CG  OD1  doub N N 103 
ASN CG  ND2  sing N N 104 
ASN ND2 HD21 sing N N 105 
ASN ND2 HD22 sing N N 106 
ASN OXT HXT  sing N N 107 
ASP N   CA   sing N N 108 
ASP N   H    sing N N 109 
ASP N   H2   sing N N 110 
ASP CA  C    sing N N 111 
ASP CA  CB   sing N N 112 
ASP CA  HA   sing N N 113 
ASP C   O    doub N N 114 
ASP C   OXT  sing N N 115 
ASP CB  CG   sing N N 116 
ASP CB  HB2  sing N N 117 
ASP CB  HB3  sing N N 118 
ASP CG  OD1  doub N N 119 
ASP CG  OD2  sing N N 120 
ASP OD2 HD2  sing N N 121 
ASP OXT HXT  sing N N 122 
CYS N   CA   sing N N 123 
CYS N   H    sing N N 124 
CYS N   H2   sing N N 125 
CYS CA  C    sing N N 126 
CYS CA  CB   sing N N 127 
CYS CA  HA   sing N N 128 
CYS C   O    doub N N 129 
CYS C   OXT  sing N N 130 
CYS CB  SG   sing N N 131 
CYS CB  HB2  sing N N 132 
CYS CB  HB3  sing N N 133 
CYS SG  HG   sing N N 134 
CYS OXT HXT  sing N N 135 
GLN N   CA   sing N N 136 
GLN N   H    sing N N 137 
GLN N   H2   sing N N 138 
GLN CA  C    sing N N 139 
GLN CA  CB   sing N N 140 
GLN CA  HA   sing N N 141 
GLN C   O    doub N N 142 
GLN C   OXT  sing N N 143 
GLN CB  CG   sing N N 144 
GLN CB  HB2  sing N N 145 
GLN CB  HB3  sing N N 146 
GLN CG  CD   sing N N 147 
GLN CG  HG2  sing N N 148 
GLN CG  HG3  sing N N 149 
GLN CD  OE1  doub N N 150 
GLN CD  NE2  sing N N 151 
GLN NE2 HE21 sing N N 152 
GLN NE2 HE22 sing N N 153 
GLN OXT HXT  sing N N 154 
GLU N   CA   sing N N 155 
GLU N   H    sing N N 156 
GLU N   H2   sing N N 157 
GLU CA  C    sing N N 158 
GLU CA  CB   sing N N 159 
GLU CA  HA   sing N N 160 
GLU C   O    doub N N 161 
GLU C   OXT  sing N N 162 
GLU CB  CG   sing N N 163 
GLU CB  HB2  sing N N 164 
GLU CB  HB3  sing N N 165 
GLU CG  CD   sing N N 166 
GLU CG  HG2  sing N N 167 
GLU CG  HG3  sing N N 168 
GLU CD  OE1  doub N N 169 
GLU CD  OE2  sing N N 170 
GLU OE2 HE2  sing N N 171 
GLU OXT HXT  sing N N 172 
GLY N   CA   sing N N 173 
GLY N   H    sing N N 174 
GLY N   H2   sing N N 175 
GLY CA  C    sing N N 176 
GLY CA  HA2  sing N N 177 
GLY CA  HA3  sing N N 178 
GLY C   O    doub N N 179 
GLY C   OXT  sing N N 180 
GLY OXT HXT  sing N N 181 
HIS N   CA   sing N N 182 
HIS N   H    sing N N 183 
HIS N   H2   sing N N 184 
HIS CA  C    sing N N 185 
HIS CA  CB   sing N N 186 
HIS CA  HA   sing N N 187 
HIS C   O    doub N N 188 
HIS C   OXT  sing N N 189 
HIS CB  CG   sing N N 190 
HIS CB  HB2  sing N N 191 
HIS CB  HB3  sing N N 192 
HIS CG  ND1  sing Y N 193 
HIS CG  CD2  doub Y N 194 
HIS ND1 CE1  doub Y N 195 
HIS ND1 HD1  sing N N 196 
HIS CD2 NE2  sing Y N 197 
HIS CD2 HD2  sing N N 198 
HIS CE1 NE2  sing Y N 199 
HIS CE1 HE1  sing N N 200 
HIS NE2 HE2  sing N N 201 
HIS OXT HXT  sing N N 202 
HOH O   H1   sing N N 203 
HOH O   H2   sing N N 204 
ILE N   CA   sing N N 205 
ILE N   H    sing N N 206 
ILE N   H2   sing N N 207 
ILE CA  C    sing N N 208 
ILE CA  CB   sing N N 209 
ILE CA  HA   sing N N 210 
ILE C   O    doub N N 211 
ILE C   OXT  sing N N 212 
ILE CB  CG1  sing N N 213 
ILE CB  CG2  sing N N 214 
ILE CB  HB   sing N N 215 
ILE CG1 CD1  sing N N 216 
ILE CG1 HG12 sing N N 217 
ILE CG1 HG13 sing N N 218 
ILE CG2 HG21 sing N N 219 
ILE CG2 HG22 sing N N 220 
ILE CG2 HG23 sing N N 221 
ILE CD1 HD11 sing N N 222 
ILE CD1 HD12 sing N N 223 
ILE CD1 HD13 sing N N 224 
ILE OXT HXT  sing N N 225 
LEU N   CA   sing N N 226 
LEU N   H    sing N N 227 
LEU N   H2   sing N N 228 
LEU CA  C    sing N N 229 
LEU CA  CB   sing N N 230 
LEU CA  HA   sing N N 231 
LEU C   O    doub N N 232 
LEU C   OXT  sing N N 233 
LEU CB  CG   sing N N 234 
LEU CB  HB2  sing N N 235 
LEU CB  HB3  sing N N 236 
LEU CG  CD1  sing N N 237 
LEU CG  CD2  sing N N 238 
LEU CG  HG   sing N N 239 
LEU CD1 HD11 sing N N 240 
LEU CD1 HD12 sing N N 241 
LEU CD1 HD13 sing N N 242 
LEU CD2 HD21 sing N N 243 
LEU CD2 HD22 sing N N 244 
LEU CD2 HD23 sing N N 245 
LEU OXT HXT  sing N N 246 
LYS N   CA   sing N N 247 
LYS N   H    sing N N 248 
LYS N   H2   sing N N 249 
LYS CA  C    sing N N 250 
LYS CA  CB   sing N N 251 
LYS CA  HA   sing N N 252 
LYS C   O    doub N N 253 
LYS C   OXT  sing N N 254 
LYS CB  CG   sing N N 255 
LYS CB  HB2  sing N N 256 
LYS CB  HB3  sing N N 257 
LYS CG  CD   sing N N 258 
LYS CG  HG2  sing N N 259 
LYS CG  HG3  sing N N 260 
LYS CD  CE   sing N N 261 
LYS CD  HD2  sing N N 262 
LYS CD  HD3  sing N N 263 
LYS CE  NZ   sing N N 264 
LYS CE  HE2  sing N N 265 
LYS CE  HE3  sing N N 266 
LYS NZ  HZ1  sing N N 267 
LYS NZ  HZ2  sing N N 268 
LYS NZ  HZ3  sing N N 269 
LYS OXT HXT  sing N N 270 
MET N   CA   sing N N 271 
MET N   H    sing N N 272 
MET N   H2   sing N N 273 
MET CA  C    sing N N 274 
MET CA  CB   sing N N 275 
MET CA  HA   sing N N 276 
MET C   O    doub N N 277 
MET C   OXT  sing N N 278 
MET CB  CG   sing N N 279 
MET CB  HB2  sing N N 280 
MET CB  HB3  sing N N 281 
MET CG  SD   sing N N 282 
MET CG  HG2  sing N N 283 
MET CG  HG3  sing N N 284 
MET SD  CE   sing N N 285 
MET CE  HE1  sing N N 286 
MET CE  HE2  sing N N 287 
MET CE  HE3  sing N N 288 
MET OXT HXT  sing N N 289 
PHE N   CA   sing N N 290 
PHE N   H    sing N N 291 
PHE N   H2   sing N N 292 
PHE CA  C    sing N N 293 
PHE CA  CB   sing N N 294 
PHE CA  HA   sing N N 295 
PHE C   O    doub N N 296 
PHE C   OXT  sing N N 297 
PHE CB  CG   sing N N 298 
PHE CB  HB2  sing N N 299 
PHE CB  HB3  sing N N 300 
PHE CG  CD1  doub Y N 301 
PHE CG  CD2  sing Y N 302 
PHE CD1 CE1  sing Y N 303 
PHE CD1 HD1  sing N N 304 
PHE CD2 CE2  doub Y N 305 
PHE CD2 HD2  sing N N 306 
PHE CE1 CZ   doub Y N 307 
PHE CE1 HE1  sing N N 308 
PHE CE2 CZ   sing Y N 309 
PHE CE2 HE2  sing N N 310 
PHE CZ  HZ   sing N N 311 
PHE OXT HXT  sing N N 312 
PRO N   CA   sing N N 313 
PRO N   CD   sing N N 314 
PRO N   H    sing N N 315 
PRO CA  C    sing N N 316 
PRO CA  CB   sing N N 317 
PRO CA  HA   sing N N 318 
PRO C   O    doub N N 319 
PRO C   OXT  sing N N 320 
PRO CB  CG   sing N N 321 
PRO CB  HB2  sing N N 322 
PRO CB  HB3  sing N N 323 
PRO CG  CD   sing N N 324 
PRO CG  HG2  sing N N 325 
PRO CG  HG3  sing N N 326 
PRO CD  HD2  sing N N 327 
PRO CD  HD3  sing N N 328 
PRO OXT HXT  sing N N 329 
SER N   CA   sing N N 330 
SER N   H    sing N N 331 
SER N   H2   sing N N 332 
SER CA  C    sing N N 333 
SER CA  CB   sing N N 334 
SER CA  HA   sing N N 335 
SER C   O    doub N N 336 
SER C   OXT  sing N N 337 
SER CB  OG   sing N N 338 
SER CB  HB2  sing N N 339 
SER CB  HB3  sing N N 340 
SER OG  HG   sing N N 341 
SER OXT HXT  sing N N 342 
THR N   CA   sing N N 343 
THR N   H    sing N N 344 
THR N   H2   sing N N 345 
THR CA  C    sing N N 346 
THR CA  CB   sing N N 347 
THR CA  HA   sing N N 348 
THR C   O    doub N N 349 
THR C   OXT  sing N N 350 
THR CB  OG1  sing N N 351 
THR CB  CG2  sing N N 352 
THR CB  HB   sing N N 353 
THR OG1 HG1  sing N N 354 
THR CG2 HG21 sing N N 355 
THR CG2 HG22 sing N N 356 
THR CG2 HG23 sing N N 357 
THR OXT HXT  sing N N 358 
TRP N   CA   sing N N 359 
TRP N   H    sing N N 360 
TRP N   H2   sing N N 361 
TRP CA  C    sing N N 362 
TRP CA  CB   sing N N 363 
TRP CA  HA   sing N N 364 
TRP C   O    doub N N 365 
TRP C   OXT  sing N N 366 
TRP CB  CG   sing N N 367 
TRP CB  HB2  sing N N 368 
TRP CB  HB3  sing N N 369 
TRP CG  CD1  doub Y N 370 
TRP CG  CD2  sing Y N 371 
TRP CD1 NE1  sing Y N 372 
TRP CD1 HD1  sing N N 373 
TRP CD2 CE2  doub Y N 374 
TRP CD2 CE3  sing Y N 375 
TRP NE1 CE2  sing Y N 376 
TRP NE1 HE1  sing N N 377 
TRP CE2 CZ2  sing Y N 378 
TRP CE3 CZ3  doub Y N 379 
TRP CE3 HE3  sing N N 380 
TRP CZ2 CH2  doub Y N 381 
TRP CZ2 HZ2  sing N N 382 
TRP CZ3 CH2  sing Y N 383 
TRP CZ3 HZ3  sing N N 384 
TRP CH2 HH2  sing N N 385 
TRP OXT HXT  sing N N 386 
TYR N   CA   sing N N 387 
TYR N   H    sing N N 388 
TYR N   H2   sing N N 389 
TYR CA  C    sing N N 390 
TYR CA  CB   sing N N 391 
TYR CA  HA   sing N N 392 
TYR C   O    doub N N 393 
TYR C   OXT  sing N N 394 
TYR CB  CG   sing N N 395 
TYR CB  HB2  sing N N 396 
TYR CB  HB3  sing N N 397 
TYR CG  CD1  doub Y N 398 
TYR CG  CD2  sing Y N 399 
TYR CD1 CE1  sing Y N 400 
TYR CD1 HD1  sing N N 401 
TYR CD2 CE2  doub Y N 402 
TYR CD2 HD2  sing N N 403 
TYR CE1 CZ   doub Y N 404 
TYR CE1 HE1  sing N N 405 
TYR CE2 CZ   sing Y N 406 
TYR CE2 HE2  sing N N 407 
TYR CZ  OH   sing N N 408 
TYR OH  HH   sing N N 409 
TYR OXT HXT  sing N N 410 
VAL N   CA   sing N N 411 
VAL N   H    sing N N 412 
VAL N   H2   sing N N 413 
VAL CA  C    sing N N 414 
VAL CA  CB   sing N N 415 
VAL CA  HA   sing N N 416 
VAL C   O    doub N N 417 
VAL C   OXT  sing N N 418 
VAL CB  CG1  sing N N 419 
VAL CB  CG2  sing N N 420 
VAL CB  HB   sing N N 421 
VAL CG1 HG11 sing N N 422 
VAL CG1 HG12 sing N N 423 
VAL CG1 HG13 sing N N 424 
VAL CG2 HG21 sing N N 425 
VAL CG2 HG22 sing N N 426 
VAL CG2 HG23 sing N N 427 
VAL OXT HXT  sing N N 428 
# 
_pdbx_initial_refinement_model.accession_code   ? 
_pdbx_initial_refinement_model.id               1 
_pdbx_initial_refinement_model.entity_id_list   ? 
_pdbx_initial_refinement_model.type             other 
_pdbx_initial_refinement_model.source_name      ? 
_pdbx_initial_refinement_model.details          'Apo BRD4 Bromodomain 2' 
# 
_atom_sites.entry_id                    5UEQ 
_atom_sites.fract_transf_matrix[1][1]   0.00064046 
_atom_sites.fract_transf_matrix[1][2]   0.00935049 
_atom_sites.fract_transf_matrix[1][3]   0.01261675 
_atom_sites.fract_transf_matrix[2][1]   -0.01305136 
_atom_sites.fract_transf_matrix[2][2]   -0.00415967 
_atom_sites.fract_transf_matrix[2][3]   0.00374533 
_atom_sites.fract_transf_matrix[3][1]   0.01168357 
_atom_sites.fract_transf_matrix[3][2]   -0.02230699 
_atom_sites.fract_transf_matrix[3][3]   0.01593900 
_atom_sites.fract_transf_vector[1]      0.172281 
_atom_sites.fract_transf_vector[2]      -0.001661 
_atom_sites.fract_transf_vector[3]      0.418798 
# 
loop_
_atom_type.symbol 
C 
N 
O 
S 
# 
loop_
_atom_site.group_PDB 
_atom_site.id 
_atom_site.type_symbol 
_atom_site.label_atom_id 
_atom_site.label_alt_id 
_atom_site.label_comp_id 
_atom_site.label_asym_id 
_atom_site.label_entity_id 
_atom_site.label_seq_id 
_atom_site.pdbx_PDB_ins_code 
_atom_site.Cartn_x 
_atom_site.Cartn_y 
_atom_site.Cartn_z 
_atom_site.occupancy 
_atom_site.B_iso_or_equiv 
_atom_site.pdbx_formal_charge 
_atom_site.auth_seq_id 
_atom_site.auth_comp_id 
_atom_site.auth_asym_id 
_atom_site.auth_atom_id 
_atom_site.pdbx_PDB_model_num 
ATOM   1    N N   . MET A 1 3   ? -19.653 5.568   -5.915  1.00 55.74 ? 351 MET A N   1 
ATOM   2    C CA  . MET A 1 3   ? -19.886 4.253   -6.512  1.00 55.02 ? 351 MET A CA  1 
ATOM   3    C C   . MET A 1 3   ? -19.879 3.144   -5.452  1.00 55.92 ? 351 MET A C   1 
ATOM   4    O O   . MET A 1 3   ? -19.364 3.338   -4.347  1.00 55.78 ? 351 MET A O   1 
ATOM   5    C CB  . MET A 1 3   ? -18.829 3.960   -7.597  1.00 57.74 ? 351 MET A CB  1 
ATOM   6    C CG  . MET A 1 3   ? -19.410 3.420   -8.899  1.00 61.94 ? 351 MET A CG  1 
ATOM   7    S SD  . MET A 1 3   ? -19.848 1.658   -8.867  1.00 66.80 ? 351 MET A SD  1 
ATOM   8    C CE  . MET A 1 3   ? -21.644 1.766   -9.103  1.00 63.61 ? 351 MET A CE  1 
ATOM   9    N N   . GLU A 1 4   ? -20.461 1.980   -5.803  1.00 49.48 ? 352 GLU A N   1 
ATOM   10   C CA  . GLU A 1 4   ? -20.515 0.775   -4.973  1.00 47.91 ? 352 GLU A CA  1 
ATOM   11   C C   . GLU A 1 4   ? -19.090 0.221   -4.827  1.00 47.07 ? 352 GLU A C   1 
ATOM   12   O O   . GLU A 1 4   ? -18.720 -0.227  -3.740  1.00 46.37 ? 352 GLU A O   1 
ATOM   13   C CB  . GLU A 1 4   ? -21.418 -0.298  -5.622  1.00 49.62 ? 352 GLU A CB  1 
ATOM   14   C CG  . GLU A 1 4   ? -22.875 0.106   -5.805  1.00 63.63 ? 352 GLU A CG  1 
ATOM   15   C CD  . GLU A 1 4   ? -23.679 -0.805  -6.718  1.00 89.60 ? 352 GLU A CD  1 
ATOM   16   O OE1 . GLU A 1 4   ? -23.255 -1.025  -7.877  1.00 83.16 ? 352 GLU A OE1 1 
ATOM   17   O OE2 . GLU A 1 4   ? -24.754 -1.276  -6.282  1.00 86.14 ? 352 GLU A OE2 1 
ATOM   18   N N   . GLN A 1 5   ? -18.286 0.277   -5.920  1.00 39.86 ? 353 GLN A N   1 
ATOM   19   C CA  . GLN A 1 5   ? -16.899 -0.201  -5.920  1.00 37.86 ? 353 GLN A CA  1 
ATOM   20   C C   . GLN A 1 5   ? -16.006 0.603   -4.967  1.00 37.81 ? 353 GLN A C   1 
ATOM   21   O O   . GLN A 1 5   ? -15.073 0.027   -4.420  1.00 36.77 ? 353 GLN A O   1 
ATOM   22   C CB  . GLN A 1 5   ? -16.297 -0.309  -7.335  1.00 39.18 ? 353 GLN A CB  1 
ATOM   23   C CG  . GLN A 1 5   ? -16.281 0.977   -8.157  1.00 51.57 ? 353 GLN A CG  1 
ATOM   24   C CD  . GLN A 1 5   ? -15.911 0.705   -9.596  1.00 58.58 ? 353 GLN A CD  1 
ATOM   25   O OE1 . GLN A 1 5   ? -14.811 1.007   -10.037 1.00 45.13 ? 353 GLN A OE1 1 
ATOM   26   N NE2 . GLN A 1 5   ? -16.814 0.105   -10.362 1.00 56.94 ? 353 GLN A NE2 1 
ATOM   27   N N   . LEU A 1 6   ? -16.333 1.889   -4.701  1.00 32.06 ? 354 LEU A N   1 
ATOM   28   C CA  . LEU A 1 6   ? -15.574 2.695   -3.737  1.00 30.87 ? 354 LEU A CA  1 
ATOM   29   C C   . LEU A 1 6   ? -15.853 2.240   -2.292  1.00 35.27 ? 354 LEU A C   1 
ATOM   30   O O   . LEU A 1 6   ? -14.976 2.370   -1.430  1.00 34.26 ? 354 LEU A O   1 
ATOM   31   C CB  . LEU A 1 6   ? -15.757 4.213   -3.937  1.00 30.06 ? 354 LEU A CB  1 
ATOM   32   C CG  . LEU A 1 6   ? -15.124 4.818   -5.215  1.00 33.11 ? 354 LEU A CG  1 
ATOM   33   C CD1 . LEU A 1 6   ? -15.529 6.265   -5.389  1.00 32.39 ? 354 LEU A CD1 1 
ATOM   34   C CD2 . LEU A 1 6   ? -13.591 4.725   -5.192  1.00 33.06 ? 354 LEU A CD2 1 
ATOM   35   N N   . LYS A 1 7   ? -17.046 1.648   -2.042  1.00 32.28 ? 355 LYS A N   1 
ATOM   36   C CA  . LYS A 1 7   ? -17.395 1.072   -0.731  1.00 32.53 ? 355 LYS A CA  1 
ATOM   37   C C   . LYS A 1 7   ? -16.598 -0.220  -0.558  1.00 34.58 ? 355 LYS A C   1 
ATOM   38   O O   . LYS A 1 7   ? -16.126 -0.508  0.546   1.00 34.75 ? 355 LYS A O   1 
ATOM   39   C CB  . LYS A 1 7   ? -18.901 0.776   -0.612  1.00 36.60 ? 355 LYS A CB  1 
ATOM   40   C CG  . LYS A 1 7   ? -19.787 2.018   -0.664  1.00 58.12 ? 355 LYS A CG  1 
ATOM   41   C CD  . LYS A 1 7   ? -21.248 1.641   -0.885  1.00 70.79 ? 355 LYS A CD  1 
ATOM   42   C CE  . LYS A 1 7   ? -22.108 2.840   -1.206  1.00 80.64 ? 355 LYS A CE  1 
ATOM   43   N NZ  . LYS A 1 7   ? -23.487 2.439   -1.586  1.00 87.01 ? 355 LYS A NZ  1 
ATOM   44   N N   . CYS A 1 8   ? -16.413 -0.980  -1.667  1.00 29.22 ? 356 CYS A N   1 
ATOM   45   C CA  . CYS A 1 8   ? -15.601 -2.198  -1.704  1.00 28.20 ? 356 CYS A CA  1 
ATOM   46   C C   . CYS A 1 8   ? -14.156 -1.828  -1.381  1.00 25.63 ? 356 CYS A C   1 
ATOM   47   O O   . CYS A 1 8   ? -13.479 -2.601  -0.715  1.00 22.66 ? 356 CYS A O   1 
ATOM   48   C CB  . CYS A 1 8   ? -15.701 -2.884  -3.062  1.00 30.17 ? 356 CYS A CB  1 
ATOM   49   S SG  . CYS A 1 8   ? -17.288 -3.705  -3.355  1.00 35.22 ? 356 CYS A SG  1 
ATOM   50   N N   . CYS A 1 9   ? -13.693 -0.645  -1.852  1.00 19.87 ? 357 CYS A N   1 
ATOM   51   C CA  . CYS A 1 9   ? -12.348 -0.157  -1.560  1.00 19.23 ? 357 CYS A CA  1 
ATOM   52   C C   . CYS A 1 9   ? -12.165 0.144   -0.086  1.00 20.25 ? 357 CYS A C   1 
ATOM   53   O O   . CYS A 1 9   ? -11.112 -0.174  0.459   1.00 17.59 ? 357 CYS A O   1 
ATOM   54   C CB  . CYS A 1 9   ? -12.001 1.044   -2.431  1.00 19.85 ? 357 CYS A CB  1 
ATOM   55   S SG  . CYS A 1 9   ? -12.045 0.669   -4.199  1.00 24.68 ? 357 CYS A SG  1 
ATOM   56   N N   . SER A 1 10  ? -13.193 0.722   0.572   1.00 17.48 ? 358 SER A N   1 
ATOM   57   C CA  . SER A 1 10  ? -13.127 0.962   2.024   1.00 17.96 ? 358 SER A CA  1 
ATOM   58   C C   . SER A 1 10  ? -12.947 -0.382  2.776   1.00 19.70 ? 358 SER A C   1 
ATOM   59   O O   . SER A 1 10  ? -12.121 -0.468  3.697   1.00 19.85 ? 358 SER A O   1 
ATOM   60   C CB  . SER A 1 10  ? -14.389 1.667   2.511   1.00 21.93 ? 358 SER A CB  1 
ATOM   61   O OG  A SER A 1 10  ? -14.455 2.966   1.946   0.50 32.35 ? 358 SER A OG  1 
ATOM   62   O OG  B SER A 1 10  ? -14.296 1.984   3.890   0.50 27.79 ? 358 SER A OG  1 
ATOM   63   N N   . GLY A 1 11  ? -13.655 -1.421  2.318   1.00 16.02 ? 359 GLY A N   1 
ATOM   64   C CA  . GLY A 1 11  ? -13.555 -2.770  2.874   1.00 15.28 ? 359 GLY A CA  1 
ATOM   65   C C   . GLY A 1 11  ? -12.181 -3.381  2.669   1.00 18.54 ? 359 GLY A C   1 
ATOM   66   O O   . GLY A 1 11  ? -11.649 -4.038  3.567   1.00 15.67 ? 359 GLY A O   1 
ATOM   67   N N   . ILE A 1 12  ? -11.561 -3.136  1.488   1.00 16.16 ? 360 ILE A N   1 
ATOM   68   C CA  . ILE A 1 12  ? -10.187 -3.610  1.226   1.00 15.01 ? 360 ILE A CA  1 
ATOM   69   C C   . ILE A 1 12  ? -9.226  -3.008  2.262   1.00 16.51 ? 360 ILE A C   1 
ATOM   70   O O   . ILE A 1 12  ? -8.379  -3.725  2.807   1.00 14.33 ? 360 ILE A O   1 
ATOM   71   C CB  . ILE A 1 12  ? -9.735  -3.301  -0.235  1.00 17.74 ? 360 ILE A CB  1 
ATOM   72   C CG1 . ILE A 1 12  ? -10.429 -4.249  -1.224  1.00 19.60 ? 360 ILE A CG1 1 
ATOM   73   C CG2 . ILE A 1 12  ? -8.196  -3.360  -0.393  1.00 19.66 ? 360 ILE A CG2 1 
ATOM   74   C CD1 . ILE A 1 12  ? -10.275 -3.890  -2.707  1.00 22.96 ? 360 ILE A CD1 1 
ATOM   75   N N   . LEU A 1 13  ? -9.357  -1.693  2.532   1.00 14.76 ? 361 LEU A N   1 
ATOM   76   C CA  . LEU A 1 13  ? -8.486  -1.020  3.507   1.00 15.47 ? 361 LEU A CA  1 
ATOM   77   C C   . LEU A 1 13  ? -8.693  -1.546  4.938   1.00 18.79 ? 361 LEU A C   1 
ATOM   78   O O   . LEU A 1 13  ? -7.723  -1.748  5.674   1.00 17.17 ? 361 LEU A O   1 
ATOM   79   C CB  . LEU A 1 13  ? -8.676  0.495   3.450   1.00 15.89 ? 361 LEU A CB  1 
ATOM   80   C CG  . LEU A 1 13  ? -8.089  1.208   2.241   1.00 19.98 ? 361 LEU A CG  1 
ATOM   81   C CD1 . LEU A 1 13  ? -8.386  2.698   2.325   1.00 21.44 ? 361 LEU A CD1 1 
ATOM   82   C CD2 . LEU A 1 13  ? -6.565  0.994   2.141   1.00 20.44 ? 361 LEU A CD2 1 
ATOM   83   N N   . LYS A 1 14  ? -9.948  -1.815  5.314   1.00 15.86 ? 362 LYS A N   1 
ATOM   84   C CA  . LYS A 1 14  ? -10.229 -2.378  6.648   1.00 15.01 ? 362 LYS A CA  1 
ATOM   85   C C   . LYS A 1 14  ? -9.493  -3.725  6.786   1.00 17.55 ? 362 LYS A C   1 
ATOM   86   O O   . LYS A 1 14  ? -8.928  -4.030  7.833   1.00 17.66 ? 362 LYS A O   1 
ATOM   87   C CB  . LYS A 1 14  ? -11.738 -2.577  6.833   1.00 16.03 ? 362 LYS A CB  1 
ATOM   88   C CG  . LYS A 1 14  ? -12.492 -1.276  7.077   1.00 19.86 ? 362 LYS A CG  1 
ATOM   89   C CD  . LYS A 1 14  ? -13.966 -1.557  7.320   1.00 22.86 ? 362 LYS A CD  1 
ATOM   90   C CE  . LYS A 1 14  ? -14.672 -0.338  7.865   1.00 37.15 ? 362 LYS A CE  1 
ATOM   91   N NZ  . LYS A 1 14  ? -15.004 0.628   6.791   1.00 49.54 ? 362 LYS A NZ  1 
ATOM   92   N N   . GLU A 1 15  ? -9.513  -4.536  5.729   1.00 12.64 ? 363 GLU A N   1 
ATOM   93   C CA  . GLU A 1 15  ? -8.855  -5.828  5.767   1.00 11.59 ? 363 GLU A CA  1 
ATOM   94   C C   . GLU A 1 15  ? -7.348  -5.653  5.876   1.00 14.60 ? 363 GLU A C   1 
ATOM   95   O O   . GLU A 1 15  ? -6.734  -6.286  6.723   1.00 15.30 ? 363 GLU A O   1 
ATOM   96   C CB  . GLU A 1 15  ? -9.216  -6.645  4.515   1.00 12.70 ? 363 GLU A CB  1 
ATOM   97   C CG  . GLU A 1 15  ? -8.678  -8.060  4.575   1.00 17.03 ? 363 GLU A CG  1 
ATOM   98   C CD  . GLU A 1 15  ? -9.094  -8.898  3.385   1.00 26.67 ? 363 GLU A CD  1 
ATOM   99   O OE1 . GLU A 1 15  ? -9.327  -8.315  2.308   1.00 21.03 ? 363 GLU A OE1 1 
ATOM   100  O OE2 . GLU A 1 15  ? -9.205  -10.133 3.529   1.00 19.53 ? 363 GLU A OE2 1 
ATOM   101  N N   . MET A 1 16  ? -6.755  -4.770  5.052   1.00 11.79 ? 364 MET A N   1 
ATOM   102  C CA  . MET A 1 16  ? -5.307  -4.535  5.059   1.00 10.18 ? 364 MET A CA  1 
ATOM   103  C C   . MET A 1 16  ? -4.790  -3.976  6.399   1.00 14.83 ? 364 MET A C   1 
ATOM   104  O O   . MET A 1 16  ? -3.655  -4.248  6.778   1.00 13.81 ? 364 MET A O   1 
ATOM   105  C CB  . MET A 1 16  ? -4.906  -3.626  3.883   1.00 11.70 ? 364 MET A CB  1 
ATOM   106  C CG  . MET A 1 16  ? -5.092  -4.328  2.525   1.00 13.77 ? 364 MET A CG  1 
ATOM   107  S SD  . MET A 1 16  ? -4.769  -3.236  1.125   1.00 17.77 ? 364 MET A SD  1 
ATOM   108  C CE  . MET A 1 16  ? -2.999  -3.039  1.258   1.00 16.42 ? 364 MET A CE  1 
ATOM   109  N N   . PHE A 1 17  ? -5.629  -3.229  7.116   1.00 12.20 ? 365 PHE A N   1 
ATOM   110  C CA  . PHE A 1 17  ? -5.260  -2.681  8.430   1.00 12.02 ? 365 PHE A CA  1 
ATOM   111  C C   . PHE A 1 17  ? -5.646  -3.611  9.597   1.00 15.31 ? 365 PHE A C   1 
ATOM   112  O O   . PHE A 1 17  ? -5.349  -3.264  10.744  1.00 16.15 ? 365 PHE A O   1 
ATOM   113  C CB  . PHE A 1 17  ? -5.966  -1.353  8.673   1.00 13.64 ? 365 PHE A CB  1 
ATOM   114  C CG  . PHE A 1 17  ? -5.277  -0.129  8.127   1.00 14.20 ? 365 PHE A CG  1 
ATOM   115  C CD1 . PHE A 1 17  ? -4.153  0.396   8.758   1.00 15.47 ? 365 PHE A CD1 1 
ATOM   116  C CD2 . PHE A 1 17  ? -5.824  0.575   7.056   1.00 17.12 ? 365 PHE A CD2 1 
ATOM   117  C CE1 . PHE A 1 17  ? -3.548  1.572   8.285   1.00 17.17 ? 365 PHE A CE1 1 
ATOM   118  C CE2 . PHE A 1 17  ? -5.231  1.760   6.599   1.00 19.28 ? 365 PHE A CE2 1 
ATOM   119  C CZ  . PHE A 1 17  ? -4.094  2.249   7.217   1.00 18.04 ? 365 PHE A CZ  1 
ATOM   120  N N   . ALA A 1 18  ? -6.307  -4.763  9.326   1.00 13.92 ? 366 ALA A N   1 
ATOM   121  C CA  . ALA A 1 18  ? -6.798  -5.647  10.386  1.00 14.36 ? 366 ALA A CA  1 
ATOM   122  C C   . ALA A 1 18  ? -5.666  -6.302  11.148  1.00 17.15 ? 366 ALA A C   1 
ATOM   123  O O   . ALA A 1 18  ? -4.591  -6.510  10.586  1.00 15.64 ? 366 ALA A O   1 
ATOM   124  C CB  . ALA A 1 18  ? -7.732  -6.717  9.821   1.00 16.00 ? 366 ALA A CB  1 
ATOM   125  N N   . LYS A 1 19  ? -5.924  -6.688  12.409  1.00 14.63 ? 367 LYS A N   1 
ATOM   126  C CA  . LYS A 1 19  ? -4.920  -7.344  13.257  1.00 15.07 ? 367 LYS A CA  1 
ATOM   127  C C   . LYS A 1 19  ? -4.336  -8.623  12.651  1.00 19.04 ? 367 LYS A C   1 
ATOM   128  O O   . LYS A 1 19  ? -3.156  -8.924  12.890  1.00 18.19 ? 367 LYS A O   1 
ATOM   129  C CB  . LYS A 1 19  ? -5.464  -7.652  14.654  1.00 17.80 ? 367 LYS A CB  1 
ATOM   130  C CG  . LYS A 1 19  ? -5.650  -6.420  15.528  1.00 28.55 ? 367 LYS A CG  1 
ATOM   131  C CD  . LYS A 1 19  ? -6.347  -6.807  16.829  1.00 41.42 ? 367 LYS A CD  1 
ATOM   132  C CE  . LYS A 1 19  ? -6.852  -5.622  17.625  1.00 53.73 ? 367 LYS A CE  1 
ATOM   133  N NZ  . LYS A 1 19  ? -7.659  -6.052  18.803  1.00 55.08 ? 367 LYS A NZ  1 
ATOM   134  N N   . LYS A 1 20  ? -5.144  -9.373  11.877  1.00 13.63 ? 368 LYS A N   1 
ATOM   135  C CA  . LYS A 1 20  ? -4.688  -10.636 11.272  1.00 14.23 ? 368 LYS A CA  1 
ATOM   136  C C   . LYS A 1 20  ? -3.420  -10.437 10.413  1.00 17.28 ? 368 LYS A C   1 
ATOM   137  O O   . LYS A 1 20  ? -2.546  -11.307 10.383  1.00 16.87 ? 368 LYS A O   1 
ATOM   138  C CB  . LYS A 1 20  ? -5.838  -11.278 10.451  1.00 17.00 ? 368 LYS A CB  1 
ATOM   139  C CG  . LYS A 1 20  ? -5.450  -12.598 9.772   1.00 21.07 ? 368 LYS A CG  1 
ATOM   140  C CD  . LYS A 1 20  ? -6.629  -13.321 9.172   1.00 21.78 ? 368 LYS A CD  1 
ATOM   141  C CE  . LYS A 1 20  ? -6.124  -14.484 8.346   1.00 30.06 ? 368 LYS A CE  1 
ATOM   142  N NZ  . LYS A 1 20  ? -7.224  -15.312 7.795   1.00 35.65 ? 368 LYS A NZ  1 
ATOM   143  N N   . HIS A 1 21  ? -3.327  -9.290  9.733   1.00 13.50 ? 369 HIS A N   1 
ATOM   144  C CA  . HIS A 1 21  ? -2.233  -9.022  8.806   1.00 13.71 ? 369 HIS A CA  1 
ATOM   145  C C   . HIS A 1 21  ? -1.186  -8.069  9.332   1.00 14.26 ? 369 HIS A C   1 
ATOM   146  O O   . HIS A 1 21  ? -0.268  -7.733  8.593   1.00 13.03 ? 369 HIS A O   1 
ATOM   147  C CB  . HIS A 1 21  ? -2.843  -8.469  7.501   1.00 13.69 ? 369 HIS A CB  1 
ATOM   148  C CG  . HIS A 1 21  ? -3.958  -9.323  6.968   1.00 15.02 ? 369 HIS A CG  1 
ATOM   149  N ND1 . HIS A 1 21  ? -3.724  -10.615 6.526   1.00 16.33 ? 369 HIS A ND1 1 
ATOM   150  C CD2 . HIS A 1 21  ? -5.281  -9.057  6.866   1.00 16.40 ? 369 HIS A CD2 1 
ATOM   151  C CE1 . HIS A 1 21  ? -4.904  -11.092 6.150   1.00 16.74 ? 369 HIS A CE1 1 
ATOM   152  N NE2 . HIS A 1 21  ? -5.875  -10.191 6.330   1.00 16.75 ? 369 HIS A NE2 1 
ATOM   153  N N   . ALA A 1 22  ? -1.333  -7.607  10.588  1.00 12.64 ? 370 ALA A N   1 
ATOM   154  C CA  . ALA A 1 22  ? -0.449  -6.589  11.135  1.00 13.51 ? 370 ALA A CA  1 
ATOM   155  C C   . ALA A 1 22  ? 1.028   -6.978  11.139  1.00 16.39 ? 370 ALA A C   1 
ATOM   156  O O   . ALA A 1 22  ? 1.885   -6.105  10.946  1.00 16.54 ? 370 ALA A O   1 
ATOM   157  C CB  . ALA A 1 22  ? -0.914  -6.169  12.532  1.00 14.66 ? 370 ALA A CB  1 
ATOM   158  N N   . ALA A 1 23  ? 1.342   -8.281  11.339  1.00 13.34 ? 371 ALA A N   1 
ATOM   159  C CA  . ALA A 1 23  ? 2.740   -8.726  11.375  1.00 13.94 ? 371 ALA A CA  1 
ATOM   160  C C   . ALA A 1 23  ? 3.547   -8.389  10.124  1.00 18.02 ? 371 ALA A C   1 
ATOM   161  O O   . ALA A 1 23  ? 4.756   -8.185  10.228  1.00 16.92 ? 371 ALA A O   1 
ATOM   162  C CB  . ALA A 1 23  ? 2.830   -10.213 11.673  1.00 14.27 ? 371 ALA A CB  1 
ATOM   163  N N   . TYR A 1 24  ? 2.885   -8.305  8.964   1.00 13.85 ? 372 TYR A N   1 
ATOM   164  C CA  . TYR A 1 24  ? 3.553   -7.942  7.716   1.00 13.20 ? 372 TYR A CA  1 
ATOM   165  C C   . TYR A 1 24  ? 3.051   -6.633  7.115   1.00 15.53 ? 372 TYR A C   1 
ATOM   166  O O   . TYR A 1 24  ? 3.740   -6.080  6.265   1.00 16.81 ? 372 TYR A O   1 
ATOM   167  C CB  . TYR A 1 24  ? 3.494   -9.086  6.676   1.00 15.02 ? 372 TYR A CB  1 
ATOM   168  C CG  . TYR A 1 24  ? 2.149   -9.763  6.537   1.00 15.34 ? 372 TYR A CG  1 
ATOM   169  C CD1 . TYR A 1 24  ? 1.213   -9.321  5.595   1.00 16.58 ? 372 TYR A CD1 1 
ATOM   170  C CD2 . TYR A 1 24  ? 1.844   -10.907 7.272   1.00 15.42 ? 372 TYR A CD2 1 
ATOM   171  C CE1 . TYR A 1 24  ? 0.003   -9.995  5.411   1.00 16.31 ? 372 TYR A CE1 1 
ATOM   172  C CE2 . TYR A 1 24  ? 0.633   -11.567 7.115   1.00 14.84 ? 372 TYR A CE2 1 
ATOM   173  C CZ  . TYR A 1 24  ? -0.275  -11.124 6.168   1.00 20.31 ? 372 TYR A CZ  1 
ATOM   174  O OH  . TYR A 1 24  ? -1.437  -11.833 5.987   1.00 18.43 ? 372 TYR A OH  1 
ATOM   175  N N   . ALA A 1 25  ? 1.853   -6.138  7.520   1.00 12.27 ? 373 ALA A N   1 
ATOM   176  C CA  . ALA A 1 25  ? 1.340   -4.884  6.969   1.00 11.64 ? 373 ALA A CA  1 
ATOM   177  C C   . ALA A 1 25  ? 1.911   -3.631  7.607   1.00 15.84 ? 373 ALA A C   1 
ATOM   178  O O   . ALA A 1 25  ? 1.972   -2.600  6.931   1.00 16.19 ? 373 ALA A O   1 
ATOM   179  C CB  . ALA A 1 25  ? -0.178  -4.853  7.058   1.00 12.51 ? 373 ALA A CB  1 
ATOM   180  N N   . TRP A 1 26  ? 2.294   -3.687  8.897   1.00 14.00 ? 374 TRP A N   1 
ATOM   181  C CA  . TRP A 1 26  ? 2.721   -2.496  9.674   1.00 14.22 ? 374 TRP A CA  1 
ATOM   182  C C   . TRP A 1 26  ? 3.783   -1.571  8.958   1.00 16.34 ? 374 TRP A C   1 
ATOM   183  O O   . TRP A 1 26  ? 3.668   -0.360  9.147   1.00 15.66 ? 374 TRP A O   1 
ATOM   184  C CB  . TRP A 1 26  ? 3.162   -2.844  11.117  1.00 13.71 ? 374 TRP A CB  1 
ATOM   185  C CG  . TRP A 1 26  ? 4.488   -3.527  11.241  1.00 15.26 ? 374 TRP A CG  1 
ATOM   186  C CD1 . TRP A 1 26  ? 4.713   -4.867  11.346  1.00 18.19 ? 374 TRP A CD1 1 
ATOM   187  C CD2 . TRP A 1 26  ? 5.781   -2.895  11.276  1.00 15.76 ? 374 TRP A CD2 1 
ATOM   188  N NE1 . TRP A 1 26  ? 6.069   -5.115  11.426  1.00 19.04 ? 374 TRP A NE1 1 
ATOM   189  C CE2 . TRP A 1 26  ? 6.746   -3.922  11.370  1.00 20.25 ? 374 TRP A CE2 1 
ATOM   190  C CE3 . TRP A 1 26  ? 6.220   -1.557  11.183  1.00 17.05 ? 374 TRP A CE3 1 
ATOM   191  C CZ2 . TRP A 1 26  ? 8.123   -3.656  11.391  1.00 20.43 ? 374 TRP A CZ2 1 
ATOM   192  C CZ3 . TRP A 1 26  ? 7.586   -1.294  11.214  1.00 19.33 ? 374 TRP A CZ3 1 
ATOM   193  C CH2 . TRP A 1 26  ? 8.519   -2.331  11.313  1.00 20.06 ? 374 TRP A CH2 1 
ATOM   194  N N   . PRO A 1 27  ? 4.781   -2.054  8.151   1.00 13.65 ? 375 PRO A N   1 
ATOM   195  C CA  . PRO A 1 27  ? 5.729   -1.110  7.514   1.00 13.66 ? 375 PRO A CA  1 
ATOM   196  C C   . PRO A 1 27  ? 5.086   -0.241  6.426   1.00 14.50 ? 375 PRO A C   1 
ATOM   197  O O   . PRO A 1 27  ? 5.711   0.686   5.927   1.00 14.38 ? 375 PRO A O   1 
ATOM   198  C CB  . PRO A 1 27  ? 6.798   -2.036  6.893   1.00 15.24 ? 375 PRO A CB  1 
ATOM   199  C CG  . PRO A 1 27  ? 6.648   -3.350  7.632   1.00 18.17 ? 375 PRO A CG  1 
ATOM   200  C CD  . PRO A 1 27  ? 5.155   -3.450  7.833   1.00 14.58 ? 375 PRO A CD  1 
ATOM   201  N N   . PHE A 1 28  ? 3.824   -0.537  6.078   1.00 12.77 ? 376 PHE A N   1 
ATOM   202  C CA  . PHE A 1 28  ? 3.083   0.140   5.007   1.00 12.36 ? 376 PHE A CA  1 
ATOM   203  C C   . PHE A 1 28  ? 1.967   1.037   5.541   1.00 16.33 ? 376 PHE A C   1 
ATOM   204  O O   . PHE A 1 28  ? 1.249   1.649   4.751   1.00 15.38 ? 376 PHE A O   1 
ATOM   205  C CB  . PHE A 1 28  ? 2.472   -0.940  4.067   1.00 13.64 ? 376 PHE A CB  1 
ATOM   206  C CG  . PHE A 1 28  ? 3.531   -1.859  3.535   1.00 13.29 ? 376 PHE A CG  1 
ATOM   207  C CD1 . PHE A 1 28  ? 4.350   -1.464  2.484   1.00 14.53 ? 376 PHE A CD1 1 
ATOM   208  C CD2 . PHE A 1 28  ? 3.740   -3.116  4.108   1.00 13.84 ? 376 PHE A CD2 1 
ATOM   209  C CE1 . PHE A 1 28  ? 5.361   -2.303  2.011   1.00 15.18 ? 376 PHE A CE1 1 
ATOM   210  C CE2 . PHE A 1 28  ? 4.773   -3.943  3.651   1.00 16.94 ? 376 PHE A CE2 1 
ATOM   211  C CZ  . PHE A 1 28  ? 5.579   -3.525  2.617   1.00 15.22 ? 376 PHE A CZ  1 
ATOM   212  N N   . TYR A 1 29  ? 1.787   1.084   6.867   1.00 14.23 ? 377 TYR A N   1 
ATOM   213  C CA  . TYR A 1 29  ? 0.689   1.827   7.467   1.00 13.62 ? 377 TYR A CA  1 
ATOM   214  C C   . TYR A 1 29  ? 0.728   3.318   7.235   1.00 18.64 ? 377 TYR A C   1 
ATOM   215  O O   . TYR A 1 29  ? -0.332  3.939   7.183   1.00 19.65 ? 377 TYR A O   1 
ATOM   216  C CB  . TYR A 1 29  ? 0.634   1.588   8.972   1.00 14.60 ? 377 TYR A CB  1 
ATOM   217  C CG  . TYR A 1 29  ? 0.056   0.279   9.446   1.00 14.91 ? 377 TYR A CG  1 
ATOM   218  C CD1 . TYR A 1 29  ? -0.497  -0.636  8.549   1.00 15.79 ? 377 TYR A CD1 1 
ATOM   219  C CD2 . TYR A 1 29  ? 0.033   -0.038  10.799  1.00 16.26 ? 377 TYR A CD2 1 
ATOM   220  C CE1 . TYR A 1 29  ? -1.067  -1.831  8.996   1.00 17.41 ? 377 TYR A CE1 1 
ATOM   221  C CE2 . TYR A 1 29  ? -0.518  -1.228  11.252  1.00 16.86 ? 377 TYR A CE2 1 
ATOM   222  C CZ  . TYR A 1 29  ? -1.061  -2.124  10.351  1.00 19.70 ? 377 TYR A CZ  1 
ATOM   223  O OH  . TYR A 1 29  ? -1.605  -3.280  10.846  1.00 18.84 ? 377 TYR A OH  1 
ATOM   224  N N   . LYS A 1 30  ? 1.927   3.893   7.180   1.00 16.02 ? 378 LYS A N   1 
ATOM   225  C CA  . LYS A 1 30  ? 2.177   5.340   7.067   1.00 16.44 ? 378 LYS A CA  1 
ATOM   226  C C   . LYS A 1 30  ? 3.322   5.577   6.070   1.00 18.29 ? 378 LYS A C   1 
ATOM   227  O O   . LYS A 1 30  ? 4.051   4.624   5.756   1.00 17.16 ? 378 LYS A O   1 
ATOM   228  C CB  . LYS A 1 30  ? 2.673   5.888   8.428   1.00 20.77 ? 378 LYS A CB  1 
ATOM   229  C CG  . LYS A 1 30  ? 1.728   5.803   9.615   1.00 35.17 ? 378 LYS A CG  1 
ATOM   230  C CD  . LYS A 1 30  ? 2.209   6.698   10.794  1.00 43.94 ? 378 LYS A CD  1 
ATOM   231  C CE  . LYS A 1 30  ? 3.673   6.571   11.212  1.00 58.56 ? 378 LYS A CE  1 
ATOM   232  N NZ  . LYS A 1 30  ? 3.891   5.592   12.314  1.00 63.67 ? 378 LYS A NZ  1 
ATOM   233  N N   . PRO A 1 31  ? 3.560   6.835   5.620   1.00 16.47 ? 379 PRO A N   1 
ATOM   234  C CA  . PRO A 1 31  ? 4.663   7.073   4.681   1.00 16.31 ? 379 PRO A CA  1 
ATOM   235  C C   . PRO A 1 31  ? 6.007   6.595   5.233   1.00 17.80 ? 379 PRO A C   1 
ATOM   236  O O   . PRO A 1 31  ? 6.224   6.658   6.440   1.00 16.53 ? 379 PRO A O   1 
ATOM   237  C CB  . PRO A 1 31  ? 4.676   8.602   4.535   1.00 18.94 ? 379 PRO A CB  1 
ATOM   238  C CG  . PRO A 1 31  ? 3.287   9.030   4.829   1.00 22.71 ? 379 PRO A CG  1 
ATOM   239  C CD  . PRO A 1 31  ? 2.785   8.076   5.868   1.00 19.05 ? 379 PRO A CD  1 
ATOM   240  N N   . VAL A 1 32  ? 6.896   6.084   4.363   1.00 15.64 ? 380 VAL A N   1 
ATOM   241  C CA  . VAL A 1 32  ? 8.239   5.655   4.789   1.00 14.55 ? 380 VAL A CA  1 
ATOM   242  C C   . VAL A 1 32  ? 8.914   6.904   5.402   1.00 19.32 ? 380 VAL A C   1 
ATOM   243  O O   . VAL A 1 32  ? 8.958   7.947   4.742   1.00 17.96 ? 380 VAL A O   1 
ATOM   244  C CB  . VAL A 1 32  ? 9.059   5.138   3.585   1.00 18.15 ? 380 VAL A CB  1 
ATOM   245  C CG1 . VAL A 1 32  ? 10.521  4.893   3.961   1.00 18.67 ? 380 VAL A CG1 1 
ATOM   246  C CG2 . VAL A 1 32  ? 8.437   3.893   2.969   1.00 17.37 ? 380 VAL A CG2 1 
ATOM   247  N N   . ASP A 1 33  ? 9.373   6.812   6.667   1.00 17.32 ? 381 ASP A N   1 
ATOM   248  C CA  . ASP A 1 33  ? 10.000  7.949   7.364   1.00 18.41 ? 381 ASP A CA  1 
ATOM   249  C C   . ASP A 1 33  ? 11.481  7.939   6.991   1.00 20.66 ? 381 ASP A C   1 
ATOM   250  O O   . ASP A 1 33  ? 12.295  7.323   7.671   1.00 18.43 ? 381 ASP A O   1 
ATOM   251  C CB  . ASP A 1 33  ? 9.782   7.822   8.882   1.00 20.67 ? 381 ASP A CB  1 
ATOM   252  C CG  . ASP A 1 33  ? 10.166  9.046   9.700   1.00 29.17 ? 381 ASP A CG  1 
ATOM   253  O OD1 . ASP A 1 33  ? 11.064  9.800   9.267   1.00 28.74 ? 381 ASP A OD1 1 
ATOM   254  O OD2 . ASP A 1 33  ? 9.605   9.220   10.796  1.00 34.41 ? 381 ASP A OD2 1 
ATOM   255  N N   . VAL A 1 34  ? 11.807  8.558   5.853   1.00 21.04 ? 382 VAL A N   1 
ATOM   256  C CA  . VAL A 1 34  ? 13.159  8.553   5.290   1.00 22.07 ? 382 VAL A CA  1 
ATOM   257  C C   . VAL A 1 34  ? 14.202  9.117   6.285   1.00 26.19 ? 382 VAL A C   1 
ATOM   258  O O   . VAL A 1 34  ? 15.273  8.523   6.439   1.00 25.15 ? 382 VAL A O   1 
ATOM   259  C CB  . VAL A 1 34  ? 13.214  9.228   3.886   1.00 27.83 ? 382 VAL A CB  1 
ATOM   260  C CG1 . VAL A 1 34  ? 12.280  8.523   2.914   1.00 27.74 ? 382 VAL A CG1 1 
ATOM   261  C CG2 . VAL A 1 34  ? 12.876  10.714  3.953   1.00 28.73 ? 382 VAL A CG2 1 
ATOM   262  N N   . GLU A 1 35  ? 13.844  10.193  7.012   1.00 25.25 ? 383 GLU A N   1 
ATOM   263  C CA  . GLU A 1 35  ? 14.732  10.820  8.007   1.00 25.81 ? 383 GLU A CA  1 
ATOM   264  C C   . GLU A 1 35  ? 15.051  9.899   9.180   1.00 28.27 ? 383 GLU A C   1 
ATOM   265  O O   . GLU A 1 35  ? 16.225  9.733   9.506   1.00 28.86 ? 383 GLU A O   1 
ATOM   266  C CB  . GLU A 1 35  ? 14.174  12.174  8.496   1.00 27.82 ? 383 GLU A CB  1 
ATOM   267  C CG  . GLU A 1 35  ? 14.140  13.253  7.423   1.00 42.16 ? 383 GLU A CG  1 
ATOM   268  C CD  . GLU A 1 35  ? 15.477  13.701  6.855   1.00 64.08 ? 383 GLU A CD  1 
ATOM   269  O OE1 . GLU A 1 35  ? 16.459  13.785  7.630   1.00 48.57 ? 383 GLU A OE1 1 
ATOM   270  O OE2 . GLU A 1 35  ? 15.530  13.999  5.638   1.00 57.44 ? 383 GLU A OE2 1 
ATOM   271  N N   . ALA A 1 36  ? 14.028  9.264   9.796   1.00 24.20 ? 384 ALA A N   1 
ATOM   272  C CA  . ALA A 1 36  ? 14.226  8.342   10.914  1.00 23.41 ? 384 ALA A CA  1 
ATOM   273  C C   . ALA A 1 36  ? 14.946  7.062   10.515  1.00 25.36 ? 384 ALA A C   1 
ATOM   274  O O   . ALA A 1 36  ? 15.668  6.499   11.328  1.00 25.52 ? 384 ALA A O   1 
ATOM   275  C CB  . ALA A 1 36  ? 12.896  7.997   11.557  1.00 24.32 ? 384 ALA A CB  1 
ATOM   276  N N   . LEU A 1 37  ? 14.731  6.589   9.285   1.00 20.58 ? 385 LEU A N   1 
ATOM   277  C CA  . LEU A 1 37  ? 15.330  5.345   8.791   1.00 19.03 ? 385 LEU A CA  1 
ATOM   278  C C   . LEU A 1 37  ? 16.676  5.526   8.066   1.00 22.49 ? 385 LEU A C   1 
ATOM   279  O O   . LEU A 1 37  ? 17.320  4.530   7.732   1.00 21.85 ? 385 LEU A O   1 
ATOM   280  C CB  . LEU A 1 37  ? 14.333  4.581   7.894   1.00 18.58 ? 385 LEU A CB  1 
ATOM   281  C CG  . LEU A 1 37  ? 13.025  4.117   8.585   1.00 21.76 ? 385 LEU A CG  1 
ATOM   282  C CD1 . LEU A 1 37  ? 11.920  3.812   7.551   1.00 22.19 ? 385 LEU A CD1 1 
ATOM   283  C CD2 . LEU A 1 37  ? 13.266  2.937   9.493   1.00 24.84 ? 385 LEU A CD2 1 
ATOM   284  N N   . GLY A 1 38  ? 17.072  6.777   7.828   1.00 20.60 ? 386 GLY A N   1 
ATOM   285  C CA  . GLY A 1 38  ? 18.310  7.102   7.121   1.00 20.37 ? 386 GLY A CA  1 
ATOM   286  C C   . GLY A 1 38  ? 18.304  6.672   5.663   1.00 22.31 ? 386 GLY A C   1 
ATOM   287  O O   . GLY A 1 38  ? 19.360  6.378   5.099   1.00 22.57 ? 386 GLY A O   1 
ATOM   288  N N   . LEU A 1 39  ? 17.112  6.624   5.035   1.00 17.84 ? 387 LEU A N   1 
ATOM   289  C CA  . LEU A 1 39  ? 16.993  6.208   3.634   1.00 16.25 ? 387 LEU A CA  1 
ATOM   290  C C   . LEU A 1 39  ? 17.087  7.456   2.746   1.00 19.19 ? 387 LEU A C   1 
ATOM   291  O O   . LEU A 1 39  ? 16.155  7.789   2.015   1.00 18.37 ? 387 LEU A O   1 
ATOM   292  C CB  . LEU A 1 39  ? 15.662  5.448   3.422   1.00 15.83 ? 387 LEU A CB  1 
ATOM   293  C CG  . LEU A 1 39  ? 15.451  4.251   4.346   1.00 21.18 ? 387 LEU A CG  1 
ATOM   294  C CD1 . LEU A 1 39  ? 14.101  3.611   4.110   1.00 21.97 ? 387 LEU A CD1 1 
ATOM   295  C CD2 . LEU A 1 39  ? 16.591  3.231   4.213   1.00 24.26 ? 387 LEU A CD2 1 
ATOM   296  N N   . HIS A 1 40  ? 18.232  8.145   2.796   1.00 17.81 ? 388 HIS A N   1 
ATOM   297  C CA  . HIS A 1 40  ? 18.384  9.418   2.067   1.00 17.41 ? 388 HIS A CA  1 
ATOM   298  C C   . HIS A 1 40  ? 18.500  9.269   0.540   1.00 22.61 ? 388 HIS A C   1 
ATOM   299  O O   . HIS A 1 40  ? 18.557  10.282  -0.170  1.00 23.72 ? 388 HIS A O   1 
ATOM   300  C CB  . HIS A 1 40  ? 19.545  10.241  2.658   1.00 17.71 ? 388 HIS A CB  1 
ATOM   301  C CG  . HIS A 1 40  ? 19.369  10.467  4.126   1.00 20.13 ? 388 HIS A CG  1 
ATOM   302  N ND1 . HIS A 1 40  ? 18.390  11.311  4.608   1.00 21.65 ? 388 HIS A ND1 1 
ATOM   303  C CD2 . HIS A 1 40  ? 19.999  9.888   5.170   1.00 21.01 ? 388 HIS A CD2 1 
ATOM   304  C CE1 . HIS A 1 40  ? 18.457  11.225  5.928   1.00 21.00 ? 388 HIS A CE1 1 
ATOM   305  N NE2 . HIS A 1 40  ? 19.422  10.393  6.311   1.00 21.32 ? 388 HIS A NE2 1 
ATOM   306  N N   . ASP A 1 41  ? 18.452  8.024   0.027   1.00 18.45 ? 389 ASP A N   1 
ATOM   307  C CA  . ASP A 1 41  ? 18.466  7.762   -1.414  1.00 17.16 ? 389 ASP A CA  1 
ATOM   308  C C   . ASP A 1 41  ? 17.028  7.425   -1.890  1.00 21.35 ? 389 ASP A C   1 
ATOM   309  O O   . ASP A 1 41  ? 16.806  7.262   -3.085  1.00 20.16 ? 389 ASP A O   1 
ATOM   310  C CB  . ASP A 1 41  ? 19.396  6.567   -1.733  1.00 19.03 ? 389 ASP A CB  1 
ATOM   311  C CG  . ASP A 1 41  ? 19.077  5.251   -1.014  1.00 23.57 ? 389 ASP A CG  1 
ATOM   312  O OD1 . ASP A 1 41  ? 18.308  5.278   -0.024  1.00 21.54 ? 389 ASP A OD1 1 
ATOM   313  O OD2 . ASP A 1 41  ? 19.633  4.200   -1.419  1.00 26.60 ? 389 ASP A OD2 1 
ATOM   314  N N   . TYR A 1 42  ? 16.076  7.278   -0.954  1.00 18.48 ? 390 TYR A N   1 
ATOM   315  C CA  . TYR A 1 42  ? 14.711  6.854   -1.289  1.00 18.16 ? 390 TYR A CA  1 
ATOM   316  C C   . TYR A 1 42  ? 14.017  7.732   -2.324  1.00 22.65 ? 390 TYR A C   1 
ATOM   317  O O   . TYR A 1 42  ? 13.454  7.196   -3.271  1.00 21.95 ? 390 TYR A O   1 
ATOM   318  C CB  . TYR A 1 42  ? 13.853  6.715   -0.026  1.00 18.17 ? 390 TYR A CB  1 
ATOM   319  C CG  . TYR A 1 42  ? 12.555  5.962   -0.244  1.00 17.15 ? 390 TYR A CG  1 
ATOM   320  C CD1 . TYR A 1 42  ? 12.517  4.568   -0.196  1.00 18.20 ? 390 TYR A CD1 1 
ATOM   321  C CD2 . TYR A 1 42  ? 11.354  6.644   -0.413  1.00 17.81 ? 390 TYR A CD2 1 
ATOM   322  C CE1 . TYR A 1 42  ? 11.321  3.874   -0.369  1.00 17.69 ? 390 TYR A CE1 1 
ATOM   323  C CE2 . TYR A 1 42  ? 10.151  5.959   -0.592  1.00 18.34 ? 390 TYR A CE2 1 
ATOM   324  C CZ  . TYR A 1 42  ? 10.145  4.575   -0.582  1.00 21.61 ? 390 TYR A CZ  1 
ATOM   325  O OH  . TYR A 1 42  ? 8.963   3.893   -0.747  1.00 20.08 ? 390 TYR A OH  1 
ATOM   326  N N   . CYS A 1 43  ? 14.065  9.052   -2.161  1.00 20.74 ? 391 CYS A N   1 
ATOM   327  C CA  . CYS A 1 43  ? 13.402  9.982   -3.076  1.00 22.11 ? 391 CYS A CA  1 
ATOM   328  C C   . CYS A 1 43  ? 14.060  10.058  -4.462  1.00 23.42 ? 391 CYS A C   1 
ATOM   329  O O   . CYS A 1 43  ? 13.414  10.454  -5.435  1.00 23.51 ? 391 CYS A O   1 
ATOM   330  C CB  . CYS A 1 43  ? 13.269  11.351  -2.431  1.00 24.30 ? 391 CYS A CB  1 
ATOM   331  S SG  A CYS A 1 43  ? 14.845  12.237  -2.277  0.50 28.96 ? 391 CYS A SG  1 
ATOM   332  S SG  B CYS A 1 43  ? 12.210  11.353  -0.956  0.50 28.61 ? 391 CYS A SG  1 
ATOM   333  N N   . ASP A 1 44  ? 15.314  9.616   -4.572  1.00 18.13 ? 392 ASP A N   1 
ATOM   334  C CA  . ASP A 1 44  ? 15.982  9.570   -5.868  1.00 17.25 ? 392 ASP A CA  1 
ATOM   335  C C   . ASP A 1 44  ? 15.480  8.378   -6.684  1.00 22.39 ? 392 ASP A C   1 
ATOM   336  O O   . ASP A 1 44  ? 15.485  8.426   -7.910  1.00 24.12 ? 392 ASP A O   1 
ATOM   337  C CB  . ASP A 1 44  ? 17.492  9.425   -5.659  1.00 17.61 ? 392 ASP A CB  1 
ATOM   338  C CG  . ASP A 1 44  ? 18.167  10.652  -5.087  1.00 22.15 ? 392 ASP A CG  1 
ATOM   339  O OD1 . ASP A 1 44  ? 17.549  11.733  -5.107  1.00 20.80 ? 392 ASP A OD1 1 
ATOM   340  O OD2 . ASP A 1 44  ? 19.343  10.542  -4.691  1.00 22.30 ? 392 ASP A OD2 1 
ATOM   341  N N   . ILE A 1 45  ? 15.088  7.299   -6.000  1.00 18.07 ? 393 ILE A N   1 
ATOM   342  C CA  . ILE A 1 45  ? 14.647  6.052   -6.634  1.00 17.38 ? 393 ILE A CA  1 
ATOM   343  C C   . ILE A 1 45  ? 13.124  6.007   -6.773  1.00 19.50 ? 393 ILE A C   1 
ATOM   344  O O   . ILE A 1 45  ? 12.614  5.550   -7.807  1.00 18.60 ? 393 ILE A O   1 
ATOM   345  C CB  . ILE A 1 45  ? 15.219  4.823   -5.851  1.00 19.66 ? 393 ILE A CB  1 
ATOM   346  C CG1 . ILE A 1 45  ? 16.769  4.828   -5.909  1.00 20.02 ? 393 ILE A CG1 1 
ATOM   347  C CG2 . ILE A 1 45  ? 14.663  3.495   -6.405  1.00 19.92 ? 393 ILE A CG2 1 
ATOM   348  C CD1 . ILE A 1 45  ? 17.455  4.104   -4.749  1.00 29.74 ? 393 ILE A CD1 1 
ATOM   349  N N   . ILE A 1 46  ? 12.415  6.500   -5.739  1.00 16.56 ? 394 ILE A N   1 
ATOM   350  C CA  . ILE A 1 46  ? 10.956  6.475   -5.681  1.00 16.29 ? 394 ILE A CA  1 
ATOM   351  C C   . ILE A 1 46  ? 10.379  7.848   -5.959  1.00 21.36 ? 394 ILE A C   1 
ATOM   352  O O   . ILE A 1 46  ? 10.387  8.725   -5.101  1.00 21.22 ? 394 ILE A O   1 
ATOM   353  C CB  . ILE A 1 46  ? 10.452  5.831   -4.354  1.00 17.55 ? 394 ILE A CB  1 
ATOM   354  C CG1 . ILE A 1 46  ? 11.010  4.385   -4.147  1.00 17.12 ? 394 ILE A CG1 1 
ATOM   355  C CG2 . ILE A 1 46  ? 8.923   5.872   -4.220  1.00 17.61 ? 394 ILE A CG2 1 
ATOM   356  C CD1 . ILE A 1 46  ? 10.853  3.371   -5.346  1.00 20.20 ? 394 ILE A CD1 1 
ATOM   357  N N   . LYS A 1 47  ? 9.854   8.014   -7.164  1.00 19.79 ? 395 LYS A N   1 
ATOM   358  C CA  . LYS A 1 47  ? 9.288   9.291   -7.612  1.00 19.93 ? 395 LYS A CA  1 
ATOM   359  C C   . LYS A 1 47  ? 7.930   9.587   -6.998  1.00 22.30 ? 395 LYS A C   1 
ATOM   360  O O   . LYS A 1 47  ? 7.578   10.753  -6.816  1.00 21.46 ? 395 LYS A O   1 
ATOM   361  C CB  . LYS A 1 47  ? 9.201   9.323   -9.152  1.00 23.04 ? 395 LYS A CB  1 
ATOM   362  C CG  . LYS A 1 47  ? 10.533  9.045   -9.871  1.00 44.84 ? 395 LYS A CG  1 
ATOM   363  C CD  . LYS A 1 47  ? 11.391  10.306  -10.155 1.00 57.08 ? 395 LYS A CD  1 
ATOM   364  C CE  . LYS A 1 47  ? 12.157  10.885  -8.977  1.00 64.70 ? 395 LYS A CE  1 
ATOM   365  N NZ  . LYS A 1 47  ? 13.156  9.935   -8.425  1.00 72.66 ? 395 LYS A NZ  1 
ATOM   366  N N   . HIS A 1 48  ? 7.147   8.533   -6.687  1.00 18.78 ? 396 HIS A N   1 
ATOM   367  C CA  . HIS A 1 48  ? 5.806   8.708   -6.152  1.00 18.30 ? 396 HIS A CA  1 
ATOM   368  C C   . HIS A 1 48  ? 5.595   7.815   -4.913  1.00 19.82 ? 396 HIS A C   1 
ATOM   369  O O   . HIS A 1 48  ? 5.037   6.731   -5.037  1.00 18.70 ? 396 HIS A O   1 
ATOM   370  C CB  . HIS A 1 48  ? 4.761   8.422   -7.256  1.00 20.22 ? 396 HIS A CB  1 
ATOM   371  C CG  . HIS A 1 48  ? 4.883   9.328   -8.455  1.00 24.91 ? 396 HIS A CG  1 
ATOM   372  N ND1 . HIS A 1 48  ? 4.629   10.690  -8.363  1.00 27.83 ? 396 HIS A ND1 1 
ATOM   373  C CD2 . HIS A 1 48  ? 5.229   9.036   -9.733  1.00 27.54 ? 396 HIS A CD2 1 
ATOM   374  C CE1 . HIS A 1 48  ? 4.842   11.183  -9.577  1.00 27.72 ? 396 HIS A CE1 1 
ATOM   375  N NE2 . HIS A 1 48  ? 5.212   10.230  -10.435 1.00 27.81 ? 396 HIS A NE2 1 
ATOM   376  N N   . PRO A 1 49  ? 6.050   8.246   -3.719  1.00 17.16 ? 397 PRO A N   1 
ATOM   377  C CA  . PRO A 1 49  ? 5.839   7.414   -2.514  1.00 16.45 ? 397 PRO A CA  1 
ATOM   378  C C   . PRO A 1 49  ? 4.345   7.222   -2.239  1.00 17.83 ? 397 PRO A C   1 
ATOM   379  O O   . PRO A 1 49  ? 3.535   8.110   -2.558  1.00 16.25 ? 397 PRO A O   1 
ATOM   380  C CB  . PRO A 1 49  ? 6.504   8.216   -1.370  1.00 19.38 ? 397 PRO A CB  1 
ATOM   381  C CG  . PRO A 1 49  ? 7.260   9.302   -2.015  1.00 24.49 ? 397 PRO A CG  1 
ATOM   382  C CD  . PRO A 1 49  ? 6.730   9.518   -3.403  1.00 19.49 ? 397 PRO A CD  1 
ATOM   383  N N   . MET A 1 50  ? 3.966   6.053   -1.671  1.00 14.89 ? 398 MET A N   1 
ATOM   384  C CA  . MET A 1 50  ? 2.560   5.768   -1.359  1.00 14.38 ? 398 MET A CA  1 
ATOM   385  C C   . MET A 1 50  ? 2.493   4.827   -0.149  1.00 17.72 ? 398 MET A C   1 
ATOM   386  O O   . MET A 1 50  ? 3.371   3.987   0.020   1.00 18.10 ? 398 MET A O   1 
ATOM   387  C CB  . MET A 1 50  ? 1.850   5.156   -2.576  1.00 15.58 ? 398 MET A CB  1 
ATOM   388  C CG  . MET A 1 50  ? 0.320   5.089   -2.453  1.00 17.55 ? 398 MET A CG  1 
ATOM   389  S SD  . MET A 1 50  ? -0.529  6.592   -1.876  1.00 18.61 ? 398 MET A SD  1 
ATOM   390  C CE  . MET A 1 50  ? -0.022  7.797   -3.188  1.00 17.16 ? 398 MET A CE  1 
ATOM   391  N N   . ASP A 1 51  ? 1.456   4.983   0.686   1.00 13.75 ? 399 ASP A N   1 
ATOM   392  C CA  . ASP A 1 51  ? 1.280   4.141   1.871   1.00 13.64 ? 399 ASP A CA  1 
ATOM   393  C C   . ASP A 1 51  ? -0.206  4.009   2.167   1.00 16.08 ? 399 ASP A C   1 
ATOM   394  O O   . ASP A 1 51  ? -1.011  4.740   1.597   1.00 15.83 ? 399 ASP A O   1 
ATOM   395  C CB  . ASP A 1 51  ? 2.001   4.772   3.057   1.00 15.52 ? 399 ASP A CB  1 
ATOM   396  C CG  . ASP A 1 51  ? 1.362   6.091   3.394   1.00 20.74 ? 399 ASP A CG  1 
ATOM   397  O OD1 . ASP A 1 51  ? 1.707   7.092   2.737   1.00 24.61 ? 399 ASP A OD1 1 
ATOM   398  O OD2 . ASP A 1 51  ? 0.448   6.103   4.242   1.00 19.42 ? 399 ASP A OD2 1 
ATOM   399  N N   . MET A 1 52  ? -0.569  3.141   3.113   1.00 12.40 ? 400 MET A N   1 
ATOM   400  C CA  . MET A 1 52  ? -1.983  2.868   3.411   1.00 11.03 ? 400 MET A CA  1 
ATOM   401  C C   . MET A 1 52  ? -2.764  4.047   3.993   1.00 17.28 ? 400 MET A C   1 
ATOM   402  O O   . MET A 1 52  ? -3.934  4.210   3.629   1.00 16.69 ? 400 MET A O   1 
ATOM   403  C CB  . MET A 1 52  ? -2.085  1.642   4.309   1.00 12.16 ? 400 MET A CB  1 
ATOM   404  C CG  . MET A 1 52  ? -1.717  0.384   3.556   1.00 14.07 ? 400 MET A CG  1 
ATOM   405  S SD  . MET A 1 52  ? -1.387  -1.009  4.658   1.00 16.96 ? 400 MET A SD  1 
ATOM   406  C CE  . MET A 1 52  ? -2.892  -1.068  5.587   1.00 14.68 ? 400 MET A CE  1 
ATOM   407  N N   . SER A 1 53  ? -2.145  4.873   4.863   1.00 15.00 ? 401 SER A N   1 
ATOM   408  C CA  . SER A 1 53  ? -2.845  6.036   5.450   1.00 15.19 ? 401 SER A CA  1 
ATOM   409  C C   . SER A 1 53  ? -3.134  7.092   4.390   1.00 19.69 ? 401 SER A C   1 
ATOM   410  O O   . SER A 1 53  ? -4.232  7.664   4.390   1.00 19.85 ? 401 SER A O   1 
ATOM   411  C CB  . SER A 1 53  ? -2.060  6.644   6.609   1.00 16.42 ? 401 SER A CB  1 
ATOM   412  O OG  . SER A 1 53  ? -2.126  5.767   7.726   1.00 20.09 ? 401 SER A OG  1 
ATOM   413  N N   . THR A 1 54  ? -2.182  7.306   3.460   1.00 15.36 ? 402 THR A N   1 
ATOM   414  C CA  . THR A 1 54  ? -2.372  8.262   2.363   1.00 15.19 ? 402 THR A CA  1 
ATOM   415  C C   . THR A 1 54  ? -3.512  7.756   1.468   1.00 16.89 ? 402 THR A C   1 
ATOM   416  O O   . THR A 1 54  ? -4.382  8.546   1.087   1.00 16.05 ? 402 THR A O   1 
ATOM   417  C CB  . THR A 1 54  ? -1.078  8.478   1.569   1.00 19.06 ? 402 THR A CB  1 
ATOM   418  O OG1 . THR A 1 54  ? -0.104  9.027   2.446   1.00 17.60 ? 402 THR A OG1 1 
ATOM   419  C CG2 . THR A 1 54  ? -1.270  9.449   0.400   1.00 19.67 ? 402 THR A CG2 1 
ATOM   420  N N   . ILE A 1 55  ? -3.530  6.433   1.177   1.00 14.39 ? 403 ILE A N   1 
ATOM   421  C CA  . ILE A 1 55  ? -4.589  5.833   0.356   1.00 13.85 ? 403 ILE A CA  1 
ATOM   422  C C   . ILE A 1 55  ? -5.938  6.028   1.047   1.00 16.71 ? 403 ILE A C   1 
ATOM   423  O O   . ILE A 1 55  ? -6.905  6.402   0.374   1.00 15.79 ? 403 ILE A O   1 
ATOM   424  C CB  . ILE A 1 55  ? -4.315  4.364   -0.037  1.00 15.55 ? 403 ILE A CB  1 
ATOM   425  C CG1 . ILE A 1 55  ? -3.110  4.264   -0.993  1.00 14.12 ? 403 ILE A CG1 1 
ATOM   426  C CG2 . ILE A 1 55  ? -5.557  3.716   -0.701  1.00 15.16 ? 403 ILE A CG2 1 
ATOM   427  C CD1 . ILE A 1 55  ? -2.535  2.815   -1.052  1.00 15.33 ? 403 ILE A CD1 1 
ATOM   428  N N   . LYS A 1 56  ? -5.992  5.806   2.385   1.00 14.76 ? 404 LYS A N   1 
ATOM   429  C CA  . LYS A 1 56  ? -7.232  5.972   3.148   1.00 15.46 ? 404 LYS A CA  1 
ATOM   430  C C   . LYS A 1 56  ? -7.705  7.415   3.069   1.00 19.73 ? 404 LYS A C   1 
ATOM   431  O O   . LYS A 1 56  ? -8.889  7.645   2.816   1.00 19.44 ? 404 LYS A O   1 
ATOM   432  C CB  . LYS A 1 56  ? -7.030  5.546   4.610   1.00 18.41 ? 404 LYS A CB  1 
ATOM   433  C CG  . LYS A 1 56  ? -8.311  5.547   5.428   1.00 21.85 ? 404 LYS A CG  1 
ATOM   434  C CD  . LYS A 1 56  ? -8.053  4.916   6.786   1.00 30.06 ? 404 LYS A CD  1 
ATOM   435  C CE  . LYS A 1 56  ? -9.301  4.835   7.639   1.00 46.73 ? 404 LYS A CE  1 
ATOM   436  N NZ  . LYS A 1 56  ? -9.633  6.143   8.261   1.00 64.23 ? 404 LYS A NZ  1 
ATOM   437  N N   . SER A 1 57  ? -6.788  8.382   3.265   1.00 18.08 ? 405 SER A N   1 
ATOM   438  C CA  . SER A 1 57  ? -7.154  9.803   3.196   1.00 18.53 ? 405 SER A CA  1 
ATOM   439  C C   . SER A 1 57  ? -7.659  10.185  1.815   1.00 20.79 ? 405 SER A C   1 
ATOM   440  O O   . SER A 1 57  ? -8.643  10.912  1.720   1.00 19.67 ? 405 SER A O   1 
ATOM   441  C CB  . SER A 1 57  ? -5.991  10.696  3.613   1.00 22.01 ? 405 SER A CB  1 
ATOM   442  O OG  . SER A 1 57  ? -5.652  10.422  4.963   1.00 27.96 ? 405 SER A OG  1 
ATOM   443  N N   . LYS A 1 58  ? -7.010  9.677   0.742   1.00 16.22 ? 406 LYS A N   1 
ATOM   444  C CA  . LYS A 1 58  ? -7.423  9.959   -0.636  1.00 15.76 ? 406 LYS A CA  1 
ATOM   445  C C   . LYS A 1 58  ? -8.817  9.405   -0.913  1.00 19.79 ? 406 LYS A C   1 
ATOM   446  O O   . LYS A 1 58  ? -9.654  10.094  -1.508  1.00 19.71 ? 406 LYS A O   1 
ATOM   447  C CB  . LYS A 1 58  ? -6.386  9.398   -1.625  1.00 16.82 ? 406 LYS A CB  1 
ATOM   448  C CG  . LYS A 1 58  ? -5.094  10.218  -1.640  1.00 16.07 ? 406 LYS A CG  1 
ATOM   449  C CD  . LYS A 1 58  ? -4.094  9.671   -2.653  1.00 19.99 ? 406 LYS A CD  1 
ATOM   450  C CE  . LYS A 1 58  ? -4.542  9.850   -4.089  1.00 20.43 ? 406 LYS A CE  1 
ATOM   451  N NZ  . LYS A 1 58  ? -3.423  9.601   -5.039  1.00 22.10 ? 406 LYS A NZ  1 
ATOM   452  N N   . LEU A 1 59  ? -9.091  8.176   -0.434  1.00 16.68 ? 407 LEU A N   1 
ATOM   453  C CA  . LEU A 1 59  ? -10.402 7.557   -0.593  1.00 16.96 ? 407 LEU A CA  1 
ATOM   454  C C   . LEU A 1 59  ? -11.477 8.395   0.128   1.00 22.27 ? 407 LEU A C   1 
ATOM   455  O O   . LEU A 1 59  ? -12.515 8.709   -0.465  1.00 22.66 ? 407 LEU A O   1 
ATOM   456  C CB  . LEU A 1 59  ? -10.375 6.114   -0.058  1.00 16.86 ? 407 LEU A CB  1 
ATOM   457  C CG  . LEU A 1 59  ? -11.634 5.277   -0.315  1.00 20.61 ? 407 LEU A CG  1 
ATOM   458  C CD1 . LEU A 1 59  ? -11.858 5.057   -1.807  1.00 20.54 ? 407 LEU A CD1 1 
ATOM   459  C CD2 . LEU A 1 59  ? -11.539 3.934   0.398   1.00 23.03 ? 407 LEU A CD2 1 
ATOM   460  N N   . GLU A 1 60  ? -11.193 8.814   1.366   1.00 21.04 ? 408 GLU A N   1 
ATOM   461  C CA  . GLU A 1 60  ? -12.094 9.652   2.165   1.00 21.49 ? 408 GLU A CA  1 
ATOM   462  C C   . GLU A 1 60  ? -12.363 10.995  1.498   1.00 26.06 ? 408 GLU A C   1 
ATOM   463  O O   . GLU A 1 60  ? -13.491 11.499  1.585   1.00 26.94 ? 408 GLU A O   1 
ATOM   464  C CB  . GLU A 1 60  ? -11.513 9.874   3.559   1.00 23.12 ? 408 GLU A CB  1 
ATOM   465  C CG  . GLU A 1 60  ? -11.768 8.697   4.481   1.00 34.39 ? 408 GLU A CG  1 
ATOM   466  C CD  . GLU A 1 60  ? -10.983 8.682   5.779   1.00 54.25 ? 408 GLU A CD  1 
ATOM   467  O OE1 . GLU A 1 60  ? -10.121 9.569   5.990   1.00 51.28 ? 408 GLU A OE1 1 
ATOM   468  O OE2 . GLU A 1 60  ? -11.201 7.736   6.567   1.00 42.32 ? 408 GLU A OE2 1 
ATOM   469  N N   . ALA A 1 61  ? -11.331 11.567  0.840   1.00 21.99 ? 409 ALA A N   1 
ATOM   470  C CA  . ALA A 1 61  ? -11.411 12.848  0.132   1.00 21.58 ? 409 ALA A CA  1 
ATOM   471  C C   . ALA A 1 61  ? -11.948 12.748  -1.310  1.00 22.98 ? 409 ALA A C   1 
ATOM   472  O O   . ALA A 1 61  ? -11.947 13.752  -2.038  1.00 20.89 ? 409 ALA A O   1 
ATOM   473  C CB  . ALA A 1 61  ? -10.054 13.531  0.145   1.00 22.24 ? 409 ALA A CB  1 
ATOM   474  N N   . ARG A 1 62  ? -12.446 11.561  -1.712  1.00 18.39 ? 410 ARG A N   1 
ATOM   475  C CA  . ARG A 1 62  ? -13.010 11.285  -3.036  1.00 18.00 ? 410 ARG A CA  1 
ATOM   476  C C   . ARG A 1 62  ? -11.999 11.569  -4.167  1.00 21.27 ? 410 ARG A C   1 
ATOM   477  O O   . ARG A 1 62  ? -12.352 12.126  -5.212  1.00 20.32 ? 410 ARG A O   1 
ATOM   478  C CB  . ARG A 1 62  ? -14.359 12.032  -3.242  1.00 20.49 ? 410 ARG A CB  1 
ATOM   479  C CG  . ARG A 1 62  ? -15.332 11.863  -2.073  1.00 27.99 ? 410 ARG A CG  1 
ATOM   480  C CD  . ARG A 1 62  ? -16.619 12.624  -2.300  1.00 31.00 ? 410 ARG A CD  1 
ATOM   481  N NE  . ARG A 1 62  ? -17.460 11.942  -3.281  1.00 32.92 ? 410 ARG A NE  1 
ATOM   482  C CZ  . ARG A 1 62  ? -18.647 12.377  -3.678  1.00 39.32 ? 410 ARG A CZ  1 
ATOM   483  N NH1 . ARG A 1 62  ? -19.155 13.493  -3.176  1.00 28.48 ? 410 ARG A NH1 1 
ATOM   484  N NH2 . ARG A 1 62  ? -19.345 11.689  -4.569  1.00 29.39 ? 410 ARG A NH2 1 
ATOM   485  N N   . GLU A 1 63  ? -10.724 11.197  -3.941  1.00 16.66 ? 411 GLU A N   1 
ATOM   486  C CA  . GLU A 1 63  ? -9.660  11.414  -4.922  1.00 15.95 ? 411 GLU A CA  1 
ATOM   487  C C   . GLU A 1 63  ? -9.564  10.294  -5.932  1.00 21.98 ? 411 GLU A C   1 
ATOM   488  O O   . GLU A 1 63  ? -8.784  10.391  -6.888  1.00 21.91 ? 411 GLU A O   1 
ATOM   489  C CB  . GLU A 1 63  ? -8.320  11.687  -4.235  1.00 16.68 ? 411 GLU A CB  1 
ATOM   490  C CG  . GLU A 1 63  ? -8.307  13.024  -3.516  1.00 22.89 ? 411 GLU A CG  1 
ATOM   491  C CD  . GLU A 1 63  ? -6.966  13.383  -2.913  1.00 37.91 ? 411 GLU A CD  1 
ATOM   492  O OE1 . GLU A 1 63  ? -5.940  13.276  -3.626  1.00 29.60 ? 411 GLU A OE1 1 
ATOM   493  O OE2 . GLU A 1 63  ? -6.941  13.770  -1.724  1.00 33.92 ? 411 GLU A OE2 1 
ATOM   494  N N   . TYR A 1 64  ? -10.355 9.218   -5.725  1.00 16.94 ? 412 TYR A N   1 
ATOM   495  C CA  . TYR A 1 64  ? -10.418 8.091   -6.662  1.00 15.25 ? 412 TYR A CA  1 
ATOM   496  C C   . TYR A 1 64  ? -11.774 8.054   -7.344  1.00 18.35 ? 412 TYR A C   1 
ATOM   497  O O   . TYR A 1 64  ? -12.816 8.000   -6.684  1.00 16.49 ? 412 TYR A O   1 
ATOM   498  C CB  . TYR A 1 64  ? -10.159 6.751   -5.974  1.00 15.13 ? 412 TYR A CB  1 
ATOM   499  C CG  . TYR A 1 64  ? -8.840  6.664   -5.235  1.00 15.22 ? 412 TYR A CG  1 
ATOM   500  C CD1 . TYR A 1 64  ? -7.629  6.797   -5.909  1.00 16.54 ? 412 TYR A CD1 1 
ATOM   501  C CD2 . TYR A 1 64  ? -8.803  6.435   -3.859  1.00 16.37 ? 412 TYR A CD2 1 
ATOM   502  C CE1 . TYR A 1 64  ? -6.409  6.712   -5.228  1.00 16.72 ? 412 TYR A CE1 1 
ATOM   503  C CE2 . TYR A 1 64  ? -7.592  6.333   -3.173  1.00 16.45 ? 412 TYR A CE2 1 
ATOM   504  C CZ  . TYR A 1 64  ? -6.398  6.482   -3.859  1.00 17.79 ? 412 TYR A CZ  1 
ATOM   505  O OH  . TYR A 1 64  ? -5.214  6.377   -3.160  1.00 15.86 ? 412 TYR A OH  1 
ATOM   506  N N   . ARG A 1 65  ? -11.756 8.036   -8.679  1.00 16.24 ? 413 ARG A N   1 
ATOM   507  C CA  . ARG A 1 65  ? -12.983 8.011   -9.477  1.00 16.51 ? 413 ARG A CA  1 
ATOM   508  C C   . ARG A 1 65  ? -13.638 6.654   -9.442  1.00 21.14 ? 413 ARG A C   1 
ATOM   509  O O   . ARG A 1 65  ? -14.861 6.550   -9.561  1.00 21.15 ? 413 ARG A O   1 
ATOM   510  C CB  . ARG A 1 65  ? -12.680 8.367   -10.938 1.00 16.82 ? 413 ARG A CB  1 
ATOM   511  C CG  . ARG A 1 65  ? -12.356 9.827   -11.137 1.00 20.89 ? 413 ARG A CG  1 
ATOM   512  C CD  . ARG A 1 65  ? -12.489 10.210  -12.596 1.00 21.65 ? 413 ARG A CD  1 
ATOM   513  N NE  . ARG A 1 65  ? -11.578 9.451   -13.459 1.00 23.71 ? 413 ARG A NE  1 
ATOM   514  C CZ  . ARG A 1 65  ? -11.577 9.515   -14.790 1.00 36.29 ? 413 ARG A CZ  1 
ATOM   515  N NH1 . ARG A 1 65  ? -12.433 10.310  -15.426 1.00 20.04 ? 413 ARG A NH1 1 
ATOM   516  N NH2 . ARG A 1 65  ? -10.711 8.797   -15.493 1.00 22.79 ? 413 ARG A NH2 1 
ATOM   517  N N   . ASP A 1 66  ? -12.823 5.598   -9.288  1.00 16.94 ? 414 ASP A N   1 
ATOM   518  C CA  . ASP A 1 66  ? -13.307 4.225   -9.331  1.00 16.91 ? 414 ASP A CA  1 
ATOM   519  C C   . ASP A 1 66  ? -12.292 3.301   -8.659  1.00 18.96 ? 414 ASP A C   1 
ATOM   520  O O   . ASP A 1 66  ? -11.208 3.748   -8.289  1.00 17.72 ? 414 ASP A O   1 
ATOM   521  C CB  . ASP A 1 66  ? -13.528 3.792   -10.809 1.00 19.12 ? 414 ASP A CB  1 
ATOM   522  C CG  . ASP A 1 66  ? -12.339 3.975   -11.753 1.00 27.88 ? 414 ASP A CG  1 
ATOM   523  O OD1 . ASP A 1 66  ? -11.189 3.731   -11.328 1.00 24.82 ? 414 ASP A OD1 1 
ATOM   524  O OD2 . ASP A 1 66  ? -12.567 4.284   -12.937 1.00 35.95 ? 414 ASP A OD2 1 
ATOM   525  N N   . ALA A 1 67  ? -12.620 2.009   -8.576  1.00 16.85 ? 415 ALA A N   1 
ATOM   526  C CA  . ALA A 1 67  ? -11.761 1.004   -7.951  1.00 16.93 ? 415 ALA A CA  1 
ATOM   527  C C   . ALA A 1 67  ? -10.401 0.821   -8.647  1.00 18.35 ? 415 ALA A C   1 
ATOM   528  O O   . ALA A 1 67  ? -9.419  0.470   -7.986  1.00 16.78 ? 415 ALA A O   1 
ATOM   529  C CB  . ALA A 1 67  ? -12.500 -0.319  -7.880  1.00 17.93 ? 415 ALA A CB  1 
ATOM   530  N N   . GLN A 1 68  ? -10.337 1.060   -9.958  1.00 16.84 ? 416 GLN A N   1 
ATOM   531  C CA  . GLN A 1 68  ? -9.074  0.944   -10.681 1.00 16.65 ? 416 GLN A CA  1 
ATOM   532  C C   . GLN A 1 68  ? -8.089  2.026   -10.237 1.00 19.37 ? 416 GLN A C   1 
ATOM   533  O O   . GLN A 1 68  ? -6.911  1.722   -10.071 1.00 17.86 ? 416 GLN A O   1 
ATOM   534  C CB  . GLN A 1 68  ? -9.269  0.924   -12.212 1.00 17.62 ? 416 GLN A CB  1 
ATOM   535  C CG  . GLN A 1 68  ? -9.814  -0.429  -12.748 1.00 26.09 ? 416 GLN A CG  1 
ATOM   536  C CD  . GLN A 1 68  ? -9.051  -1.689  -12.350 1.00 39.37 ? 416 GLN A CD  1 
ATOM   537  O OE1 . GLN A 1 68  ? -9.638  -2.702  -11.953 1.00 36.73 ? 416 GLN A OE1 1 
ATOM   538  N NE2 . GLN A 1 68  ? -7.738  -1.677  -12.476 1.00 27.66 ? 416 GLN A NE2 1 
ATOM   539  N N   . GLU A 1 69  ? -8.570  3.270   -9.983  1.00 16.20 ? 417 GLU A N   1 
ATOM   540  C CA  . GLU A 1 69  ? -7.668  4.337   -9.508  1.00 15.93 ? 417 GLU A CA  1 
ATOM   541  C C   . GLU A 1 69  ? -7.169  4.022   -8.096  1.00 18.30 ? 417 GLU A C   1 
ATOM   542  O O   . GLU A 1 69  ? -5.992  4.206   -7.797  1.00 17.08 ? 417 GLU A O   1 
ATOM   543  C CB  . GLU A 1 69  ? -8.326  5.717   -9.584  1.00 17.34 ? 417 GLU A CB  1 
ATOM   544  C CG  . GLU A 1 69  ? -8.540  6.164   -11.016 1.00 21.50 ? 417 GLU A CG  1 
ATOM   545  C CD  . GLU A 1 69  ? -9.185  7.527   -11.166 1.00 34.42 ? 417 GLU A CD  1 
ATOM   546  O OE1 . GLU A 1 69  ? -9.364  8.227   -10.142 1.00 21.28 ? 417 GLU A OE1 1 
ATOM   547  O OE2 . GLU A 1 69  ? -9.520  7.891   -12.315 1.00 28.35 ? 417 GLU A OE2 1 
ATOM   548  N N   . PHE A 1 70  ? -8.075  3.515   -7.243  1.00 14.37 ? 418 PHE A N   1 
ATOM   549  C CA  . PHE A 1 70  ? -7.735  3.081   -5.889  1.00 14.16 ? 418 PHE A CA  1 
ATOM   550  C C   . PHE A 1 70  ? -6.673  1.974   -5.958  1.00 18.06 ? 418 PHE A C   1 
ATOM   551  O O   . PHE A 1 70  ? -5.620  2.081   -5.312  1.00 19.00 ? 418 PHE A O   1 
ATOM   552  C CB  . PHE A 1 70  ? -9.007  2.585   -5.166  1.00 14.55 ? 418 PHE A CB  1 
ATOM   553  C CG  . PHE A 1 70  ? -8.717  1.792   -3.903  1.00 14.62 ? 418 PHE A CG  1 
ATOM   554  C CD1 . PHE A 1 70  ? -8.435  2.437   -2.705  1.00 16.46 ? 418 PHE A CD1 1 
ATOM   555  C CD2 . PHE A 1 70  ? -8.752  0.401   -3.911  1.00 16.52 ? 418 PHE A CD2 1 
ATOM   556  C CE1 . PHE A 1 70  ? -8.198  1.701   -1.536  1.00 17.20 ? 418 PHE A CE1 1 
ATOM   557  C CE2 . PHE A 1 70  ? -8.513  -0.331  -2.744  1.00 18.67 ? 418 PHE A CE2 1 
ATOM   558  C CZ  . PHE A 1 70  ? -8.214  0.325   -1.571  1.00 16.74 ? 418 PHE A CZ  1 
ATOM   559  N N   . GLY A 1 71  ? -6.951  0.945   -6.767  1.00 14.73 ? 419 GLY A N   1 
ATOM   560  C CA  . GLY A 1 71  ? -6.077  -0.205  -6.976  1.00 15.10 ? 419 GLY A CA  1 
ATOM   561  C C   . GLY A 1 71  ? -4.691  0.197   -7.442  1.00 17.94 ? 419 GLY A C   1 
ATOM   562  O O   . GLY A 1 71  ? -3.699  -0.368  -6.977  1.00 14.18 ? 419 GLY A O   1 
ATOM   563  N N   . ALA A 1 72  ? -4.609  1.211   -8.332  1.00 16.84 ? 420 ALA A N   1 
ATOM   564  C CA  . ALA A 1 72  ? -3.325  1.680   -8.868  1.00 15.54 ? 420 ALA A CA  1 
ATOM   565  C C   . ALA A 1 72  ? -2.463  2.250   -7.758  1.00 16.54 ? 420 ALA A C   1 
ATOM   566  O O   . ALA A 1 72  ? -1.249  2.036   -7.777  1.00 16.47 ? 420 ALA A O   1 
ATOM   567  C CB  . ALA A 1 72  ? -3.553  2.726   -9.956  1.00 15.87 ? 420 ALA A CB  1 
ATOM   568  N N   . ASP A 1 73  ? -3.072  2.940   -6.765  1.00 11.21 ? 421 ASP A N   1 
ATOM   569  C CA  . ASP A 1 73  ? -2.271  3.462   -5.662  1.00 11.54 ? 421 ASP A CA  1 
ATOM   570  C C   . ASP A 1 73  ? -1.808  2.339   -4.750  1.00 13.62 ? 421 ASP A C   1 
ATOM   571  O O   . ASP A 1 73  ? -0.672  2.385   -4.262  1.00 14.79 ? 421 ASP A O   1 
ATOM   572  C CB  . ASP A 1 73  ? -2.998  4.542   -4.862  1.00 11.83 ? 421 ASP A CB  1 
ATOM   573  C CG  . ASP A 1 73  ? -2.685  5.962   -5.313  1.00 19.03 ? 421 ASP A CG  1 
ATOM   574  O OD1 . ASP A 1 73  ? -1.852  6.131   -6.236  1.00 19.27 ? 421 ASP A OD1 1 
ATOM   575  O OD2 . ASP A 1 73  ? -3.194  6.910   -4.683  1.00 19.42 ? 421 ASP A OD2 1 
ATOM   576  N N   . VAL A 1 74  ? -2.671  1.322   -4.526  1.00 10.77 ? 422 VAL A N   1 
ATOM   577  C CA  . VAL A 1 74  ? -2.248  0.190   -3.671  1.00 10.39 ? 422 VAL A CA  1 
ATOM   578  C C   . VAL A 1 74  ? -1.066  -0.523  -4.348  1.00 15.84 ? 422 VAL A C   1 
ATOM   579  O O   . VAL A 1 74  ? -0.069  -0.839  -3.692  1.00 14.89 ? 422 VAL A O   1 
ATOM   580  C CB  . VAL A 1 74  ? -3.411  -0.793  -3.363  1.00 13.60 ? 422 VAL A CB  1 
ATOM   581  C CG1 . VAL A 1 74  ? -2.905  -2.010  -2.577  1.00 13.89 ? 422 VAL A CG1 1 
ATOM   582  C CG2 . VAL A 1 74  ? -4.541  -0.089  -2.593  1.00 12.78 ? 422 VAL A CG2 1 
ATOM   583  N N   . ARG A 1 75  ? -1.173  -0.762  -5.657  1.00 12.75 ? 423 ARG A N   1 
ATOM   584  C CA  . ARG A 1 75  ? -0.095  -1.441  -6.361  1.00 12.12 ? 423 ARG A CA  1 
ATOM   585  C C   . ARG A 1 75  ? 1.173   -0.587  -6.497  1.00 15.80 ? 423 ARG A C   1 
ATOM   586  O O   . ARG A 1 75  ? 2.280   -1.136  -6.507  1.00 15.75 ? 423 ARG A O   1 
ATOM   587  C CB  . ARG A 1 75  ? -0.586  -1.949  -7.688  1.00 13.12 ? 423 ARG A CB  1 
ATOM   588  C CG  . ARG A 1 75  ? -1.691  -2.975  -7.464  1.00 17.98 ? 423 ARG A CG  1 
ATOM   589  C CD  . ARG A 1 75  ? -1.903  -3.616  -8.752  1.00 24.10 ? 423 ARG A CD  1 
ATOM   590  N NE  . ARG A 1 75  ? -2.848  -4.721  -8.711  1.00 16.07 ? 423 ARG A NE  1 
ATOM   591  C CZ  . ARG A 1 75  ? -3.963  -4.735  -9.422  1.00 24.41 ? 423 ARG A CZ  1 
ATOM   592  N NH1 . ARG A 1 75  ? -4.296  -3.683  -10.162 1.00 16.09 ? 423 ARG A NH1 1 
ATOM   593  N NH2 . ARG A 1 75  ? -4.738  -5.805  -9.428  1.00 20.54 ? 423 ARG A NH2 1 
ATOM   594  N N   . LEU A 1 76  ? 1.014   0.749   -6.552  1.00 13.01 ? 424 LEU A N   1 
ATOM   595  C CA  . LEU A 1 76  ? 2.143   1.697   -6.549  1.00 12.59 ? 424 LEU A CA  1 
ATOM   596  C C   . LEU A 1 76  ? 2.942   1.481   -5.238  1.00 16.76 ? 424 LEU A C   1 
ATOM   597  O O   . LEU A 1 76  ? 4.178   1.373   -5.252  1.00 15.01 ? 424 LEU A O   1 
ATOM   598  C CB  . LEU A 1 76  ? 1.612   3.153   -6.616  1.00 12.60 ? 424 LEU A CB  1 
ATOM   599  C CG  . LEU A 1 76  ? 2.680   4.266   -6.438  1.00 17.15 ? 424 LEU A CG  1 
ATOM   600  C CD1 . LEU A 1 76  ? 3.778   4.155   -7.490  1.00 17.18 ? 424 LEU A CD1 1 
ATOM   601  C CD2 . LEU A 1 76  ? 2.031   5.635   -6.363  1.00 16.34 ? 424 LEU A CD2 1 
ATOM   602  N N   . MET A 1 77  ? 2.228   1.397   -4.100  1.00 13.99 ? 425 MET A N   1 
ATOM   603  C CA  . MET A 1 77  ? 2.855   1.130   -2.795  1.00 12.69 ? 425 MET A CA  1 
ATOM   604  C C   . MET A 1 77  ? 3.729   -0.142  -2.820  1.00 15.32 ? 425 MET A C   1 
ATOM   605  O O   . MET A 1 77  ? 4.893   -0.104  -2.387  1.00 12.91 ? 425 MET A O   1 
ATOM   606  C CB  . MET A 1 77  ? 1.765   1.047   -1.722  1.00 13.98 ? 425 MET A CB  1 
ATOM   607  C CG  . MET A 1 77  ? 2.290   0.718   -0.354  1.00 16.27 ? 425 MET A CG  1 
ATOM   608  S SD  . MET A 1 77  ? 0.916   0.639   0.821   1.00 19.11 ? 425 MET A SD  1 
ATOM   609  C CE  . MET A 1 77  ? 0.214   -0.977  0.436   1.00 17.53 ? 425 MET A CE  1 
ATOM   610  N N   . PHE A 1 78  ? 3.196   -1.249  -3.384  1.00 12.39 ? 426 PHE A N   1 
ATOM   611  C CA  . PHE A 1 78  ? 3.973   -2.494  -3.476  1.00 12.37 ? 426 PHE A CA  1 
ATOM   612  C C   . PHE A 1 78  ? 5.131   -2.345  -4.445  1.00 14.15 ? 426 PHE A C   1 
ATOM   613  O O   . PHE A 1 78  ? 6.245   -2.721  -4.115  1.00 12.62 ? 426 PHE A O   1 
ATOM   614  C CB  . PHE A 1 78  ? 3.087   -3.683  -3.892  1.00 13.81 ? 426 PHE A CB  1 
ATOM   615  C CG  . PHE A 1 78  ? 1.948   -3.938  -2.931  1.00 15.53 ? 426 PHE A CG  1 
ATOM   616  C CD1 . PHE A 1 78  ? 2.176   -4.007  -1.556  1.00 18.51 ? 426 PHE A CD1 1 
ATOM   617  C CD2 . PHE A 1 78  ? 0.665   -4.191  -3.404  1.00 17.61 ? 426 PHE A CD2 1 
ATOM   618  C CE1 . PHE A 1 78  ? 1.117   -4.265  -0.666  1.00 20.05 ? 426 PHE A CE1 1 
ATOM   619  C CE2 . PHE A 1 78  ? -0.385  -4.453  -2.517  1.00 20.32 ? 426 PHE A CE2 1 
ATOM   620  C CZ  . PHE A 1 78  ? -0.153  -4.462  -1.151  1.00 18.88 ? 426 PHE A CZ  1 
ATOM   621  N N   . SER A 1 79  ? 4.879   -1.782  -5.622  1.00 12.24 ? 427 SER A N   1 
ATOM   622  C CA  . SER A 1 79  ? 5.907   -1.588  -6.651  1.00 11.25 ? 427 SER A CA  1 
ATOM   623  C C   . SER A 1 79  ? 7.079   -0.774  -6.141  1.00 14.94 ? 427 SER A C   1 
ATOM   624  O O   . SER A 1 79  ? 8.226   -1.131  -6.434  1.00 13.93 ? 427 SER A O   1 
ATOM   625  C CB  . SER A 1 79  ? 5.311   -0.929  -7.893  1.00 15.23 ? 427 SER A CB  1 
ATOM   626  O OG  . SER A 1 79  ? 4.387   -1.795  -8.535  1.00 15.43 ? 427 SER A OG  1 
ATOM   627  N N   . ASN A 1 80  ? 6.802   0.273   -5.317  1.00 12.21 ? 428 ASN A N   1 
ATOM   628  C CA  . ASN A 1 80  ? 7.844   1.100   -4.696  1.00 13.55 ? 428 ASN A CA  1 
ATOM   629  C C   . ASN A 1 80  ? 8.766   0.244   -3.839  1.00 16.02 ? 428 ASN A C   1 
ATOM   630  O O   . ASN A 1 80  ? 9.990   0.367   -3.890  1.00 16.01 ? 428 ASN A O   1 
ATOM   631  C CB  . ASN A 1 80  ? 7.211   2.211   -3.842  1.00 17.11 ? 428 ASN A CB  1 
ATOM   632  C CG  . ASN A 1 80  ? 6.586   3.336   -4.637  1.00 18.94 ? 428 ASN A CG  1 
ATOM   633  O OD1 . ASN A 1 80  ? 6.831   3.508   -5.836  1.00 14.84 ? 428 ASN A OD1 1 
ATOM   634  N ND2 . ASN A 1 80  ? 5.848   4.202   -3.958  1.00 12.56 ? 428 ASN A ND2 1 
ATOM   635  N N   . CYS A 1 81  ? 8.154   -0.637  -3.050  1.00 12.31 ? 429 CYS A N   1 
ATOM   636  C CA  . CYS A 1 81  ? 8.875   -1.568  -2.202  1.00 12.55 ? 429 CYS A CA  1 
ATOM   637  C C   . CYS A 1 81  ? 9.710   -2.525  -3.048  1.00 15.75 ? 429 CYS A C   1 
ATOM   638  O O   . CYS A 1 81  ? 10.875  -2.740  -2.732  1.00 17.01 ? 429 CYS A O   1 
ATOM   639  C CB  . CYS A 1 81  ? 7.889   -2.316  -1.317  1.00 12.76 ? 429 CYS A CB  1 
ATOM   640  S SG  . CYS A 1 81  ? 8.681   -3.275  -0.014  1.00 16.90 ? 429 CYS A SG  1 
ATOM   641  N N   . TYR A 1 82  ? 9.146   -3.060  -4.154  1.00 11.71 ? 430 TYR A N   1 
ATOM   642  C CA  . TYR A 1 82  ? 9.888   -3.978  -5.030  1.00 11.65 ? 430 TYR A CA  1 
ATOM   643  C C   . TYR A 1 82  ? 11.024  -3.285  -5.767  1.00 15.82 ? 430 TYR A C   1 
ATOM   644  O O   . TYR A 1 82  ? 12.033  -3.928  -6.070  1.00 15.73 ? 430 TYR A O   1 
ATOM   645  C CB  . TYR A 1 82  ? 8.945   -4.674  -6.047  1.00 13.37 ? 430 TYR A CB  1 
ATOM   646  C CG  . TYR A 1 82  ? 7.782   -5.408  -5.395  1.00 12.74 ? 430 TYR A CG  1 
ATOM   647  C CD1 . TYR A 1 82  ? 7.940   -6.066  -4.176  1.00 14.55 ? 430 TYR A CD1 1 
ATOM   648  C CD2 . TYR A 1 82  ? 6.536   -5.481  -6.023  1.00 13.00 ? 430 TYR A CD2 1 
ATOM   649  C CE1 . TYR A 1 82  ? 6.877   -6.737  -3.572  1.00 13.67 ? 430 TYR A CE1 1 
ATOM   650  C CE2 . TYR A 1 82  ? 5.463   -6.141  -5.424  1.00 14.20 ? 430 TYR A CE2 1 
ATOM   651  C CZ  . TYR A 1 82  ? 5.635   -6.757  -4.193  1.00 15.89 ? 430 TYR A CZ  1 
ATOM   652  O OH  . TYR A 1 82  ? 4.592   -7.434  -3.605  1.00 15.44 ? 430 TYR A OH  1 
ATOM   653  N N   . LYS A 1 83  ? 10.860  -1.982  -6.060  1.00 12.92 ? 431 LYS A N   1 
ATOM   654  C CA  . LYS A 1 83  ? 11.874  -1.235  -6.804  1.00 12.41 ? 431 LYS A CA  1 
ATOM   655  C C   . LYS A 1 83  ? 13.049  -0.844  -5.901  1.00 17.38 ? 431 LYS A C   1 
ATOM   656  O O   . LYS A 1 83  ? 14.197  -0.968  -6.306  1.00 17.78 ? 431 LYS A O   1 
ATOM   657  C CB  . LYS A 1 83  ? 11.241  0.033   -7.427  1.00 12.59 ? 431 LYS A CB  1 
ATOM   658  C CG  . LYS A 1 83  ? 12.202  0.818   -8.322  1.00 14.35 ? 431 LYS A CG  1 
ATOM   659  C CD  . LYS A 1 83  ? 11.560  2.091   -8.894  1.00 17.13 ? 431 LYS A CD  1 
ATOM   660  C CE  . LYS A 1 83  ? 12.441  2.786   -9.938  1.00 21.28 ? 431 LYS A CE  1 
ATOM   661  N NZ  . LYS A 1 83  ? 12.531  1.972   -11.186 1.00 32.85 ? 431 LYS A NZ  1 
ATOM   662  N N   . TYR A 1 84  ? 12.752  -0.315  -4.716  1.00 13.52 ? 432 TYR A N   1 
ATOM   663  C CA  . TYR A 1 84  ? 13.766  0.250   -3.831  1.00 13.78 ? 432 TYR A CA  1 
ATOM   664  C C   . TYR A 1 84  ? 14.704  -0.761  -3.180  1.00 18.73 ? 432 TYR A C   1 
ATOM   665  O O   . TYR A 1 84  ? 15.915  -0.513  -3.096  1.00 18.01 ? 432 TYR A O   1 
ATOM   666  C CB  . TYR A 1 84  ? 13.094  1.130   -2.757  1.00 14.61 ? 432 TYR A CB  1 
ATOM   667  C CG  . TYR A 1 84  ? 14.085  1.747   -1.791  1.00 15.88 ? 432 TYR A CG  1 
ATOM   668  C CD1 . TYR A 1 84  ? 14.948  2.768   -2.198  1.00 17.88 ? 432 TYR A CD1 1 
ATOM   669  C CD2 . TYR A 1 84  ? 14.225  1.250   -0.499  1.00 16.72 ? 432 TYR A CD2 1 
ATOM   670  C CE1 . TYR A 1 84  ? 15.906  3.297   -1.325  1.00 19.62 ? 432 TYR A CE1 1 
ATOM   671  C CE2 . TYR A 1 84  ? 15.192  1.752   0.370   1.00 17.40 ? 432 TYR A CE2 1 
ATOM   672  C CZ  . TYR A 1 84  ? 16.017  2.782   -0.040  1.00 20.71 ? 432 TYR A CZ  1 
ATOM   673  O OH  . TYR A 1 84  ? 16.928  3.267   0.864   1.00 19.37 ? 432 TYR A OH  1 
ATOM   674  N N   . ASN A 1 85  ? 14.133  -1.830  -2.632  1.00 15.27 ? 433 ASN A N   1 
ATOM   675  C CA  . ASN A 1 85  ? 14.876  -2.810  -1.857  1.00 15.31 ? 433 ASN A CA  1 
ATOM   676  C C   . ASN A 1 85  ? 15.461  -3.948  -2.669  1.00 20.97 ? 433 ASN A C   1 
ATOM   677  O O   . ASN A 1 85  ? 14.870  -4.327  -3.690  1.00 19.71 ? 433 ASN A O   1 
ATOM   678  C CB  . ASN A 1 85  ? 13.952  -3.383  -0.779  1.00 14.86 ? 433 ASN A CB  1 
ATOM   679  C CG  . ASN A 1 85  ? 13.316  -2.314  0.063   1.00 24.58 ? 433 ASN A CG  1 
ATOM   680  O OD1 . ASN A 1 85  ? 13.971  -1.694  0.923   1.00 17.98 ? 433 ASN A OD1 1 
ATOM   681  N ND2 . ASN A 1 85  ? 12.030  -2.065  -0.193  1.00 17.91 ? 433 ASN A ND2 1 
ATOM   682  N N   . PRO A 1 86  ? 16.548  -4.600  -2.164  1.00 18.70 ? 434 PRO A N   1 
ATOM   683  C CA  . PRO A 1 86  ? 17.036  -5.820  -2.830  1.00 19.19 ? 434 PRO A CA  1 
ATOM   684  C C   . PRO A 1 86  ? 15.924  -6.881  -2.732  1.00 21.17 ? 434 PRO A C   1 
ATOM   685  O O   . PRO A 1 86  ? 15.147  -6.850  -1.773  1.00 19.36 ? 434 PRO A O   1 
ATOM   686  C CB  . PRO A 1 86  ? 18.262  -6.232  -1.997  1.00 20.85 ? 434 PRO A CB  1 
ATOM   687  C CG  . PRO A 1 86  ? 18.580  -5.081  -1.120  1.00 25.72 ? 434 PRO A CG  1 
ATOM   688  C CD  . PRO A 1 86  ? 17.306  -4.318  -0.926  1.00 20.96 ? 434 PRO A CD  1 
ATOM   689  N N   . PRO A 1 87  ? 15.833  -7.821  -3.692  1.00 18.74 ? 435 PRO A N   1 
ATOM   690  C CA  . PRO A 1 87  ? 14.724  -8.800  -3.677  1.00 19.06 ? 435 PRO A CA  1 
ATOM   691  C C   . PRO A 1 87  ? 14.639  -9.730  -2.458  1.00 22.50 ? 435 PRO A C   1 
ATOM   692  O O   . PRO A 1 87  ? 13.563  -10.228 -2.144  1.00 22.93 ? 435 PRO A O   1 
ATOM   693  C CB  . PRO A 1 87  ? 14.924  -9.593  -4.984  1.00 20.97 ? 435 PRO A CB  1 
ATOM   694  C CG  . PRO A 1 87  ? 16.317  -9.315  -5.416  1.00 25.79 ? 435 PRO A CG  1 
ATOM   695  C CD  . PRO A 1 87  ? 16.681  -7.964  -4.900  1.00 21.59 ? 435 PRO A CD  1 
ATOM   696  N N   . ASP A 1 88  ? 15.761  -9.947  -1.769  1.00 19.53 ? 436 ASP A N   1 
ATOM   697  C CA  . ASP A 1 88  ? 15.859  -10.808 -0.587  1.00 20.18 ? 436 ASP A CA  1 
ATOM   698  C C   . ASP A 1 88  ? 15.528  -10.048 0.726   1.00 23.71 ? 436 ASP A C   1 
ATOM   699  O O   . ASP A 1 88  ? 15.563  -10.649 1.804   1.00 23.89 ? 436 ASP A O   1 
ATOM   700  C CB  . ASP A 1 88  ? 17.297  -11.350 -0.509  1.00 22.47 ? 436 ASP A CB  1 
ATOM   701  C CG  . ASP A 1 88  ? 18.320  -10.241 -0.709  1.00 39.22 ? 436 ASP A CG  1 
ATOM   702  O OD1 . ASP A 1 88  ? 18.653  -9.941  -1.889  1.00 42.99 ? 436 ASP A OD1 1 
ATOM   703  O OD2 . ASP A 1 88  ? 18.670  -9.574  0.285   1.00 45.65 ? 436 ASP A OD2 1 
ATOM   704  N N   . HIS A 1 89  ? 15.222  -8.739  0.642   1.00 20.07 ? 437 HIS A N   1 
ATOM   705  C CA  . HIS A 1 89  ? 14.926  -7.948  1.836   1.00 19.57 ? 437 HIS A CA  1 
ATOM   706  C C   . HIS A 1 89  ? 13.650  -8.445  2.550   1.00 21.42 ? 437 HIS A C   1 
ATOM   707  O O   . HIS A 1 89  ? 12.660  -8.813  1.906   1.00 20.84 ? 437 HIS A O   1 
ATOM   708  C CB  . HIS A 1 89  ? 14.798  -6.460  1.480   1.00 19.81 ? 437 HIS A CB  1 
ATOM   709  C CG  . HIS A 1 89  ? 14.980  -5.513  2.631   1.00 23.52 ? 437 HIS A CG  1 
ATOM   710  N ND1 . HIS A 1 89  ? 14.057  -5.427  3.652   1.00 24.79 ? 437 HIS A ND1 1 
ATOM   711  C CD2 . HIS A 1 89  ? 15.948  -4.587  2.840   1.00 26.42 ? 437 HIS A CD2 1 
ATOM   712  C CE1 . HIS A 1 89  ? 14.501  -4.485  4.468   1.00 25.29 ? 437 HIS A CE1 1 
ATOM   713  N NE2 . HIS A 1 89  ? 15.635  -3.950  4.019   1.00 26.33 ? 437 HIS A NE2 1 
ATOM   714  N N   . GLU A 1 90  ? 13.687  -8.429  3.892   1.00 18.07 ? 438 GLU A N   1 
ATOM   715  C CA  . GLU A 1 90  ? 12.581  -8.811  4.760   1.00 18.07 ? 438 GLU A CA  1 
ATOM   716  C C   . GLU A 1 90  ? 11.322  -7.999  4.404   1.00 19.34 ? 438 GLU A C   1 
ATOM   717  O O   . GLU A 1 90  ? 10.209  -8.553  4.410   1.00 19.57 ? 438 GLU A O   1 
ATOM   718  C CB  . GLU A 1 90  ? 12.985  -8.534  6.223   1.00 19.95 ? 438 GLU A CB  1 
ATOM   719  C CG  . GLU A 1 90  ? 12.014  -9.044  7.272   1.00 34.08 ? 438 GLU A CG  1 
ATOM   720  C CD  . GLU A 1 90  ? 12.251  -8.591  8.703   1.00 58.73 ? 438 GLU A CD  1 
ATOM   721  O OE1 . GLU A 1 90  ? 13.308  -7.980  8.986   1.00 49.09 ? 438 GLU A OE1 1 
ATOM   722  O OE2 . GLU A 1 90  ? 11.365  -8.854  9.548   1.00 59.56 ? 438 GLU A OE2 1 
ATOM   723  N N   . VAL A 1 91  ? 11.488  -6.696  4.092   1.00 15.44 ? 439 VAL A N   1 
ATOM   724  C CA  . VAL A 1 91  ? 10.318  -5.850  3.820   1.00 14.54 ? 439 VAL A CA  1 
ATOM   725  C C   . VAL A 1 91  ? 9.622   -6.255  2.493   1.00 17.76 ? 439 VAL A C   1 
ATOM   726  O O   . VAL A 1 91  ? 8.401   -6.097  2.369   1.00 16.56 ? 439 VAL A O   1 
ATOM   727  C CB  . VAL A 1 91  ? 10.615  -4.330  3.939   1.00 18.46 ? 439 VAL A CB  1 
ATOM   728  C CG1 . VAL A 1 91  ? 11.344  -3.788  2.708   1.00 18.54 ? 439 VAL A CG1 1 
ATOM   729  C CG2 . VAL A 1 91  ? 9.330   -3.544  4.204   1.00 18.96 ? 439 VAL A CG2 1 
ATOM   730  N N   . VAL A 1 92  ? 10.382  -6.812  1.543   1.00 14.49 ? 440 VAL A N   1 
ATOM   731  C CA  . VAL A 1 92  ? 9.848   -7.277  0.255   1.00 13.76 ? 440 VAL A CA  1 
ATOM   732  C C   . VAL A 1 92  ? 8.952   -8.509  0.478   1.00 16.54 ? 440 VAL A C   1 
ATOM   733  O O   . VAL A 1 92  ? 7.859   -8.577  -0.088  1.00 14.05 ? 440 VAL A O   1 
ATOM   734  C CB  . VAL A 1 92  ? 10.980  -7.510  -0.786  1.00 15.89 ? 440 VAL A CB  1 
ATOM   735  C CG1 . VAL A 1 92  ? 10.477  -8.302  -1.990  1.00 16.07 ? 440 VAL A CG1 1 
ATOM   736  C CG2 . VAL A 1 92  ? 11.563  -6.178  -1.235  1.00 15.78 ? 440 VAL A CG2 1 
ATOM   737  N N   . ALA A 1 93  ? 9.383   -9.448  1.367   1.00 14.22 ? 441 ALA A N   1 
ATOM   738  C CA  . ALA A 1 93  ? 8.577   -10.618 1.732   1.00 15.19 ? 441 ALA A CA  1 
ATOM   739  C C   . ALA A 1 93  ? 7.257   -10.166 2.369   1.00 16.53 ? 441 ALA A C   1 
ATOM   740  O O   . ALA A 1 93  ? 6.195   -10.724 2.076   1.00 15.15 ? 441 ALA A O   1 
ATOM   741  C CB  . ALA A 1 93  ? 9.341   -11.507 2.707   1.00 16.62 ? 441 ALA A CB  1 
ATOM   742  N N   . MET A 1 94  ? 7.326   -9.124  3.219   1.00 13.17 ? 442 MET A N   1 
ATOM   743  C CA  . MET A 1 94  ? 6.147   -8.552  3.871   1.00 12.37 ? 442 MET A CA  1 
ATOM   744  C C   . MET A 1 94  ? 5.202   -7.925  2.859   1.00 15.67 ? 442 MET A C   1 
ATOM   745  O O   . MET A 1 94  ? 3.981   -8.152  2.930   1.00 15.25 ? 442 MET A O   1 
ATOM   746  C CB  . MET A 1 94  ? 6.576   -7.536  4.932   1.00 14.55 ? 442 MET A CB  1 
ATOM   747  C CG  . MET A 1 94  ? 7.326   -8.187  6.065   1.00 18.50 ? 442 MET A CG  1 
ATOM   748  S SD  . MET A 1 94  ? 8.122   -7.001  7.170   1.00 23.07 ? 442 MET A SD  1 
ATOM   749  C CE  . MET A 1 94  ? 6.964   -6.737  8.220   1.00 20.06 ? 442 MET A CE  1 
ATOM   750  N N   . ALA A 1 95  ? 5.757   -7.189  1.877   1.00 12.82 ? 443 ALA A N   1 
ATOM   751  C CA  . ALA A 1 95  ? 4.943   -6.575  0.833   1.00 13.04 ? 443 ALA A CA  1 
ATOM   752  C C   . ALA A 1 95  ? 4.220   -7.669  0.046   1.00 16.75 ? 443 ALA A C   1 
ATOM   753  O O   . ALA A 1 95  ? 3.030   -7.523  -0.232  1.00 14.80 ? 443 ALA A O   1 
ATOM   754  C CB  . ALA A 1 95  ? 5.810   -5.756  -0.110  1.00 13.84 ? 443 ALA A CB  1 
ATOM   755  N N   . ARG A 1 96  ? 4.923   -8.770  -0.284  1.00 14.61 ? 444 ARG A N   1 
ATOM   756  C CA  . ARG A 1 96  ? 4.309   -9.880  -1.025  1.00 14.67 ? 444 ARG A CA  1 
ATOM   757  C C   . ARG A 1 96  ? 3.152   -10.490 -0.251  1.00 16.04 ? 444 ARG A C   1 
ATOM   758  O O   . ARG A 1 96  ? 2.099   -10.785 -0.840  1.00 15.49 ? 444 ARG A O   1 
ATOM   759  C CB  . ARG A 1 96  ? 5.339   -10.948 -1.379  1.00 15.52 ? 444 ARG A CB  1 
ATOM   760  C CG  . ARG A 1 96  ? 6.179   -10.510 -2.554  1.00 16.28 ? 444 ARG A CG  1 
ATOM   761  C CD  . ARG A 1 96  ? 7.033   -11.631 -3.107  1.00 20.92 ? 444 ARG A CD  1 
ATOM   762  N NE  . ARG A 1 96  ? 8.037   -11.065 -4.000  1.00 26.79 ? 444 ARG A NE  1 
ATOM   763  C CZ  . ARG A 1 96  ? 9.219   -11.613 -4.252  1.00 53.81 ? 444 ARG A CZ  1 
ATOM   764  N NH1 . ARG A 1 96  ? 9.554   -12.772 -3.699  1.00 49.89 ? 444 ARG A NH1 1 
ATOM   765  N NH2 . ARG A 1 96  ? 10.076  -11.008 -5.065  1.00 43.17 ? 444 ARG A NH2 1 
ATOM   766  N N   . LYS A 1 97  ? 3.312   -10.640 1.075   1.00 13.19 ? 445 LYS A N   1 
ATOM   767  C CA  . LYS A 1 97  ? 2.239   -11.185 1.894   1.00 12.78 ? 445 LYS A CA  1 
ATOM   768  C C   . LYS A 1 97  ? 1.027   -10.240 1.912   1.00 15.79 ? 445 LYS A C   1 
ATOM   769  O O   . LYS A 1 97  ? -0.115  -10.708 1.820   1.00 16.03 ? 445 LYS A O   1 
ATOM   770  C CB  . LYS A 1 97  ? 2.705   -11.481 3.307   1.00 14.33 ? 445 LYS A CB  1 
ATOM   771  C CG  . LYS A 1 97  ? 3.698   -12.624 3.379   1.00 15.94 ? 445 LYS A CG  1 
ATOM   772  C CD  . LYS A 1 97  ? 4.099   -12.834 4.846   1.00 20.10 ? 445 LYS A CD  1 
ATOM   773  C CE  . LYS A 1 97  ? 5.101   -13.952 4.957   1.00 29.25 ? 445 LYS A CE  1 
ATOM   774  N NZ  . LYS A 1 97  ? 5.581   -14.079 6.354   1.00 35.18 ? 445 LYS A NZ  1 
ATOM   775  N N   . LEU A 1 98  ? 1.282   -8.913  2.001   1.00 11.84 ? 446 LEU A N   1 
ATOM   776  C CA  . LEU A 1 98  ? 0.195   -7.936  2.019   1.00 11.46 ? 446 LEU A CA  1 
ATOM   777  C C   . LEU A 1 98  ? -0.491  -7.865  0.665   1.00 15.73 ? 446 LEU A C   1 
ATOM   778  O O   . LEU A 1 98  ? -1.711  -7.732  0.600   1.00 15.00 ? 446 LEU A O   1 
ATOM   779  C CB  . LEU A 1 98  ? 0.700   -6.552  2.472   1.00 11.51 ? 446 LEU A CB  1 
ATOM   780  C CG  . LEU A 1 98  ? -0.403  -5.488  2.684   1.00 15.94 ? 446 LEU A CG  1 
ATOM   781  C CD1 . LEU A 1 98  ? -1.485  -5.997  3.655   1.00 17.20 ? 446 LEU A CD1 1 
ATOM   782  C CD2 . LEU A 1 98  ? 0.205   -4.197  3.198   1.00 16.99 ? 446 LEU A CD2 1 
ATOM   783  N N   . GLN A 1 99  ? 0.290   -7.983  -0.422  1.00 13.59 ? 447 GLN A N   1 
ATOM   784  C CA  . GLN A 1 99  ? -0.250  -7.979  -1.786  1.00 12.93 ? 447 GLN A CA  1 
ATOM   785  C C   . GLN A 1 99  ? -1.170  -9.167  -2.008  1.00 16.56 ? 447 GLN A C   1 
ATOM   786  O O   . GLN A 1 99  ? -2.193  -9.010  -2.655  1.00 15.98 ? 447 GLN A O   1 
ATOM   787  C CB  . GLN A 1 99  ? 0.873   -7.884  -2.841  1.00 13.87 ? 447 GLN A CB  1 
ATOM   788  C CG  . GLN A 1 99  ? 0.250   -7.750  -4.258  1.00 15.65 ? 447 GLN A CG  1 
ATOM   789  C CD  . GLN A 1 99  ? 1.179   -7.167  -5.294  1.00 24.63 ? 447 GLN A CD  1 
ATOM   790  O OE1 . GLN A 1 99  ? 2.394   -7.101  -5.108  1.00 17.43 ? 447 GLN A OE1 1 
ATOM   791  N NE2 . GLN A 1 99  ? 0.623   -6.804  -6.444  1.00 22.75 ? 447 GLN A NE2 1 
ATOM   792  N N   . ASP A 1 100 ? -0.857  -10.346 -1.422  1.00 15.37 ? 448 ASP A N   1 
ATOM   793  C CA  . ASP A 1 100 ? -1.735  -11.521 -1.513  1.00 15.06 ? 448 ASP A CA  1 
ATOM   794  C C   . ASP A 1 100 ? -3.117  -11.176 -0.931  1.00 16.51 ? 448 ASP A C   1 
ATOM   795  O O   . ASP A 1 100 ? -4.131  -11.537 -1.513  1.00 17.66 ? 448 ASP A O   1 
ATOM   796  C CB  . ASP A 1 100 ? -1.155  -12.707 -0.697  1.00 16.70 ? 448 ASP A CB  1 
ATOM   797  C CG  . ASP A 1 100 ? 0.103   -13.393 -1.221  1.00 27.72 ? 448 ASP A CG  1 
ATOM   798  O OD1 . ASP A 1 100 ? 0.481   -13.144 -2.387  1.00 26.44 ? 448 ASP A OD1 1 
ATOM   799  O OD2 . ASP A 1 100 ? 0.727   -14.163 -0.446  1.00 33.75 ? 448 ASP A OD2 1 
ATOM   800  N N   . VAL A 1 101 ? -3.164  -10.469 0.205   1.00 13.42 ? 449 VAL A N   1 
ATOM   801  C CA  . VAL A 1 101 ? -4.434  -10.091 0.843   1.00 12.59 ? 449 VAL A CA  1 
ATOM   802  C C   . VAL A 1 101 ? -5.197  -9.158  -0.090  1.00 15.22 ? 449 VAL A C   1 
ATOM   803  O O   . VAL A 1 101 ? -6.386  -9.358  -0.340  1.00 14.76 ? 449 VAL A O   1 
ATOM   804  C CB  . VAL A 1 101 ? -4.188  -9.423  2.228   1.00 16.96 ? 449 VAL A CB  1 
ATOM   805  C CG1 . VAL A 1 101 ? -5.505  -8.999  2.870   1.00 16.98 ? 449 VAL A CG1 1 
ATOM   806  C CG2 . VAL A 1 101 ? -3.422  -10.367 3.151   1.00 16.79 ? 449 VAL A CG2 1 
ATOM   807  N N   . PHE A 1 102 ? -4.510  -8.139  -0.595  1.00 12.33 ? 450 PHE A N   1 
ATOM   808  C CA  . PHE A 1 102 ? -5.140  -7.184  -1.503  1.00 11.83 ? 450 PHE A CA  1 
ATOM   809  C C   . PHE A 1 102 ? -5.655  -7.850  -2.783  1.00 13.04 ? 450 PHE A C   1 
ATOM   810  O O   . PHE A 1 102 ? -6.808  -7.627  -3.150  1.00 12.84 ? 450 PHE A O   1 
ATOM   811  C CB  . PHE A 1 102 ? -4.151  -6.062  -1.869  1.00 13.71 ? 450 PHE A CB  1 
ATOM   812  C CG  . PHE A 1 102 ? -4.640  -5.215  -3.013  1.00 13.98 ? 450 PHE A CG  1 
ATOM   813  C CD1 . PHE A 1 102 ? -5.670  -4.293  -2.827  1.00 14.76 ? 450 PHE A CD1 1 
ATOM   814  C CD2 . PHE A 1 102 ? -4.078  -5.342  -4.286  1.00 13.71 ? 450 PHE A CD2 1 
ATOM   815  C CE1 . PHE A 1 102 ? -6.142  -3.525  -3.895  1.00 14.50 ? 450 PHE A CE1 1 
ATOM   816  C CE2 . PHE A 1 102 ? -4.564  -4.584  -5.357  1.00 16.10 ? 450 PHE A CE2 1 
ATOM   817  C CZ  . PHE A 1 102 ? -5.592  -3.682  -5.154  1.00 13.76 ? 450 PHE A CZ  1 
ATOM   818  N N   . GLU A 1 103 ? -4.791  -8.570  -3.501  1.00 11.17 ? 451 GLU A N   1 
ATOM   819  C CA  . GLU A 1 103 ? -5.164  -9.159  -4.795  1.00 11.78 ? 451 GLU A CA  1 
ATOM   820  C C   . GLU A 1 103 ? -6.352  -10.090 -4.681  1.00 15.35 ? 451 GLU A C   1 
ATOM   821  O O   . GLU A 1 103 ? -7.212  -10.084 -5.558  1.00 15.27 ? 451 GLU A O   1 
ATOM   822  C CB  . GLU A 1 103 ? -3.977  -9.852  -5.463  1.00 13.55 ? 451 GLU A CB  1 
ATOM   823  C CG  . GLU A 1 103 ? -2.844  -8.892  -5.836  1.00 13.19 ? 451 GLU A CG  1 
ATOM   824  C CD  . GLU A 1 103 ? -3.097  -7.860  -6.924  1.00 22.13 ? 451 GLU A CD  1 
ATOM   825  O OE1 . GLU A 1 103 ? -4.108  -7.974  -7.662  1.00 20.56 ? 451 GLU A OE1 1 
ATOM   826  O OE2 . GLU A 1 103 ? -2.246  -6.951  -7.066  1.00 19.46 ? 451 GLU A OE2 1 
ATOM   827  N N   . MET A 1 104 ? -6.407  -10.883 -3.610  1.00 12.61 ? 452 MET A N   1 
ATOM   828  C CA  . MET A 1 104 ? -7.534  -11.787 -3.414  1.00 14.80 ? 452 MET A CA  1 
ATOM   829  C C   . MET A 1 104 ? -8.852  -11.012 -3.229  1.00 17.24 ? 452 MET A C   1 
ATOM   830  O O   . MET A 1 104 ? -9.877  -11.384 -3.806  1.00 17.95 ? 452 MET A O   1 
ATOM   831  C CB  . MET A 1 104 ? -7.285  -12.714 -2.217  1.00 18.06 ? 452 MET A CB  1 
ATOM   832  C CG  . MET A 1 104 ? -6.202  -13.759 -2.477  1.00 24.13 ? 452 MET A CG  1 
ATOM   833  S SD  . MET A 1 104 ? -6.575  -14.914 -3.835  1.00 31.33 ? 452 MET A SD  1 
ATOM   834  C CE  . MET A 1 104 ? -8.049  -15.230 -3.527  1.00 24.88 ? 452 MET A CE  1 
ATOM   835  N N   . ARG A 1 105 ? -8.819  -9.938  -2.426  1.00 14.46 ? 453 ARG A N   1 
ATOM   836  C CA  . ARG A 1 105 ? -10.014 -9.148  -2.150  1.00 14.14 ? 453 ARG A CA  1 
ATOM   837  C C   . ARG A 1 105 ? -10.433 -8.319  -3.368  1.00 16.34 ? 453 ARG A C   1 
ATOM   838  O O   . ARG A 1 105 ? -11.620 -8.271  -3.711  1.00 15.59 ? 453 ARG A O   1 
ATOM   839  C CB  . ARG A 1 105 ? -9.809  -8.277  -0.884  1.00 15.49 ? 453 ARG A CB  1 
ATOM   840  C CG  . ARG A 1 105 ? -11.085 -7.573  -0.386  1.00 19.81 ? 453 ARG A CG  1 
ATOM   841  C CD  . ARG A 1 105 ? -12.159 -8.518  0.119   1.00 19.53 ? 453 ARG A CD  1 
ATOM   842  N NE  . ARG A 1 105 ? -11.707 -9.313  1.264   1.00 20.37 ? 453 ARG A NE  1 
ATOM   843  C CZ  . ARG A 1 105 ? -12.349 -10.374 1.732   1.00 29.95 ? 453 ARG A CZ  1 
ATOM   844  N NH1 . ARG A 1 105 ? -13.476 -10.782 1.164   1.00 26.02 ? 453 ARG A NH1 1 
ATOM   845  N NH2 . ARG A 1 105 ? -11.857 -11.055 2.758   1.00 20.63 ? 453 ARG A NH2 1 
ATOM   846  N N   . PHE A 1 106 ? -9.452  -7.698  -4.050  1.00 13.69 ? 454 PHE A N   1 
ATOM   847  C CA  . PHE A 1 106 ? -9.696  -6.862  -5.232  1.00 13.75 ? 454 PHE A CA  1 
ATOM   848  C C   . PHE A 1 106 ? -10.311 -7.679  -6.360  1.00 17.27 ? 454 PHE A C   1 
ATOM   849  O O   . PHE A 1 106 ? -11.185 -7.175  -7.070  1.00 17.33 ? 454 PHE A O   1 
ATOM   850  C CB  . PHE A 1 106 ? -8.377  -6.258  -5.704  1.00 15.32 ? 454 PHE A CB  1 
ATOM   851  C CG  . PHE A 1 106 ? -8.490  -5.087  -6.646  1.00 16.11 ? 454 PHE A CG  1 
ATOM   852  C CD1 . PHE A 1 106 ? -9.009  -3.869  -6.212  1.00 18.17 ? 454 PHE A CD1 1 
ATOM   853  C CD2 . PHE A 1 106 ? -8.030  -5.181  -7.953  1.00 19.00 ? 454 PHE A CD2 1 
ATOM   854  C CE1 . PHE A 1 106 ? -9.081  -2.765  -7.081  1.00 19.12 ? 454 PHE A CE1 1 
ATOM   855  C CE2 . PHE A 1 106 ? -8.057  -4.062  -8.806  1.00 21.71 ? 454 PHE A CE2 1 
ATOM   856  C CZ  . PHE A 1 106 ? -8.611  -2.872  -8.370  1.00 18.06 ? 454 PHE A CZ  1 
ATOM   857  N N   . ALA A 1 107 ? -9.883  -8.960  -6.503  1.00 15.65 ? 455 ALA A N   1 
ATOM   858  C CA  . ALA A 1 107 ? -10.401 -9.873  -7.533  1.00 16.29 ? 455 ALA A CA  1 
ATOM   859  C C   . ALA A 1 107 ? -11.887 -10.220 -7.315  1.00 23.16 ? 455 ALA A C   1 
ATOM   860  O O   . ALA A 1 107 ? -12.562 -10.578 -8.279  1.00 24.04 ? 455 ALA A O   1 
ATOM   861  C CB  . ALA A 1 107 ? -9.561  -11.155 -7.598  1.00 16.47 ? 455 ALA A CB  1 
ATOM   862  N N   . LYS A 1 108 ? -12.395 -10.096 -6.073  1.00 20.06 ? 456 LYS A N   1 
ATOM   863  C CA  . LYS A 1 108 ? -13.792 -10.391 -5.732  1.00 22.08 ? 456 LYS A CA  1 
ATOM   864  C C   . LYS A 1 108 ? -14.765 -9.310  -6.206  1.00 30.88 ? 456 LYS A C   1 
ATOM   865  O O   . LYS A 1 108 ? -15.974 -9.533  -6.180  1.00 33.07 ? 456 LYS A O   1 
ATOM   866  C CB  . LYS A 1 108 ? -13.964 -10.673 -4.230  1.00 24.01 ? 456 LYS A CB  1 
ATOM   867  C CG  . LYS A 1 108 ? -13.391 -11.989 -3.797  1.00 27.54 ? 456 LYS A CG  1 
ATOM   868  C CD  . LYS A 1 108 ? -13.493 -12.173 -2.291  1.00 31.52 ? 456 LYS A CD  1 
ATOM   869  C CE  . LYS A 1 108 ? -12.989 -13.530 -1.869  1.00 40.59 ? 456 LYS A CE  1 
ATOM   870  N NZ  . LYS A 1 108 ? -11.572 -13.746 -2.282  1.00 49.48 ? 456 LYS A NZ  1 
ATOM   871  N N   . MET A 1 109 ? -14.253 -8.155  -6.650  1.00 27.28 ? 457 MET A N   1 
ATOM   872  C CA  . MET A 1 109 ? -15.103 -7.084  -7.164  1.00 48.81 ? 457 MET A CA  1 
ATOM   873  C C   . MET A 1 109 ? -14.797 -6.776  -8.630  1.00 90.68 ? 457 MET A C   1 
ATOM   874  O O   . MET A 1 109 ? -15.032 -7.622  -9.496  1.00 54.81 ? 457 MET A O   1 
ATOM   875  C CB  . MET A 1 109 ? -15.076 -5.828  -6.268  1.00 50.83 ? 457 MET A CB  1 
ATOM   876  C CG  . MET A 1 109 ? -13.693 -5.332  -5.900  1.00 53.69 ? 457 MET A CG  1 
ATOM   877  S SD  . MET A 1 109 ? -13.528 -3.555  -6.174  1.00 56.87 ? 457 MET A SD  1 
ATOM   878  C CE  . MET A 1 109 ? -13.537 -3.530  -7.965  1.00 53.86 ? 457 MET A CE  1 
HETATM 879  C C4  . 87M B 2 .   ? 9.889   1.073   10.134  1.00 16.76 ? 501 87M A C4  1 
HETATM 880  C C5  . 87M B 2 .   ? 10.282  -2.847  8.221   1.00 17.88 ? 501 87M A C5  1 
HETATM 881  C C6  . 87M B 2 .   ? 12.568  -3.095  7.529   1.00 18.21 ? 501 87M A C6  1 
HETATM 882  C C7  . 87M B 2 .   ? 10.780  0.171   9.589   1.00 16.99 ? 501 87M A C7  1 
HETATM 883  C C8  . 87M B 2 .   ? 9.012   1.523   7.942   1.00 17.20 ? 501 87M A C8  1 
HETATM 884  C C10 . 87M B 2 .   ? 10.842  0.253   4.963   1.00 17.07 ? 501 87M A C10 1 
HETATM 885  C C13 . 87M B 2 .   ? 11.486  -2.290  7.829   1.00 17.69 ? 501 87M A C13 1 
HETATM 886  C C15 . 87M B 2 .   ? 9.853   0.454   5.916   1.00 15.73 ? 501 87M A C15 1 
HETATM 887  C C17 . 87M B 2 .   ? 12.267  0.108   5.107   1.00 21.20 ? 501 87M A C17 1 
HETATM 888  C C20 . 87M B 2 .   ? 5.096   2.738   9.014   1.00 16.36 ? 501 87M A C20 1 
HETATM 889  C C21 . 87M B 2 .   ? 6.159   3.376   8.144   1.00 18.58 ? 501 87M A C21 1 
HETATM 890  C C1  . 87M B 2 .   ? 11.250  -5.025  8.028   1.00 20.39 ? 501 87M A C1  1 
HETATM 891  C C2  . 87M B 2 .   ? 10.162  -4.218  8.324   1.00 19.76 ? 501 87M A C2  1 
HETATM 892  C C3  . 87M B 2 .   ? 12.450  -4.469  7.628   1.00 19.59 ? 501 87M A C3  1 
HETATM 893  C C9  . 87M B 2 .   ? 9.899   0.635   7.369   1.00 16.06 ? 501 87M A C9  1 
HETATM 894  C C11 . 87M B 2 .   ? 10.259  0.175   3.684   1.00 17.93 ? 501 87M A C11 1 
HETATM 895  C C12 . 87M B 2 .   ? 9.010   1.749   9.309   1.00 18.34 ? 501 87M A C12 1 
HETATM 896  C C14 . 87M B 2 .   ? 10.766  -0.039  8.222   1.00 16.10 ? 501 87M A C14 1 
HETATM 897  C C16 . 87M B 2 .   ? 8.898   0.324   3.856   1.00 17.34 ? 501 87M A C16 1 
HETATM 898  C C18 . 87M B 2 .   ? 11.060  -0.052  2.503   1.00 18.45 ? 501 87M A C18 1 
HETATM 899  C C19 . 87M B 2 .   ? 7.779   0.313   2.892   1.00 18.19 ? 501 87M A C19 1 
HETATM 900  N N22 . 87M B 2 .   ? 12.995  -0.114  4.048   1.00 23.19 ? 501 87M A N22 1 
HETATM 901  N N23 . 87M B 2 .   ? 8.675   0.516   5.201   1.00 14.35 ? 501 87M A N23 1 
HETATM 902  N N24 . 87M B 2 .   ? 12.415  -0.181  2.791   1.00 20.73 ? 501 87M A N24 1 
HETATM 903  N N25 . 87M B 2 .   ? 8.090   2.643   9.945   1.00 16.89 ? 501 87M A N25 1 
HETATM 904  O O26 . 87M B 2 .   ? 10.614  -0.144  1.365   1.00 17.73 ? 501 87M A O26 1 
HETATM 905  O O27 . 87M B 2 .   ? 6.907   4.908   10.118  1.00 21.89 ? 501 87M A O27 1 
HETATM 906  O O28 . 87M B 2 .   ? 8.497   4.543   8.200   1.00 22.50 ? 501 87M A O28 1 
HETATM 907  O O29 . 87M B 2 .   ? 11.695  -0.921  7.712   1.00 17.85 ? 501 87M A O29 1 
HETATM 908  S S30 . 87M B 2 .   ? 7.503   4.031   9.121   1.00 20.71 ? 501 87M A S30 1 
HETATM 909  O O   . HOH C 3 .   ? -2.776  -4.992  9.252   1.00 15.00 ? 601 HOH A O   1 
HETATM 910  O O   . HOH C 3 .   ? 13.671  -6.004  -5.309  1.00 27.57 ? 602 HOH A O   1 
HETATM 911  O O   . HOH C 3 .   ? -8.367  -11.239 5.767   1.00 25.25 ? 603 HOH A O   1 
HETATM 912  O O   . HOH C 3 .   ? 8.916   1.265   -0.354  1.00 15.16 ? 604 HOH A O   1 
HETATM 913  O O   . HOH C 3 .   ? -1.346  5.382   -8.739  1.00 24.83 ? 605 HOH A O   1 
HETATM 914  O O   . HOH C 3 .   ? 20.784  8.312   -4.507  1.00 22.82 ? 606 HOH A O   1 
HETATM 915  O O   . HOH C 3 .   ? 5.409   -3.941  -9.734  1.00 19.81 ? 607 HOH A O   1 
HETATM 916  O O   . HOH C 3 .   ? -12.080 16.182  -3.139  1.00 44.99 ? 608 HOH A O   1 
HETATM 917  O O   . HOH C 3 .   ? -8.921  -2.554  10.061  1.00 17.77 ? 609 HOH A O   1 
HETATM 918  O O   . HOH C 3 .   ? 18.289  13.706  -3.457  1.00 18.34 ? 610 HOH A O   1 
HETATM 919  O O   . HOH C 3 .   ? 6.314   4.320   -0.797  1.00 16.20 ? 611 HOH A O   1 
HETATM 920  O O   . HOH C 3 .   ? 10.178  9.847   -2.661  1.00 53.47 ? 612 HOH A O   1 
HETATM 921  O O   . HOH C 3 .   ? 16.996  1.901   8.239   1.00 31.64 ? 613 HOH A O   1 
HETATM 922  O O   . HOH C 3 .   ? -7.794  -6.414  1.159   1.00 21.58 ? 614 HOH A O   1 
HETATM 923  O O   . HOH C 3 .   ? -7.025  9.214   -9.229  1.00 46.40 ? 615 HOH A O   1 
HETATM 924  O O   . HOH C 3 .   ? 3.042   10.052  -4.366  1.00 35.21 ? 616 HOH A O   1 
HETATM 925  O O   . HOH C 3 .   ? -5.638  -0.263  -11.386 1.00 26.67 ? 617 HOH A O   1 
HETATM 926  O O   . HOH C 3 .   ? -13.993 -5.253  -0.694  1.00 30.79 ? 618 HOH A O   1 
HETATM 927  O O   . HOH C 3 .   ? 14.859  -1.823  -8.782  1.00 37.27 ? 619 HOH A O   1 
HETATM 928  O O   . HOH C 3 .   ? 6.356   -8.110  12.406  1.00 38.87 ? 620 HOH A O   1 
HETATM 929  O O   . HOH C 3 .   ? -13.530 6.424   -14.283 1.00 56.73 ? 621 HOH A O   1 
HETATM 930  O O   . HOH C 3 .   ? -1.010  8.607   -6.931  1.00 30.62 ? 622 HOH A O   1 
HETATM 931  O O   . HOH C 3 .   ? -9.533  11.642  -9.170  1.00 36.54 ? 623 HOH A O   1 
HETATM 932  O O   . HOH C 3 .   ? -4.320  6.069   -8.828  1.00 25.49 ? 624 HOH A O   1 
HETATM 933  O O   . HOH C 3 .   ? 4.878   2.358   1.573   1.00 20.99 ? 625 HOH A O   1 
HETATM 934  O O   . HOH C 3 .   ? 2.403   -0.750  -10.054 1.00 22.84 ? 626 HOH A O   1 
HETATM 935  O O   . HOH C 3 .   ? 3.481   0.978   11.498  1.00 20.98 ? 627 HOH A O   1 
HETATM 936  O O   . HOH C 3 .   ? 18.933  9.848   9.316   1.00 35.54 ? 628 HOH A O   1 
HETATM 937  O O   . HOH C 3 .   ? 6.221   0.988   -0.282  1.00 21.38 ? 629 HOH A O   1 
HETATM 938  O O   . HOH C 3 .   ? 16.772  13.027  3.257   1.00 29.75 ? 630 HOH A O   1 
HETATM 939  O O   . HOH C 3 .   ? 0.486   1.302   -9.737  1.00 22.84 ? 631 HOH A O   1 
HETATM 940  O O   . HOH C 3 .   ? 18.804  -7.227  1.654   1.00 63.41 ? 632 HOH A O   1 
HETATM 941  O O   . HOH C 3 .   ? -3.384  13.711  -2.798  1.00 56.07 ? 633 HOH A O   1 
HETATM 942  O O   . HOH C 3 .   ? 10.491  11.433  -4.843  1.00 42.39 ? 634 HOH A O   1 
HETATM 943  O O   . HOH C 3 .   ? 21.723  3.893   -3.140  1.00 47.78 ? 635 HOH A O   1 
HETATM 944  O O   . HOH C 3 .   ? -2.519  -14.067 7.116   1.00 30.06 ? 636 HOH A O   1 
HETATM 945  O O   . HOH C 3 .   ? 19.379  1.612   -0.599  1.00 50.07 ? 637 HOH A O   1 
HETATM 946  O O   . HOH C 3 .   ? -9.292  12.618  3.749   1.00 28.93 ? 638 HOH A O   1 
HETATM 947  O O   . HOH C 3 .   ? -1.836  -8.337  15.206  1.00 32.82 ? 639 HOH A O   1 
HETATM 948  O O   . HOH C 3 .   ? 8.849   13.028  -7.633  1.00 50.18 ? 640 HOH A O   1 
HETATM 949  O O   . HOH C 3 .   ? -12.685 6.907   8.706   1.00 60.89 ? 641 HOH A O   1 
HETATM 950  O O   . HOH C 3 .   ? 3.810   7.661   1.085   1.00 19.52 ? 642 HOH A O   1 
HETATM 951  O O   . HOH C 3 .   ? -3.029  10.790  5.645   1.00 37.19 ? 643 HOH A O   1 
HETATM 952  O O   . HOH C 3 .   ? -1.549  -13.745 9.633   1.00 24.52 ? 644 HOH A O   1 
HETATM 953  O O   . HOH C 3 .   ? 15.834  13.262  -6.601  1.00 37.20 ? 645 HOH A O   1 
HETATM 954  O O   . HOH C 3 .   ? -4.701  -0.921  12.015  1.00 41.91 ? 646 HOH A O   1 
HETATM 955  O O   . HOH C 3 .   ? 5.673   8.525   8.377   1.00 30.60 ? 647 HOH A O   1 
HETATM 956  O O   . HOH C 3 .   ? 7.174   2.451   -8.348  1.00 39.83 ? 648 HOH A O   1 
HETATM 957  O O   . HOH C 3 .   ? 9.738   -10.740 6.024   1.00 33.15 ? 649 HOH A O   1 
HETATM 958  O O   . HOH C 3 .   ? 5.414   2.813   4.180   1.00 15.01 ? 650 HOH A O   1 
HETATM 959  O O   . HOH C 3 .   ? -1.089  -12.756 3.394   1.00 19.97 ? 651 HOH A O   1 
HETATM 960  O O   . HOH C 3 .   ? -3.916  -3.808  13.049  1.00 36.31 ? 652 HOH A O   1 
HETATM 961  O O   . HOH C 3 .   ? 7.651   2.692   12.678  1.00 39.39 ? 653 HOH A O   1 
HETATM 962  O O   . HOH C 3 .   ? -8.047  -11.067 1.074   1.00 17.81 ? 654 HOH A O   1 
HETATM 963  O O   . HOH C 3 .   ? -10.257 -12.394 -0.246  1.00 24.27 ? 655 HOH A O   1 
HETATM 964  O O   . HOH C 3 .   ? -5.584  -3.422  -12.623 1.00 37.71 ? 656 HOH A O   1 
HETATM 965  O O   . HOH C 3 .   ? 1.470   11.262  1.960   1.00 43.20 ? 657 HOH A O   1 
HETATM 966  O O   . HOH C 3 .   ? -18.662 14.616  -0.679  1.00 46.87 ? 658 HOH A O   1 
HETATM 967  O O   . HOH C 3 .   ? -21.777 12.919  -5.129  1.00 33.66 ? 659 HOH A O   1 
HETATM 968  O O   . HOH C 3 .   ? 10.058  -11.767 -1.152  1.00 40.25 ? 660 HOH A O   1 
HETATM 969  O O   . HOH C 3 .   ? 7.328   5.661   -7.530  1.00 16.77 ? 661 HOH A O   1 
HETATM 970  O O   . HOH C 3 .   ? -8.835  -13.906 6.002   1.00 55.18 ? 662 HOH A O   1 
HETATM 971  O O   . HOH C 3 .   ? 14.952  10.074  0.281   1.00 30.93 ? 663 HOH A O   1 
HETATM 972  O O   . HOH C 3 .   ? 12.256  -11.020 0.242   1.00 22.94 ? 664 HOH A O   1 
HETATM 973  O O   . HOH C 3 .   ? -7.894  9.057   7.601   1.00 45.75 ? 665 HOH A O   1 
HETATM 974  O O   . HOH C 3 .   ? -10.772 -16.426 -2.407  1.00 38.49 ? 666 HOH A O   1 
HETATM 975  O O   . HOH C 3 .   ? -16.361 3.484   5.041   1.00 53.77 ? 667 HOH A O   1 
HETATM 976  O O   . HOH C 3 .   ? 16.738  -1.515  1.306   1.00 23.46 ? 668 HOH A O   1 
HETATM 977  O O   . HOH C 3 .   ? 2.290   3.394   11.641  1.00 31.40 ? 669 HOH A O   1 
HETATM 978  O O   . HOH C 3 .   ? -4.756  5.695   8.686   1.00 45.01 ? 670 HOH A O   1 
HETATM 979  O O   . HOH C 3 .   ? 7.368   -16.204 5.976   1.00 42.35 ? 671 HOH A O   1 
HETATM 980  O O   . HOH C 3 .   ? -13.958 -7.332  -2.471  1.00 33.65 ? 672 HOH A O   1 
HETATM 981  O O   . HOH C 3 .   ? -11.828 -9.210  -10.620 1.00 55.40 ? 673 HOH A O   1 
HETATM 982  O O   . HOH C 3 .   ? 6.489   -13.379 1.203   1.00 25.32 ? 674 HOH A O   1 
HETATM 983  O O   . HOH C 3 .   ? 6.128   6.323   1.671   1.00 20.07 ? 675 HOH A O   1 
HETATM 984  O O   . HOH C 3 .   ? -12.781 0.366   -11.876 1.00 27.70 ? 676 HOH A O   1 
HETATM 985  O O   . HOH C 3 .   ? 15.743  -0.565  4.464   1.00 32.59 ? 677 HOH A O   1 
HETATM 986  O O   . HOH C 3 .   ? 7.846   8.498   2.212   1.00 24.75 ? 678 HOH A O   1 
HETATM 987  O O   . HOH C 3 .   ? -1.239  11.284  -4.451  1.00 33.93 ? 679 HOH A O   1 
HETATM 988  O O   . HOH C 3 .   ? -15.242 9.427   -6.521  1.00 32.76 ? 680 HOH A O   1 
HETATM 989  O O   . HOH C 3 .   ? 17.800  -0.570  -0.992  1.00 36.11 ? 681 HOH A O   1 
HETATM 990  O O   . HOH C 3 .   ? -13.505 14.634  -5.816  1.00 17.14 ? 682 HOH A O   1 
HETATM 991  O O   . HOH C 3 .   ? 18.255  13.058  -0.622  1.00 31.89 ? 683 HOH A O   1 
HETATM 992  O O   . HOH C 3 .   ? -10.917 -13.861 -5.033  1.00 28.07 ? 684 HOH A O   1 
HETATM 993  O O   . HOH C 3 .   ? -5.435  8.133   6.910   1.00 28.09 ? 685 HOH A O   1 
HETATM 994  O O   . HOH C 3 .   ? 9.610   10.691  5.042   1.00 37.50 ? 686 HOH A O   1 
HETATM 995  O O   . HOH C 3 .   ? -0.581  9.841   5.128   1.00 34.49 ? 687 HOH A O   1 
HETATM 996  O O   . HOH C 3 .   ? 11.159  11.922  11.165  1.00 54.25 ? 688 HOH A O   1 
HETATM 997  O O   . HOH C 3 .   ? -11.990 11.548  -7.986  1.00 23.30 ? 689 HOH A O   1 
HETATM 998  O O   . HOH C 3 .   ? -5.969  10.718  -7.311  1.00 55.82 ? 690 HOH A O   1 
HETATM 999  O O   . HOH C 3 .   ? -10.953 -6.647  -9.880  1.00 47.00 ? 691 HOH A O   1 
HETATM 1000 O O   . HOH C 3 .   ? 20.575  3.986   6.114   1.00 32.00 ? 692 HOH A O   1 
HETATM 1001 O O   . HOH C 3 .   ? 16.670  -2.657  6.363   1.00 52.58 ? 693 HOH A O   1 
HETATM 1002 O O   . HOH C 3 .   ? -3.299  -8.927  -10.259 1.00 18.59 ? 694 HOH A O   1 
HETATM 1003 O O   . HOH C 3 .   ? -14.899 13.992  1.188   1.00 43.29 ? 695 HOH A O   1 
HETATM 1004 O O   . HOH C 3 .   ? -5.826  13.181  0.879   1.00 44.11 ? 696 HOH A O   1 
HETATM 1005 O O   . HOH C 3 .   ? 13.312  -6.048  11.150  1.00 61.98 ? 697 HOH A O   1 
HETATM 1006 O O   . HOH C 3 .   ? 16.129  -7.887  5.382   1.00 26.20 ? 698 HOH A O   1 
HETATM 1007 O O   . HOH C 3 .   ? 2.282   10.232  -0.999  1.00 50.77 ? 699 HOH A O   1 
HETATM 1008 O O   . HOH C 3 .   ? 13.949  6.304   -10.291 1.00 45.60 ? 700 HOH A O   1 
HETATM 1009 O O   . HOH C 3 .   ? -15.660 4.968   -0.280  1.00 55.31 ? 701 HOH A O   1 
HETATM 1010 O O   . HOH C 3 .   ? -5.735  13.315  -6.542  1.00 46.84 ? 702 HOH A O   1 
HETATM 1011 O O   . HOH C 3 .   ? 9.887   5.668   -8.908  1.00 24.47 ? 703 HOH A O   1 
HETATM 1012 O O   . HOH C 3 .   ? 17.995  0.802   2.022   1.00 41.95 ? 704 HOH A O   1 
HETATM 1013 O O   . HOH C 3 .   ? -3.300  11.129  -7.538  1.00 64.37 ? 705 HOH A O   1 
HETATM 1014 O O   . HOH C 3 .   ? -10.251 5.594   -14.213 1.00 52.41 ? 706 HOH A O   1 
HETATM 1015 O O   . HOH C 3 .   ? -12.493 8.105   -3.742  1.00 22.03 ? 707 HOH A O   1 
HETATM 1016 O O   . HOH C 3 .   ? -14.228 5.775   2.866   1.00 50.92 ? 708 HOH A O   1 
HETATM 1017 O O   . HOH C 3 .   ? -12.285 4.149   4.151   1.00 39.58 ? 709 HOH A O   1 
HETATM 1018 O O   . HOH C 3 .   ? -14.762 7.392   -1.919  1.00 42.55 ? 710 HOH A O   1 
HETATM 1019 O O   . HOH C 3 .   ? -13.076 1.661   -14.268 1.00 56.18 ? 711 HOH A O   1 
HETATM 1020 O O   . HOH C 3 .   ? -9.884  -14.210 8.611   1.00 41.01 ? 712 HOH A O   1 
HETATM 1021 O O   . HOH C 3 .   ? -11.607 1.901   5.506   1.00 34.86 ? 713 HOH A O   1 
HETATM 1022 O O   . HOH C 3 .   ? 7.016   -9.177  -6.140  1.00 24.70 ? 714 HOH A O   1 
HETATM 1023 O O   . HOH C 3 .   ? 14.863  0.077   -10.753 1.00 31.00 ? 715 HOH A O   1 
HETATM 1024 O O   . HOH C 3 .   ? 5.886   -10.823 9.183   1.00 38.03 ? 716 HOH A O   1 
HETATM 1025 O O   . HOH C 3 .   ? -15.259 -9.327  -0.855  1.00 28.58 ? 717 HOH A O   1 
HETATM 1026 O O   . HOH C 3 .   ? 12.617  -12.091 -6.384  1.00 40.86 ? 718 HOH A O   1 
HETATM 1027 O O   . HOH C 3 .   ? -3.075  -1.016  -11.040 1.00 19.10 ? 719 HOH A O   1 
HETATM 1028 O O   . HOH C 3 .   ? 8.102   -15.336 -2.814  1.00 56.49 ? 720 HOH A O   1 
HETATM 1029 O O   . HOH C 3 .   ? 11.195  11.807  6.937   1.00 29.69 ? 721 HOH A O   1 
HETATM 1030 O O   . HOH C 3 .   ? 15.720  -6.538  7.724   1.00 44.63 ? 722 HOH A O   1 
HETATM 1031 O O   . HOH C 3 .   ? 4.655   11.939  -5.514  1.00 46.48 ? 723 HOH A O   1 
HETATM 1032 O O   . HOH C 3 .   ? 3.815   -14.546 -0.260  1.00 43.07 ? 724 HOH A O   1 
HETATM 1033 O O   . HOH C 3 .   ? -9.181  -5.799  -11.793 1.00 33.21 ? 725 HOH A O   1 
HETATM 1034 O O   . HOH C 3 .   ? 13.531  3.940   -13.430 1.00 58.51 ? 726 HOH A O   1 
HETATM 1035 O O   . HOH C 3 .   ? -1.263  7.142   10.434  1.00 53.65 ? 727 HOH A O   1 
HETATM 1036 O O   . HOH C 3 .   ? 12.596  14.576  4.604   1.00 58.23 ? 728 HOH A O   1 
HETATM 1037 O O   . HOH C 3 .   ? -6.539  -2.292  13.511  1.00 60.56 ? 729 HOH A O   1 
HETATM 1038 O O   . HOH C 3 .   ? -11.809 4.561   9.979   1.00 57.88 ? 730 HOH A O   1 
HETATM 1039 O O   . HOH C 3 .   ? -18.109 -8.982  -3.806  1.00 59.31 ? 731 HOH A O   1 
HETATM 1040 O O   . HOH C 3 .   ? 18.785  1.016   -3.204  1.00 60.22 ? 732 HOH A O   1 
HETATM 1041 O O   . HOH C 3 .   ? -7.457  7.827   -14.868 1.00 57.29 ? 733 HOH A O   1 
HETATM 1042 O O   . HOH C 3 .   ? -4.360  8.673   -8.088  1.00 40.51 ? 734 HOH A O   1 
HETATM 1043 O O   . HOH C 3 .   ? -0.769  -11.765 -5.158  1.00 32.11 ? 735 HOH A O   1 
HETATM 1044 O O   . HOH C 3 .   ? -8.523  -1.646  -15.721 1.00 53.87 ? 736 HOH A O   1 
HETATM 1045 O O   . HOH C 3 .   ? 17.213  0.591   -6.008  1.00 50.74 ? 737 HOH A O   1 
HETATM 1046 O O   . HOH C 3 .   ? -4.592  -14.299 0.391   1.00 37.31 ? 738 HOH A O   1 
HETATM 1047 O O   . HOH C 3 .   ? 14.616  -0.777  9.533   1.00 42.21 ? 739 HOH A O   1 
HETATM 1048 O O   . HOH C 3 .   ? -17.708 2.354   2.950   1.00 70.29 ? 740 HOH A O   1 
HETATM 1049 O O   . HOH C 3 .   ? 8.784   -7.245  11.752  1.00 43.55 ? 741 HOH A O   1 
HETATM 1050 O O   . HOH C 3 .   ? -17.401 -12.299 -4.631  1.00 44.39 ? 742 HOH A O   1 
HETATM 1051 O O   . HOH C 3 .   ? -9.243  -15.564 -0.320  1.00 41.55 ? 743 HOH A O   1 
HETATM 1052 O O   . HOH C 3 .   ? -5.564  1.512   -13.391 1.00 41.42 ? 744 HOH A O   1 
HETATM 1053 O O   . HOH C 3 .   ? 14.162  11.189  12.859  1.00 53.86 ? 745 HOH A O   1 
HETATM 1054 O O   . HOH C 3 .   ? 5.900   -5.181  15.052  1.00 65.28 ? 746 HOH A O   1 
HETATM 1055 O O   . HOH C 3 .   ? 9.303   6.064   12.604  1.00 52.68 ? 747 HOH A O   1 
HETATM 1056 O O   . HOH C 3 .   ? 21.315  -7.075  0.088   1.00 63.57 ? 748 HOH A O   1 
HETATM 1057 O O   . HOH C 3 .   ? 15.050  0.381   7.093   1.00 39.94 ? 749 HOH A O   1 
HETATM 1058 O O   . HOH C 3 .   ? 12.711  -14.305 -2.651  1.00 63.25 ? 750 HOH A O   1 
HETATM 1059 O O   . HOH C 3 .   ? -6.498  3.994   -12.942 1.00 42.08 ? 751 HOH A O   1 
HETATM 1060 O O   . HOH C 3 .   ? 0.469   3.941   -10.444 1.00 33.55 ? 752 HOH A O   1 
HETATM 1061 O O   . HOH C 3 .   ? 8.724   -13.921 -0.230  1.00 42.74 ? 753 HOH A O   1 
HETATM 1062 O O   . HOH C 3 .   ? 1.508   8.614   -8.872  1.00 55.88 ? 754 HOH A O   1 
HETATM 1063 O O   . HOH C 3 .   ? -22.870 12.783  -2.637  1.00 53.99 ? 755 HOH A O   1 
HETATM 1064 O O   . HOH C 3 .   ? 7.893   -15.177 3.497   1.00 55.29 ? 756 HOH A O   1 
HETATM 1065 O O   . HOH C 3 .   ? 6.950   11.236  5.057   1.00 54.57 ? 757 HOH A O   1 
HETATM 1066 O O   . HOH C 3 .   ? -16.272 10.777  -15.337 1.00 31.69 ? 758 HOH A O   1 
HETATM 1067 O O   . HOH C 3 .   ? -9.480  1.538   7.210   1.00 29.55 ? 759 HOH A O   1 
HETATM 1068 O O   . HOH C 3 .   ? -18.931 -3.230  0.357   1.00 54.77 ? 760 HOH A O   1 
HETATM 1069 O O   . HOH C 3 .   ? 1.327   9.812   -6.420  1.00 63.31 ? 761 HOH A O   1 
HETATM 1070 O O   . HOH C 3 .   ? -16.490 -6.863  -3.319  1.00 60.09 ? 762 HOH A O   1 
HETATM 1071 O O   . HOH C 3 .   ? 18.900  -3.130  1.937   1.00 37.19 ? 763 HOH A O   1 
HETATM 1072 O O   . HOH C 3 .   ? 18.179  -3.010  -5.474  1.00 54.17 ? 764 HOH A O   1 
HETATM 1073 O O   . HOH C 3 .   ? -16.558 3.753   -12.840 1.00 63.92 ? 765 HOH A O   1 
HETATM 1074 O O   . HOH C 3 .   ? -4.968  -14.252 4.612   1.00 54.23 ? 766 HOH A O   1 
HETATM 1075 O O   . HOH C 3 .   ? 18.411  -6.902  4.316   1.00 55.61 ? 767 HOH A O   1 
HETATM 1076 O O   . HOH C 3 .   ? -3.757  -7.142  19.267  1.00 56.54 ? 768 HOH A O   1 
HETATM 1077 O O   . HOH C 3 .   ? 7.328   10.584  7.697   1.00 49.13 ? 769 HOH A O   1 
HETATM 1078 O O   . HOH C 3 .   ? 12.743  -13.566 1.165   1.00 56.21 ? 770 HOH A O   1 
HETATM 1079 O O   . HOH C 3 .   ? -11.675 16.798  0.742   1.00 48.94 ? 771 HOH A O   1 
HETATM 1080 O O   . HOH C 3 .   ? -7.119  14.591  2.830   1.00 52.11 ? 772 HOH A O   1 
HETATM 1081 O O   . HOH C 3 .   ? -13.680 4.464   7.671   1.00 76.80 ? 773 HOH A O   1 
HETATM 1082 O O   . HOH C 3 .   ? -15.736 7.989   -14.396 1.00 50.74 ? 774 HOH A O   1 
HETATM 1083 O O   . HOH C 3 .   ? 19.950  -1.454  -2.435  1.00 65.46 ? 775 HOH A O   1 
HETATM 1084 O O   . HOH C 3 .   ? 19.900  1.412   6.623   1.00 63.74 ? 776 HOH A O   1 
HETATM 1085 O O   . HOH C 3 .   ? 4.767   -7.618  14.567  1.00 46.24 ? 777 HOH A O   1 
HETATM 1086 O O   . HOH C 3 .   ? 8.153   12.856  -3.201  1.00 57.45 ? 778 HOH A O   1 
HETATM 1087 O O   . HOH C 3 .   ? 0.183   9.310   7.733   1.00 50.48 ? 779 HOH A O   1 
HETATM 1088 O O   . HOH C 3 .   ? -8.119  -2.447  16.622  1.00 57.06 ? 780 HOH A O   1 
HETATM 1089 O O   . HOH C 3 .   ? 3.447   6.374   -10.402 1.00 61.07 ? 781 HOH A O   1 
HETATM 1090 O O   . HOH C 3 .   ? -19.222 0.386   7.179   1.00 58.77 ? 782 HOH A O   1 
HETATM 1091 O O   . HOH C 3 .   ? 4.004   10.389  1.098   1.00 28.40 ? 783 HOH A O   1 
HETATM 1092 O O   . HOH C 3 .   ? -11.147 -6.266  -13.945 1.00 48.06 ? 784 HOH A O   1 
HETATM 1093 O O   . HOH C 3 .   ? -1.695  3.388   11.353  1.00 53.80 ? 785 HOH A O   1 
HETATM 1094 O O   . HOH C 3 .   ? 7.052   -2.588  14.867  1.00 47.37 ? 786 HOH A O   1 
HETATM 1095 O O   . HOH C 3 .   ? -11.475 15.171  3.337   1.00 55.86 ? 787 HOH A O   1 
HETATM 1096 O O   . HOH C 3 .   ? 0.932   12.195  5.301   1.00 52.43 ? 788 HOH A O   1 
HETATM 1097 O O   . HOH C 3 .   ? 16.449  1.869   -9.095  1.00 52.36 ? 789 HOH A O   1 
HETATM 1098 O O   . HOH C 3 .   ? 23.790  5.471   -2.347  1.00 34.48 ? 790 HOH A O   1 
HETATM 1099 O O   . HOH C 3 .   ? -2.478  -0.671  14.355  1.00 54.52 ? 791 HOH A O   1 
HETATM 1100 O O   . HOH C 3 .   ? 5.508   1.166   13.279  1.00 51.25 ? 792 HOH A O   1 
HETATM 1101 O O   . HOH C 3 .   ? -4.911  6.289   -11.626 1.00 45.96 ? 793 HOH A O   1 
HETATM 1102 O O   . HOH C 3 .   ? 14.980  12.576  1.291   1.00 32.13 ? 794 HOH A O   1 
HETATM 1103 O O   . HOH C 3 .   ? -6.218  3.905   10.139  1.00 39.83 ? 795 HOH A O   1 
HETATM 1104 O O   . HOH C 3 .   ? 9.173   -5.815  14.620  1.00 55.58 ? 796 HOH A O   1 
HETATM 1105 O O   . HOH C 3 .   ? -10.216 -11.239 7.804   1.00 62.30 ? 797 HOH A O   1 
HETATM 1106 O O   . HOH C 3 .   ? -6.902  -13.495 1.549   1.00 36.11 ? 798 HOH A O   1 
HETATM 1107 O O   . HOH C 3 .   ? 11.520  -12.748 5.571   1.00 50.15 ? 799 HOH A O   1 
HETATM 1108 O O   . HOH C 3 .   ? -3.078  -9.285  17.432  1.00 51.00 ? 800 HOH A O   1 
HETATM 1109 O O   . HOH C 3 .   ? 6.086   5.716   -10.121 1.00 44.52 ? 801 HOH A O   1 
HETATM 1110 O O   . HOH C 3 .   ? 3.267   10.315  8.642   1.00 48.16 ? 802 HOH A O   1 
HETATM 1111 O O   . HOH C 3 .   ? 13.204  -2.613  11.767  1.00 55.90 ? 803 HOH A O   1 
HETATM 1112 O O   . HOH C 3 .   ? 6.490   10.872  2.059   1.00 45.49 ? 804 HOH A O   1 
HETATM 1113 O O   . HOH C 3 .   ? 16.918  1.246   11.124  1.00 53.36 ? 805 HOH A O   1 
HETATM 1114 O O   . HOH C 3 .   ? 2.412   -0.167  13.745  1.00 33.18 ? 806 HOH A O   1 
HETATM 1115 O O   . HOH C 3 .   ? 12.506  13.499  1.982   1.00 47.15 ? 807 HOH A O   1 
HETATM 1116 O O   . HOH C 3 .   ? 0.261   11.570  -2.268  1.00 47.75 ? 808 HOH A O   1 
HETATM 1117 O O   . HOH C 3 .   ? -9.051  2.232   -15.498 1.00 51.38 ? 809 HOH A O   1 
HETATM 1118 O O   . HOH C 3 .   ? 1.550   -3.123  14.707  1.00 55.56 ? 810 HOH A O   1 
HETATM 1119 O O   . HOH C 3 .   ? 20.515  5.953   -5.857  1.00 47.90 ? 811 HOH A O   1 
HETATM 1120 O O   . HOH C 3 .   ? -2.136  12.835  -0.502  1.00 58.56 ? 812 HOH A O   1 
HETATM 1121 O O   . HOH C 3 .   ? 8.927   0.247   14.218  1.00 71.01 ? 813 HOH A O   1 
HETATM 1122 O O   . HOH C 3 .   ? -1.454  -5.369  15.984  1.00 61.50 ? 814 HOH A O   1 
HETATM 1123 O O   . HOH C 3 .   ? -8.435  16.831  1.994   1.00 54.16 ? 815 HOH A O   1 
HETATM 1124 O O   . HOH C 3 .   ? -3.170  1.301   12.331  1.00 51.94 ? 816 HOH A O   1 
HETATM 1125 O O   . HOH C 3 .   ? 10.308  -15.136 4.767   1.00 51.32 ? 817 HOH A O   1 
HETATM 1126 O O   . HOH C 3 .   ? -7.112  1.513   11.091  1.00 41.24 ? 818 HOH A O   1 
HETATM 1127 O O   . HOH C 3 .   ? 20.930  -2.664  0.172   1.00 61.37 ? 819 HOH A O   1 
HETATM 1128 O O   . HOH C 3 .   ? 11.419  -4.456  12.710  1.00 56.89 ? 820 HOH A O   1 
HETATM 1129 O O   . HOH C 3 .   ? 10.470  -15.012 1.562   1.00 50.06 ? 821 HOH A O   1 
HETATM 1130 O O   . HOH C 3 .   ? 4.973   -0.840  15.114  1.00 69.12 ? 822 HOH A O   1 
HETATM 1131 O O   . HOH C 3 .   ? 7.871   12.541  -0.231  1.00 64.81 ? 823 HOH A O   1 
HETATM 1132 O O   . HOH C 3 .   ? 10.968  14.165  -1.292  1.00 67.67 ? 824 HOH A O   1 
HETATM 1133 O O   . HOH C 3 .   ? 4.190   12.848  4.794   1.00 59.38 ? 825 HOH A O   1 
# 
